data_6J5V
#
_entry.id   6J5V
#
_cell.length_a   1.0
_cell.length_b   1.0
_cell.length_c   1.0
_cell.angle_alpha   90.00
_cell.angle_beta   90.00
_cell.angle_gamma   90.00
#
_symmetry.space_group_name_H-M   'P 1'
#
loop_
_entity.id
_entity.type
_entity.pdbx_description
1 polymer 'Disease resistance RPP13-like protein 4'
2 polymer 'Probable serine/threonine-protein kinase PBL2'
3 polymer 'Protein kinase superfamily protein'
4 non-polymer "URIDINE-5'-MONOPHOSPHATE"
#
loop_
_entity_poly.entity_id
_entity_poly.type
_entity_poly.pdbx_seq_one_letter_code
_entity_poly.pdbx_strand_id
1 'polypeptide(L)'
;MVDAVVTVFLEKTLNILEEKGRTVSDYRKQLEDLQSELKYMQSFLKDAERQKRTNETLRTLVADLRELVYEAEDILVDCQ
LADGDDGNEQRSSNAWLSRLHPARVPLQYKKSKRLQEINERITKIKSQVEPYFEFITPSNVGRDNGTDRWSSPVYDHTQV
VGLEGDKRKIKEWLFRSNDSQLLIMAFVGMGGLGKTTIAQEVFNDKEIEHRFERRIWVSVSQTFTEEQIMRSILRNLGDA
SVGDDIGTLLRKIQQYLLGKRYLIVMDDVWDKNLSWWDKIYQGLPRGQGGSVIVTTRSESVAKRVQARDDKTHRPELLSP
DNSWLLFCNVAFAANDGTCERPELEDVGKEIVTKCKGLPLTIKAVGGLLLCKDHVYHEWRRIAEHFQDELRGNTSETDNV
MSSLQLSYDELPSHLKSCILTLSLYPEDCVIPKQQLVHGWIGEGFVMWRNGRSATESGEDCFSGLTNRCLIEVVDKTYSG
TIITCKIHDMVRDLVIDIAKKDSFSNPEGLNCRHLGISGNFDEKQIKVNHKLRGVVSTTKTGEVNKLNSDLAKKFTDCKY
LRVLDISKSIFDAPLSEILDEIASLQHLACLSLSNTHPLIQFPRSMEDLHNLQILDASYCQNLKQLQPCIVLFKKLLVLD
MTNCGSLECFPKGIGSLVKLEVLLGFKPARSNNGCKLSEVKNLTNLRKLGLSLTRGDQIEEEELDSLINLSKLMSISINC
YDSYGDDLITKIDALTPPHQLHELSLQFYPGKSSPSWLSPHKLPMLRYMSICSGNLVKMQEPFWGNENTHWRIEGLMLSS
LSDLDMDWEVLQQSMPYLRTVTANWCPELESFAIEDVGFRGGVWMKTPLHRT
;
A
2 'polypeptide(L)'
;MGNCLDSSAKVDNSNHSPHANSASSGSKVSSKTSRSTGPSGLSTTSYSTDSSFGPLPTLRTEGEILSSPNLKAFTFNELK
NATKNFRQDNLLGEGGFGCVFKGWIDQTSLTASRPGSGIVVAVKQLKPEGFQGHKEWLTEVNYLGQLSHPNLVLLVGYCA
EGENRLLVYEFMPKGSLENHLFRRGAQPLTWAIRMKVAVGAAKGLTFLHEAKSQVIYRDFKAANILLDADFNAKLSDFGL
AKAGPTGDNTHVSTKVIGTHGYAAPEYVATGRLTAKSDVYSFGVVLLELISGRRAMDNSNGGNEYSLVDWATPYLGDKRK
LFRIMDTKLGGQYPQKGAFTAANLALQCLNPDAKLRPKMSEVLVTLEQLESVAKPGTKHTQMESPRFHHSSVMQKSPVRY
SHDRPLLHMTPGASPLPSYTQSPRVR
;
C
3 'polypeptide(L)'
;MKKQYLKSGSGTRKEKDKAKRWFLDNGSIFLRELVADCNGKSIPIRSFSPEQILKATNNFDSSCFVSQDVYYKWYRGEIE
DRSYMIKRFSEDEITGKRHRVKEVYNDIVLSARMSNHSNFLQLLGCCLEFPFPVLVFEFAEHGAMNQRGGVIVNGEESLL
PWSVRLKIGKEIANAVTYLHTAFPKIIIHRDVKPMHVFLDKNWTAKLSDLSFSISLPEGKSRIEAEWVLGTFGYIDPLYH
KTCFVTEYTDVYSFGICLLVIITGKPAIMTISDGDLQGILSLVRELCENGKLDEVIDPRLMKDITSGQRLQVEACVVLAL
RCCKERDEDRPKMIQVAKELKQIEASLKNSS
;
B
#
loop_
_chem_comp.id
_chem_comp.type
_chem_comp.name
_chem_comp.formula
U5P non-polymer URIDINE-5'-MONOPHOSPHATE 'C9 H13 N2 O9 P'
#
# COMPACT_ATOMS: atom_id res chain seq x y z
N MET A 1 13.49 14.58 32.97
CA MET A 1 12.30 14.81 32.15
C MET A 1 11.31 15.71 32.88
N VAL A 2 11.58 15.99 34.16
CA VAL A 2 10.71 16.86 34.94
C VAL A 2 10.82 18.32 34.52
N ASP A 3 11.82 18.66 33.72
CA ASP A 3 11.89 19.98 33.10
C ASP A 3 10.74 20.24 32.15
N ALA A 4 10.15 19.20 31.58
CA ALA A 4 8.94 19.39 30.79
C ALA A 4 7.73 19.68 31.66
N VAL A 5 7.57 18.93 32.76
CA VAL A 5 6.36 19.10 33.56
C VAL A 5 6.40 20.42 34.34
N VAL A 6 7.59 20.89 34.72
CA VAL A 6 7.63 22.17 35.40
C VAL A 6 7.38 23.30 34.41
N THR A 7 7.77 23.12 33.15
CA THR A 7 7.56 24.18 32.15
C THR A 7 6.10 24.27 31.75
N VAL A 8 5.45 23.13 31.55
CA VAL A 8 4.03 23.16 31.21
C VAL A 8 3.22 23.61 32.43
N PHE A 9 3.71 23.35 33.64
CA PHE A 9 3.06 23.86 34.84
C PHE A 9 3.18 25.38 34.92
N LEU A 10 4.36 25.92 34.62
CA LEU A 10 4.57 27.35 34.73
C LEU A 10 3.77 28.10 33.69
N GLU A 11 3.72 27.58 32.46
CA GLU A 11 2.86 28.20 31.44
C GLU A 11 1.39 28.06 31.79
N LYS A 12 0.99 26.96 32.43
CA LYS A 12 -0.41 26.79 32.80
C LYS A 12 -0.81 27.77 33.89
N THR A 13 0.06 27.99 34.88
CA THR A 13 -0.23 29.00 35.90
C THR A 13 -0.21 30.41 35.32
N LEU A 14 0.69 30.67 34.37
CA LEU A 14 0.73 31.98 33.73
C LEU A 14 -0.53 32.24 32.92
N ASN A 15 -1.12 31.20 32.35
CA ASN A 15 -2.35 31.42 31.59
C ASN A 15 -3.57 31.49 32.51
N ILE A 16 -3.58 30.71 33.59
CA ILE A 16 -4.77 30.61 34.43
C ILE A 16 -4.80 31.67 35.52
N LEU A 17 -3.70 32.36 35.77
CA LEU A 17 -3.69 33.39 36.81
C LEU A 17 -4.44 34.64 36.37
N GLU A 18 -4.66 34.82 35.06
CA GLU A 18 -5.36 35.98 34.54
C GLU A 18 -6.85 35.74 34.38
N GLU A 19 -7.44 34.88 35.20
CA GLU A 19 -8.88 34.64 35.11
C GLU A 19 -9.67 35.80 35.69
N LYS A 20 -9.19 36.38 36.80
CA LYS A 20 -9.76 37.57 37.46
C LYS A 20 -11.22 37.38 37.87
N GLY A 21 -11.56 36.19 38.36
CA GLY A 21 -12.93 35.91 38.75
C GLY A 21 -13.11 35.70 40.24
N ARG A 22 -12.08 35.18 40.91
CA ARG A 22 -12.13 34.91 42.34
C ARG A 22 -10.97 35.64 43.00
N THR A 23 -11.28 36.60 43.88
CA THR A 23 -10.29 37.46 44.49
C THR A 23 -10.06 37.21 45.96
N VAL A 24 -11.11 37.03 46.77
CA VAL A 24 -10.94 36.83 48.21
C VAL A 24 -10.66 35.34 48.40
N SER A 25 -9.40 34.99 48.20
CA SER A 25 -8.93 33.61 48.18
C SER A 25 -7.41 33.60 48.28
N ASP A 26 -6.88 32.89 49.27
CA ASP A 26 -5.43 32.93 49.45
C ASP A 26 -4.69 32.06 48.43
N TYR A 27 -5.40 31.18 47.71
CA TYR A 27 -4.71 30.38 46.70
C TYR A 27 -4.37 31.22 45.47
N ARG A 28 -5.20 32.21 45.14
CA ARG A 28 -4.88 33.16 44.08
C ARG A 28 -3.73 34.08 44.44
N LYS A 29 -3.36 34.14 45.72
CA LYS A 29 -2.07 34.67 46.12
C LYS A 29 -1.00 33.59 46.20
N GLN A 30 -1.40 32.33 46.37
CA GLN A 30 -0.43 31.24 46.53
C GLN A 30 0.23 30.87 45.21
N LEU A 31 -0.44 31.13 44.09
CA LEU A 31 0.11 30.74 42.80
C LEU A 31 1.38 31.53 42.44
N GLU A 32 1.47 32.78 42.91
CA GLU A 32 2.64 33.61 42.62
C GLU A 32 3.87 33.09 43.36
N ASP A 33 3.72 32.74 44.64
CA ASP A 33 4.78 32.06 45.37
C ASP A 33 4.63 30.55 45.33
N LEU A 34 4.08 30.01 44.25
CA LEU A 34 4.55 28.76 43.68
C LEU A 34 5.45 29.04 42.48
N GLN A 35 5.01 29.99 41.66
CA GLN A 35 5.68 30.32 40.41
C GLN A 35 7.08 30.86 40.62
N SER A 36 7.29 31.64 41.69
CA SER A 36 8.58 32.28 41.91
C SER A 36 9.66 31.26 42.28
N GLU A 37 9.39 30.41 43.26
CA GLU A 37 10.38 29.39 43.59
C GLU A 37 10.44 28.29 42.55
N LEU A 38 9.41 28.13 41.71
CA LEU A 38 9.56 27.23 40.58
C LEU A 38 10.52 27.81 39.54
N LYS A 39 10.48 29.14 39.36
CA LYS A 39 11.48 29.80 38.53
C LYS A 39 12.86 29.67 39.13
N TYR A 40 12.94 29.71 40.46
CA TYR A 40 14.22 29.49 41.13
C TYR A 40 14.68 28.04 40.96
N MET A 41 13.74 27.10 40.93
CA MET A 41 14.07 25.70 40.70
C MET A 41 14.59 25.49 39.29
N GLN A 42 14.02 26.24 38.32
CA GLN A 42 14.43 26.13 36.93
C GLN A 42 15.83 26.66 36.65
N SER A 43 16.51 27.22 37.65
CA SER A 43 17.90 27.60 37.50
C SER A 43 18.79 26.38 37.31
N PHE A 44 18.47 25.27 37.99
CA PHE A 44 19.44 24.19 38.15
C PHE A 44 18.86 22.80 37.94
N LEU A 45 17.58 22.68 37.57
CA LEU A 45 17.00 21.35 37.37
C LEU A 45 17.54 20.62 36.15
N LYS A 46 18.17 21.31 35.20
CA LYS A 46 18.86 20.60 34.12
C LYS A 46 20.07 19.84 34.65
N ASP A 47 20.85 20.48 35.52
CA ASP A 47 21.98 19.78 36.13
C ASP A 47 21.48 18.74 37.12
N ALA A 48 20.32 18.98 37.74
CA ALA A 48 19.72 17.95 38.58
C ALA A 48 19.32 16.73 37.78
N GLU A 49 18.81 16.93 36.56
CA GLU A 49 18.45 15.80 35.71
C GLU A 49 19.68 15.03 35.24
N ARG A 50 20.72 15.72 34.78
CA ARG A 50 21.89 14.97 34.33
C ARG A 50 22.74 14.46 35.49
N GLN A 51 22.50 14.94 36.71
CA GLN A 51 23.11 14.39 37.91
C GLN A 51 22.29 13.25 38.51
N LYS A 52 21.03 13.12 38.10
CA LYS A 52 20.26 11.91 38.43
C LYS A 52 20.91 10.67 37.83
N ARG A 53 21.57 10.82 36.69
CA ARG A 53 22.35 9.72 36.12
C ARG A 53 23.50 9.36 37.05
N THR A 54 23.70 8.04 37.22
CA THR A 54 24.75 7.42 38.02
C THR A 54 24.79 7.89 39.47
N ASN A 55 23.65 8.35 39.99
CA ASN A 55 23.52 8.74 41.39
C ASN A 55 22.11 8.43 41.83
N GLU A 56 21.95 7.40 42.66
CA GLU A 56 20.63 6.95 43.04
C GLU A 56 19.94 7.90 44.01
N THR A 57 20.69 8.75 44.70
CA THR A 57 20.11 9.56 45.75
C THR A 57 19.27 10.72 45.25
N LEU A 58 19.31 11.02 43.95
CA LEU A 58 18.48 12.10 43.42
C LEU A 58 17.11 11.62 42.99
N ARG A 59 17.03 10.41 42.42
CA ARG A 59 15.77 9.91 41.90
C ARG A 59 14.87 9.33 42.99
N THR A 60 15.32 9.31 44.24
CA THR A 60 14.46 8.80 45.31
C THR A 60 13.34 9.78 45.64
N LEU A 61 13.53 11.06 45.31
CA LEU A 61 12.63 12.12 45.75
C LEU A 61 12.14 13.03 44.64
N VAL A 62 12.90 13.15 43.54
CA VAL A 62 12.48 14.05 42.46
C VAL A 62 11.30 13.47 41.71
N ALA A 63 11.08 12.15 41.78
CA ALA A 63 9.84 11.60 41.25
C ALA A 63 8.64 12.00 42.09
N ASP A 64 8.81 12.13 43.40
CA ASP A 64 7.73 12.61 44.25
C ASP A 64 7.50 14.10 44.02
N LEU A 65 8.58 14.85 43.76
CA LEU A 65 8.44 16.23 43.29
C LEU A 65 7.64 16.28 42.00
N ARG A 66 7.89 15.35 41.08
CA ARG A 66 7.23 15.33 39.79
C ARG A 66 5.75 15.05 39.92
N GLU A 67 5.39 14.03 40.70
CA GLU A 67 3.96 13.73 40.91
C GLU A 67 3.29 14.82 41.75
N LEU A 68 4.06 15.54 42.56
CA LEU A 68 3.53 16.70 43.26
C LEU A 68 3.14 17.80 42.27
N VAL A 69 4.01 18.07 41.28
CA VAL A 69 3.69 19.02 40.22
C VAL A 69 2.47 18.55 39.44
N TYR A 70 2.37 17.24 39.20
CA TYR A 70 1.25 16.70 38.44
C TYR A 70 -0.07 16.88 39.17
N GLU A 71 -0.09 16.57 40.47
CA GLU A 71 -1.34 16.73 41.22
C GLU A 71 -1.68 18.19 41.48
N ALA A 72 -0.68 19.07 41.56
CA ALA A 72 -0.97 20.49 41.65
C ALA A 72 -1.58 21.00 40.35
N GLU A 73 -1.10 20.48 39.22
CA GLU A 73 -1.69 20.84 37.92
C GLU A 73 -3.12 20.34 37.82
N ASP A 74 -3.37 19.13 38.33
CA ASP A 74 -4.72 18.57 38.26
C ASP A 74 -5.68 19.37 39.14
N ILE A 75 -5.25 19.80 40.33
CA ILE A 75 -6.19 20.56 41.15
C ILE A 75 -6.34 21.98 40.62
N LEU A 76 -5.35 22.53 39.91
CA LEU A 76 -5.57 23.87 39.41
C LEU A 76 -6.44 23.87 38.17
N VAL A 77 -6.41 22.78 37.39
CA VAL A 77 -7.39 22.66 36.32
C VAL A 77 -8.76 22.37 36.91
N ASP A 78 -8.80 21.68 38.06
CA ASP A 78 -10.04 21.52 38.81
C ASP A 78 -10.57 22.86 39.31
N CYS A 79 -9.71 23.83 39.53
CA CYS A 79 -10.13 25.17 39.93
C CYS A 79 -10.73 25.96 38.77
N GLN A 80 -10.53 25.53 37.53
CA GLN A 80 -10.98 26.31 36.38
C GLN A 80 -12.49 26.22 36.21
N LEU A 81 -13.02 25.00 36.16
CA LEU A 81 -14.44 24.75 35.86
C LEU A 81 -15.28 24.69 37.12
N ALA A 82 -14.81 25.32 38.19
CA ALA A 82 -15.38 25.19 39.53
C ALA A 82 -16.81 25.67 39.63
N ASP A 83 -17.05 26.97 39.35
CA ASP A 83 -18.37 27.62 39.40
C ASP A 83 -19.02 27.48 40.78
N GLY A 84 -18.20 27.59 41.82
CA GLY A 84 -18.71 27.45 43.17
C GLY A 84 -17.66 27.62 44.27
N ASP A 85 -17.78 26.83 45.32
CA ASP A 85 -16.91 26.92 46.49
C ASP A 85 -15.62 26.15 46.22
N ASP A 86 -14.70 26.79 45.52
CA ASP A 86 -13.39 26.20 45.26
C ASP A 86 -12.37 26.61 46.31
N GLY A 87 -12.72 26.48 47.59
CA GLY A 87 -11.85 26.87 48.67
C GLY A 87 -11.23 25.73 49.44
N ASN A 88 -11.40 24.48 48.99
CA ASN A 88 -10.87 23.32 49.67
C ASN A 88 -9.51 22.89 49.12
N GLU A 89 -8.75 23.82 48.55
CA GLU A 89 -7.45 23.52 47.97
C GLU A 89 -6.30 24.21 48.67
N GLN A 90 -6.57 25.24 49.48
CA GLN A 90 -5.53 26.10 50.01
C GLN A 90 -4.68 25.41 51.07
N ARG A 91 -5.30 24.58 51.92
CA ARG A 91 -4.52 23.88 52.93
C ARG A 91 -3.67 22.78 52.31
N SER A 92 -4.16 22.16 51.22
CA SER A 92 -3.34 21.22 50.48
C SER A 92 -2.18 21.94 49.78
N SER A 93 -2.43 23.17 49.32
CA SER A 93 -1.36 23.95 48.71
C SER A 93 -0.29 24.31 49.73
N ASN A 94 -0.71 24.65 50.96
CA ASN A 94 0.23 24.86 52.05
C ASN A 94 0.99 23.57 52.38
N ALA A 95 0.30 22.43 52.29
CA ALA A 95 0.93 21.15 52.61
C ALA A 95 2.06 20.82 51.63
N TRP A 96 1.81 20.95 50.32
CA TRP A 96 2.93 20.64 49.45
C TRP A 96 3.89 21.80 49.26
N LEU A 97 3.51 23.02 49.67
CA LEU A 97 4.52 24.06 49.85
C LEU A 97 5.52 23.67 50.94
N SER A 98 5.01 23.13 52.05
CA SER A 98 5.90 22.62 53.08
C SER A 98 6.62 21.35 52.65
N ARG A 99 6.07 20.61 51.68
CA ARG A 99 6.71 19.41 51.18
C ARG A 99 7.80 19.68 50.14
N LEU A 100 7.73 20.82 49.44
CA LEU A 100 8.67 21.10 48.36
C LEU A 100 10.07 21.39 48.90
N HIS A 101 10.19 22.36 49.79
CA HIS A 101 11.50 22.85 50.27
C HIS A 101 12.45 21.85 50.95
N PRO A 102 12.03 20.74 51.58
CA PRO A 102 13.04 19.75 51.98
C PRO A 102 13.62 18.96 50.83
N ALA A 103 13.08 19.12 49.62
CA ALA A 103 13.81 18.75 48.41
C ALA A 103 14.62 19.90 47.85
N ARG A 104 14.30 21.14 48.24
CA ARG A 104 15.00 22.29 47.70
C ARG A 104 16.34 22.50 48.38
N VAL A 105 16.39 22.36 49.70
CA VAL A 105 17.63 22.64 50.42
C VAL A 105 18.75 21.61 50.27
N PRO A 106 18.55 20.24 50.07
CA PRO A 106 19.74 19.38 50.04
C PRO A 106 20.48 19.42 48.71
N LEU A 107 19.91 20.11 47.72
CA LEU A 107 20.47 20.22 46.39
C LEU A 107 21.31 21.48 46.24
N GLN A 108 21.84 21.98 47.35
CA GLN A 108 22.39 23.34 47.42
C GLN A 108 23.73 23.48 46.71
N TYR A 109 24.44 22.38 46.43
CA TYR A 109 25.75 22.48 45.79
C TYR A 109 25.87 21.59 44.56
N LYS A 110 24.90 20.72 44.28
CA LYS A 110 25.00 19.75 43.20
C LYS A 110 25.06 20.39 41.82
N LYS A 111 24.62 21.64 41.68
CA LYS A 111 25.09 22.50 40.60
C LYS A 111 25.90 23.67 41.13
N SER A 112 25.32 24.48 42.02
CA SER A 112 25.91 25.70 42.60
C SER A 112 26.46 26.64 41.54
N LYS A 113 25.69 26.85 40.47
CA LYS A 113 26.07 27.79 39.42
C LYS A 113 24.89 28.63 38.96
N ASN A 145 10.24 30.41 29.58
CA ASN A 145 11.20 30.04 28.56
C ASN A 145 10.98 28.62 28.07
N GLY A 146 9.78 28.34 27.58
CA GLY A 146 9.49 27.07 26.97
C GLY A 146 9.53 27.17 25.46
N THR A 147 10.25 28.16 24.95
CA THR A 147 10.28 28.46 23.53
C THR A 147 11.64 28.07 22.97
N ASP A 148 11.67 27.00 22.19
CA ASP A 148 12.86 26.67 21.43
C ASP A 148 13.03 27.66 20.29
N ARG A 149 14.27 27.89 19.91
CA ARG A 149 14.57 28.87 18.89
C ARG A 149 14.93 28.25 17.54
N TRP A 150 15.45 27.03 17.54
CA TRP A 150 15.94 26.39 16.34
C TRP A 150 14.90 25.50 15.68
N SER A 151 13.69 25.42 16.23
CA SER A 151 12.67 24.58 15.64
C SER A 151 12.08 25.18 14.38
N SER A 152 12.29 26.47 14.14
CA SER A 152 11.65 27.08 12.97
C SER A 152 12.34 26.74 11.64
N PRO A 153 13.67 26.76 11.47
CA PRO A 153 14.16 26.30 10.17
C PRO A 153 14.36 24.80 10.16
N VAL A 154 13.60 24.11 9.31
CA VAL A 154 13.76 22.68 9.11
C VAL A 154 14.77 22.46 8.00
N TYR A 155 15.69 21.52 8.21
CA TYR A 155 16.87 21.44 7.36
C TYR A 155 16.95 20.22 6.46
N ASP A 156 16.19 19.15 6.74
CA ASP A 156 16.14 17.92 5.93
C ASP A 156 17.53 17.29 5.82
N HIS A 157 18.00 16.78 6.95
CA HIS A 157 19.34 16.20 6.99
C HIS A 157 19.36 14.71 6.64
N THR A 158 18.47 14.24 5.77
CA THR A 158 18.62 12.89 5.22
C THR A 158 19.39 12.91 3.91
N GLN A 159 20.54 13.59 3.90
CA GLN A 159 21.28 13.77 2.65
C GLN A 159 22.17 12.58 2.35
N VAL A 160 22.58 11.83 3.36
CA VAL A 160 23.23 10.55 3.16
C VAL A 160 22.34 9.39 3.60
N VAL A 161 21.31 9.65 4.41
CA VAL A 161 20.32 8.64 4.75
C VAL A 161 19.64 8.17 3.48
N GLY A 162 19.59 6.85 3.29
CA GLY A 162 19.50 6.33 1.95
C GLY A 162 20.90 6.19 1.41
N LEU A 163 21.71 5.34 2.05
CA LEU A 163 23.14 5.21 1.81
C LEU A 163 23.45 4.77 0.38
N GLU A 164 23.88 5.70 -0.46
CA GLU A 164 24.34 5.37 -1.80
C GLU A 164 25.76 5.85 -2.08
N GLY A 165 26.48 6.34 -1.07
CA GLY A 165 27.82 6.84 -1.24
C GLY A 165 28.91 5.80 -1.29
N ASP A 166 28.57 4.54 -1.56
CA ASP A 166 29.54 3.46 -1.58
C ASP A 166 29.73 2.86 -2.96
N LYS A 167 29.09 3.42 -3.99
CA LYS A 167 29.09 2.82 -5.31
C LYS A 167 30.48 2.88 -5.96
N ARG A 168 31.20 3.99 -5.76
CA ARG A 168 32.52 4.12 -6.37
C ARG A 168 33.53 3.17 -5.73
N LYS A 169 33.46 2.98 -4.41
CA LYS A 169 34.39 2.04 -3.79
C LYS A 169 33.98 0.59 -4.01
N ILE A 170 32.69 0.30 -4.14
CA ILE A 170 32.28 -1.05 -4.51
C ILE A 170 32.71 -1.36 -5.95
N LYS A 171 32.64 -0.36 -6.84
CA LYS A 171 33.14 -0.53 -8.20
C LYS A 171 34.65 -0.70 -8.23
N GLU A 172 35.36 -0.02 -7.33
CA GLU A 172 36.79 -0.24 -7.16
C GLU A 172 37.09 -1.65 -6.67
N TRP A 173 36.21 -2.19 -5.80
CA TRP A 173 36.33 -3.58 -5.39
C TRP A 173 36.06 -4.53 -6.53
N LEU A 174 35.18 -4.15 -7.46
CA LEU A 174 34.98 -4.95 -8.67
C LEU A 174 36.20 -4.90 -9.58
N PHE A 175 36.89 -3.76 -9.63
CA PHE A 175 38.04 -3.57 -10.52
C PHE A 175 39.27 -4.31 -10.06
N ARG A 176 39.35 -4.71 -8.79
CA ARG A 176 40.52 -5.39 -8.24
C ARG A 176 40.33 -6.89 -8.11
N SER A 177 39.64 -7.50 -9.08
CA SER A 177 39.47 -8.95 -9.07
C SER A 177 40.75 -9.65 -9.51
N ASN A 178 41.28 -9.27 -10.68
CA ASN A 178 42.50 -9.89 -11.21
C ASN A 178 43.74 -9.52 -10.42
N ASP A 179 43.74 -8.40 -9.70
CA ASP A 179 44.87 -8.06 -8.85
C ASP A 179 44.97 -9.01 -7.67
N SER A 180 43.84 -9.52 -7.20
CA SER A 180 43.79 -10.61 -6.24
C SER A 180 43.67 -11.93 -7.00
N GLN A 181 43.38 -13.02 -6.30
CA GLN A 181 43.23 -14.32 -6.92
C GLN A 181 41.78 -14.74 -7.12
N LEU A 182 40.95 -14.62 -6.08
CA LEU A 182 39.53 -14.97 -6.19
C LEU A 182 38.80 -14.15 -5.13
N LEU A 183 38.16 -13.06 -5.56
CA LEU A 183 37.64 -12.09 -4.61
C LEU A 183 36.37 -12.61 -3.96
N ILE A 184 36.28 -12.46 -2.64
CA ILE A 184 35.12 -12.83 -1.85
C ILE A 184 34.64 -11.57 -1.15
N MET A 185 33.53 -11.00 -1.62
CA MET A 185 33.06 -9.71 -1.12
C MET A 185 32.01 -9.95 -0.04
N ALA A 186 32.48 -10.15 1.20
CA ALA A 186 31.62 -10.49 2.32
C ALA A 186 31.11 -9.21 2.97
N PHE A 187 29.83 -8.90 2.73
CA PHE A 187 29.16 -7.78 3.40
C PHE A 187 28.53 -8.27 4.70
N VAL A 188 29.39 -8.75 5.59
CA VAL A 188 28.98 -9.40 6.83
C VAL A 188 28.70 -8.34 7.89
N GLY A 189 28.12 -8.76 9.02
CA GLY A 189 27.78 -7.83 10.07
C GLY A 189 26.28 -7.59 10.12
N MET A 190 25.84 -6.44 9.63
CA MET A 190 24.43 -6.22 9.42
C MET A 190 23.95 -7.05 8.25
N GLY A 191 22.74 -7.59 8.36
CA GLY A 191 22.22 -8.48 7.34
C GLY A 191 20.86 -9.03 7.69
N GLY A 192 20.08 -9.39 6.67
CA GLY A 192 18.70 -9.77 6.90
C GLY A 192 17.81 -8.62 7.26
N LEU A 193 18.22 -7.39 6.96
CA LEU A 193 17.50 -6.20 7.38
C LEU A 193 17.01 -5.36 6.21
N GLY A 194 17.48 -5.60 5.00
CA GLY A 194 17.11 -4.82 3.85
C GLY A 194 18.25 -4.09 3.16
N LYS A 195 19.50 -4.47 3.43
CA LYS A 195 20.64 -3.84 2.78
C LYS A 195 20.88 -4.35 1.38
N THR A 196 20.12 -5.34 0.92
CA THR A 196 20.35 -6.05 -0.34
C THR A 196 20.23 -5.14 -1.56
N THR A 197 19.57 -3.99 -1.43
CA THR A 197 19.52 -3.02 -2.52
C THR A 197 20.82 -2.23 -2.70
N ILE A 198 21.88 -2.51 -1.95
CA ILE A 198 23.17 -1.87 -2.24
C ILE A 198 23.88 -2.47 -3.43
N ALA A 199 23.39 -3.57 -3.98
CA ALA A 199 24.08 -4.28 -5.05
C ALA A 199 23.31 -4.29 -6.36
N GLN A 200 22.08 -3.76 -6.40
CA GLN A 200 21.34 -3.74 -7.65
C GLN A 200 21.82 -2.65 -8.60
N GLU A 201 22.34 -1.54 -8.09
CA GLU A 201 23.01 -0.58 -8.98
C GLU A 201 24.31 -1.14 -9.52
N VAL A 202 24.96 -2.06 -8.79
CA VAL A 202 26.09 -2.81 -9.33
C VAL A 202 25.58 -3.86 -10.32
N PHE A 203 24.35 -4.34 -10.13
CA PHE A 203 23.76 -5.29 -11.05
C PHE A 203 23.38 -4.62 -12.37
N ASN A 204 23.13 -3.32 -12.36
CA ASN A 204 22.75 -2.61 -13.59
C ASN A 204 23.47 -1.27 -13.70
N ASP A 205 24.78 -1.26 -13.52
CA ASP A 205 25.61 -0.08 -13.78
C ASP A 205 25.96 0.03 -15.26
N LYS A 206 26.98 0.83 -15.60
CA LYS A 206 27.35 1.09 -16.98
C LYS A 206 28.62 0.36 -17.41
N GLU A 207 29.58 0.19 -16.51
CA GLU A 207 30.92 -0.24 -16.92
C GLU A 207 31.02 -1.73 -17.14
N ILE A 208 30.24 -2.53 -16.43
CA ILE A 208 30.37 -3.98 -16.49
C ILE A 208 29.15 -4.57 -17.20
N GLU A 209 28.63 -3.83 -18.18
CA GLU A 209 27.60 -4.35 -19.05
C GLU A 209 27.97 -4.31 -20.53
N HIS A 210 29.20 -3.94 -20.87
CA HIS A 210 29.64 -3.91 -22.27
C HIS A 210 30.73 -4.94 -22.55
N ARG A 211 31.87 -4.84 -21.85
CA ARG A 211 32.97 -5.77 -22.03
C ARG A 211 32.84 -7.00 -21.14
N PHE A 212 31.80 -7.03 -20.32
CA PHE A 212 31.55 -8.03 -19.30
C PHE A 212 30.48 -9.00 -19.78
N GLU A 213 30.47 -10.21 -19.23
CA GLU A 213 29.57 -11.24 -19.76
C GLU A 213 28.16 -11.09 -19.20
N ARG A 214 27.98 -11.34 -17.91
CA ARG A 214 26.72 -11.28 -17.16
C ARG A 214 27.04 -11.59 -15.71
N ARG A 215 26.04 -11.41 -14.84
CA ARG A 215 26.19 -11.77 -13.44
C ARG A 215 24.96 -12.51 -12.99
N ILE A 216 25.16 -13.50 -12.12
CA ILE A 216 24.10 -14.35 -11.61
C ILE A 216 23.34 -13.59 -10.52
N TRP A 217 22.23 -14.17 -10.08
CA TRP A 217 21.61 -13.74 -8.84
C TRP A 217 21.03 -14.94 -8.12
N VAL A 218 21.19 -14.94 -6.79
CA VAL A 218 20.61 -15.95 -5.93
C VAL A 218 19.64 -15.27 -4.97
N SER A 219 18.64 -16.03 -4.53
CA SER A 219 17.77 -15.62 -3.44
C SER A 219 17.81 -16.75 -2.41
N VAL A 220 18.83 -16.73 -1.57
CA VAL A 220 19.05 -17.75 -0.55
C VAL A 220 18.90 -17.06 0.80
N SER A 221 17.73 -17.22 1.41
CA SER A 221 17.46 -16.75 2.75
C SER A 221 17.95 -17.81 3.75
N GLN A 222 17.47 -17.75 4.99
CA GLN A 222 17.80 -18.77 5.99
C GLN A 222 17.30 -20.16 5.60
N THR A 223 16.34 -20.25 4.68
CA THR A 223 15.98 -21.52 4.07
C THR A 223 16.85 -21.78 2.84
N PHE A 224 17.22 -23.05 2.64
CA PHE A 224 18.10 -23.44 1.53
C PHE A 224 17.49 -24.46 0.60
N THR A 225 16.77 -25.46 1.13
CA THR A 225 15.97 -26.48 0.45
C THR A 225 16.72 -27.40 -0.52
N GLU A 226 18.05 -27.24 -0.64
CA GLU A 226 18.94 -28.06 -1.48
C GLU A 226 18.53 -28.08 -2.96
N GLU A 227 17.80 -27.06 -3.41
CA GLU A 227 17.33 -26.98 -4.78
C GLU A 227 17.58 -25.65 -5.43
N GLN A 228 17.59 -24.56 -4.65
CA GLN A 228 17.82 -23.23 -5.16
C GLN A 228 19.19 -22.67 -4.78
N ILE A 229 20.09 -23.53 -4.32
CA ILE A 229 21.41 -23.09 -3.89
C ILE A 229 22.33 -22.98 -5.10
N MET A 230 22.59 -24.12 -5.74
CA MET A 230 23.57 -24.24 -6.82
C MET A 230 22.93 -24.46 -8.17
N ARG A 231 21.63 -24.73 -8.20
CA ARG A 231 20.91 -24.90 -9.45
C ARG A 231 20.34 -23.58 -9.93
N SER A 232 20.20 -22.61 -9.03
CA SER A 232 19.70 -21.28 -9.39
C SER A 232 20.72 -20.50 -10.20
N ILE A 233 22.01 -20.75 -10.02
CA ILE A 233 23.03 -20.04 -10.79
C ILE A 233 23.20 -20.62 -12.18
N LEU A 234 22.55 -21.76 -12.46
CA LEU A 234 22.52 -22.37 -13.79
C LEU A 234 21.17 -22.24 -14.47
N ARG A 235 20.09 -22.10 -13.71
CA ARG A 235 18.75 -22.06 -14.28
C ARG A 235 18.43 -20.75 -14.99
N ASN A 236 19.34 -19.78 -14.94
CA ASN A 236 19.29 -18.64 -15.86
C ASN A 236 19.77 -18.99 -17.25
N LEU A 237 20.34 -20.19 -17.44
CA LEU A 237 20.67 -20.69 -18.77
C LEU A 237 19.76 -21.81 -19.24
N GLY A 238 18.96 -22.38 -18.35
CA GLY A 238 18.05 -23.45 -18.74
C GLY A 238 18.21 -24.74 -17.95
N ASP A 239 18.69 -24.65 -16.73
CA ASP A 239 18.76 -25.82 -15.86
C ASP A 239 17.40 -26.11 -15.24
N ALA A 240 17.01 -27.38 -15.27
CA ALA A 240 15.70 -27.82 -14.81
C ALA A 240 15.78 -28.32 -13.37
N SER A 241 14.60 -28.47 -12.76
CA SER A 241 14.49 -28.91 -11.37
C SER A 241 14.29 -30.43 -11.32
N VAL A 242 15.34 -31.14 -11.70
CA VAL A 242 15.37 -32.59 -11.70
C VAL A 242 16.13 -33.07 -10.47
N GLY A 243 15.73 -34.21 -9.91
CA GLY A 243 16.44 -34.84 -8.82
C GLY A 243 17.85 -35.24 -9.22
N ASP A 244 18.84 -34.54 -8.67
CA ASP A 244 20.21 -34.61 -9.16
C ASP A 244 21.15 -34.31 -8.02
N ASP A 245 22.35 -34.90 -8.08
CA ASP A 245 23.35 -34.69 -7.06
C ASP A 245 24.03 -33.33 -7.22
N ILE A 246 25.06 -33.09 -6.41
CA ILE A 246 25.78 -31.82 -6.48
C ILE A 246 26.90 -31.88 -7.51
N GLY A 247 27.46 -33.08 -7.74
CA GLY A 247 28.74 -33.17 -8.43
C GLY A 247 28.66 -32.84 -9.91
N THR A 248 27.65 -33.37 -10.61
CA THR A 248 27.58 -33.15 -12.05
C THR A 248 27.22 -31.72 -12.41
N LEU A 249 26.39 -31.05 -11.61
CA LEU A 249 26.14 -29.64 -11.89
C LEU A 249 27.33 -28.77 -11.47
N LEU A 250 28.06 -29.20 -10.45
CA LEU A 250 29.27 -28.48 -10.07
C LEU A 250 30.35 -28.58 -11.14
N ARG A 251 30.41 -29.70 -11.87
CA ARG A 251 31.28 -29.74 -13.04
C ARG A 251 30.57 -29.30 -14.32
N LYS A 252 29.30 -28.89 -14.23
CA LYS A 252 28.62 -28.31 -15.37
C LYS A 252 28.72 -26.78 -15.42
N ILE A 253 28.64 -26.11 -14.28
CA ILE A 253 28.50 -24.66 -14.29
C ILE A 253 29.82 -23.96 -14.62
N GLN A 254 30.84 -24.16 -13.79
CA GLN A 254 31.99 -23.25 -13.73
C GLN A 254 33.15 -23.80 -14.57
N GLN A 255 33.02 -23.67 -15.89
CA GLN A 255 34.04 -24.19 -16.79
C GLN A 255 34.59 -23.19 -17.79
N TYR A 256 33.74 -22.35 -18.36
CA TYR A 256 34.08 -21.54 -19.54
C TYR A 256 34.64 -20.17 -19.17
N LEU A 257 35.61 -20.15 -18.27
CA LEU A 257 36.02 -18.89 -17.64
C LEU A 257 37.54 -18.77 -17.66
N LEU A 258 38.13 -18.90 -18.83
CA LEU A 258 39.58 -18.75 -19.00
C LEU A 258 39.90 -17.27 -19.23
N GLY A 259 40.28 -16.57 -18.17
CA GLY A 259 40.70 -15.17 -18.29
C GLY A 259 39.59 -14.19 -18.58
N LYS A 260 38.39 -14.44 -18.07
CA LYS A 260 37.23 -13.57 -18.32
C LYS A 260 36.63 -13.15 -16.98
N ARG A 261 36.31 -11.86 -16.86
CA ARG A 261 35.75 -11.36 -15.62
C ARG A 261 34.31 -11.84 -15.45
N TYR A 262 33.96 -12.23 -14.23
CA TYR A 262 32.63 -12.75 -13.96
C TYR A 262 32.29 -12.48 -12.50
N LEU A 263 30.99 -12.45 -12.20
CA LEU A 263 30.51 -12.15 -10.86
C LEU A 263 29.60 -13.25 -10.34
N ILE A 264 29.77 -13.56 -9.06
CA ILE A 264 28.98 -14.52 -8.31
C ILE A 264 28.35 -13.77 -7.15
N VAL A 265 27.22 -14.25 -6.63
CA VAL A 265 26.61 -13.70 -5.45
C VAL A 265 26.20 -14.86 -4.53
N MET A 266 26.09 -14.56 -3.24
CA MET A 266 25.62 -15.50 -2.24
C MET A 266 24.92 -14.72 -1.14
N ASP A 267 24.09 -15.40 -0.36
CA ASP A 267 23.27 -14.77 0.67
C ASP A 267 22.96 -15.78 1.76
N ASP A 268 23.07 -15.31 3.02
CA ASP A 268 22.64 -16.01 4.23
C ASP A 268 23.36 -17.35 4.40
N VAL A 269 24.67 -17.25 4.69
CA VAL A 269 25.48 -18.45 4.88
C VAL A 269 25.40 -18.92 6.34
N TRP A 270 25.69 -20.19 6.54
CA TRP A 270 25.87 -20.81 7.85
C TRP A 270 26.93 -21.89 7.67
N ASP A 271 26.98 -22.86 8.60
CA ASP A 271 28.00 -23.91 8.56
C ASP A 271 27.90 -24.77 7.31
N LYS A 272 26.71 -25.27 7.00
CA LYS A 272 26.46 -25.84 5.68
C LYS A 272 26.48 -24.71 4.66
N ASN A 273 26.92 -25.04 3.44
CA ASN A 273 27.34 -24.09 2.39
C ASN A 273 28.48 -23.19 2.85
N LEU A 274 29.27 -23.65 3.81
CA LEU A 274 30.62 -23.17 4.09
C LEU A 274 31.62 -24.30 4.18
N SER A 275 31.21 -25.44 4.74
CA SER A 275 31.95 -26.69 4.66
C SER A 275 31.55 -27.50 3.44
N TRP A 276 30.77 -26.91 2.53
CA TRP A 276 30.37 -27.56 1.29
C TRP A 276 30.69 -26.64 0.12
N TRP A 277 30.69 -25.33 0.38
CA TRP A 277 31.04 -24.34 -0.62
C TRP A 277 32.54 -24.29 -0.90
N ASP A 278 33.35 -24.89 -0.02
CA ASP A 278 34.80 -24.82 -0.18
C ASP A 278 35.29 -25.55 -1.43
N LYS A 279 34.56 -26.59 -1.86
CA LYS A 279 34.87 -27.19 -3.15
C LYS A 279 34.11 -26.52 -4.29
N ILE A 280 33.16 -25.64 -3.99
CA ILE A 280 32.47 -24.92 -5.04
C ILE A 280 33.30 -23.74 -5.52
N TYR A 281 33.75 -22.89 -4.58
CA TYR A 281 34.49 -21.70 -4.96
C TYR A 281 35.95 -21.99 -5.28
N GLN A 282 36.51 -23.06 -4.74
CA GLN A 282 37.78 -23.55 -5.23
C GLN A 282 37.63 -24.55 -6.37
N GLY A 283 36.39 -24.86 -6.75
CA GLY A 283 36.13 -25.67 -7.92
C GLY A 283 35.89 -24.79 -9.13
N LEU A 284 35.67 -23.50 -8.91
CA LEU A 284 35.64 -22.61 -10.04
C LEU A 284 37.03 -22.06 -10.30
N PRO A 285 37.40 -21.81 -11.57
CA PRO A 285 38.80 -21.55 -11.90
C PRO A 285 39.33 -20.21 -11.39
N ARG A 286 40.64 -20.06 -11.51
CA ARG A 286 41.39 -18.96 -10.92
C ARG A 286 42.33 -18.39 -11.98
N GLY A 287 43.25 -17.53 -11.55
CA GLY A 287 44.17 -16.87 -12.46
C GLY A 287 43.61 -15.63 -13.13
N GLN A 288 42.37 -15.27 -12.81
CA GLN A 288 41.69 -14.13 -13.41
C GLN A 288 40.97 -13.27 -12.40
N GLY A 289 40.82 -13.74 -11.16
CA GLY A 289 39.93 -13.10 -10.21
C GLY A 289 38.71 -13.94 -9.95
N GLY A 290 37.54 -13.42 -10.31
CA GLY A 290 36.29 -14.07 -9.97
C GLY A 290 35.80 -13.55 -8.65
N SER A 291 34.71 -12.78 -8.68
CA SER A 291 34.23 -12.06 -7.51
C SER A 291 32.89 -12.64 -7.09
N VAL A 292 32.87 -13.28 -5.93
CA VAL A 292 31.64 -13.63 -5.25
C VAL A 292 31.37 -12.53 -4.23
N ILE A 293 30.11 -12.11 -4.12
CA ILE A 293 29.70 -11.15 -3.11
C ILE A 293 28.70 -11.83 -2.19
N VAL A 294 29.05 -11.89 -0.92
CA VAL A 294 28.25 -12.57 0.10
C VAL A 294 27.71 -11.50 1.04
N THR A 295 26.40 -11.53 1.27
CA THR A 295 25.72 -10.49 2.03
C THR A 295 24.95 -11.13 3.17
N THR A 296 25.55 -11.19 4.35
CA THR A 296 24.96 -11.92 5.46
C THR A 296 24.92 -11.06 6.71
N ARG A 297 24.15 -11.55 7.69
CA ARG A 297 24.26 -11.10 9.07
C ARG A 297 25.32 -11.89 9.83
N SER A 298 25.51 -13.16 9.48
CA SER A 298 26.58 -13.95 10.06
C SER A 298 27.93 -13.54 9.47
N GLU A 299 29.00 -14.03 10.08
CA GLU A 299 30.36 -13.65 9.70
C GLU A 299 31.25 -14.87 9.51
N SER A 300 30.70 -15.94 8.94
CA SER A 300 31.44 -17.19 8.81
C SER A 300 32.32 -17.24 7.57
N VAL A 301 32.32 -16.23 6.73
CA VAL A 301 33.06 -16.24 5.47
C VAL A 301 34.19 -15.22 5.47
N ALA A 302 33.99 -14.06 6.11
CA ALA A 302 35.00 -13.01 6.09
C ALA A 302 36.17 -13.31 7.01
N LYS A 303 35.99 -14.18 8.00
CA LYS A 303 37.04 -14.39 9.00
C LYS A 303 37.41 -15.86 9.15
N ARG A 304 36.44 -16.76 9.02
CA ARG A 304 36.68 -18.16 9.36
C ARG A 304 37.49 -18.88 8.28
N VAL A 305 37.46 -18.40 7.04
CA VAL A 305 38.36 -18.87 6.00
C VAL A 305 39.36 -17.79 5.59
N GLN A 306 38.92 -16.52 5.60
CA GLN A 306 39.75 -15.33 5.38
C GLN A 306 40.46 -15.39 4.02
N ALA A 307 39.64 -15.43 2.97
CA ALA A 307 40.13 -15.53 1.60
C ALA A 307 39.62 -14.32 0.83
N ARG A 308 40.54 -13.40 0.52
CA ARG A 308 40.27 -12.15 -0.20
C ARG A 308 39.23 -11.29 0.53
N ASP A 309 39.27 -11.31 1.86
CA ASP A 309 38.40 -10.52 2.70
C ASP A 309 39.17 -9.38 3.34
N ASP A 310 40.10 -8.80 2.58
CA ASP A 310 40.82 -7.59 2.96
C ASP A 310 40.01 -6.32 2.70
N LYS A 311 38.76 -6.47 2.27
CA LYS A 311 37.84 -5.36 2.07
C LYS A 311 36.63 -5.49 2.99
N THR A 312 36.80 -6.20 4.10
CA THR A 312 35.75 -6.32 5.12
C THR A 312 35.90 -5.15 6.10
N HIS A 313 35.60 -3.97 5.57
CA HIS A 313 35.74 -2.69 6.27
C HIS A 313 34.49 -1.85 6.03
N ARG A 314 33.33 -2.46 6.30
CA ARG A 314 31.95 -2.06 5.99
C ARG A 314 31.66 -0.58 6.24
N PRO A 315 30.79 0.04 5.43
CA PRO A 315 30.60 1.50 5.53
C PRO A 315 29.92 1.99 6.80
N GLU A 316 29.51 1.08 7.69
CA GLU A 316 29.13 1.49 9.04
C GLU A 316 30.31 2.09 9.78
N LEU A 317 31.51 1.55 9.56
CA LEU A 317 32.75 2.16 10.01
C LEU A 317 33.30 3.04 8.90
N LEU A 318 33.94 4.15 9.28
CA LEU A 318 34.42 5.11 8.30
C LEU A 318 35.77 5.64 8.73
N SER A 319 36.44 6.32 7.81
CA SER A 319 37.72 6.95 8.11
C SER A 319 37.48 8.24 8.90
N PRO A 320 38.52 8.78 9.55
CA PRO A 320 38.38 10.10 10.17
C PRO A 320 38.14 11.24 9.19
N ASP A 321 38.32 11.03 7.88
CA ASP A 321 37.89 12.01 6.89
C ASP A 321 36.90 11.42 5.91
N ASN A 322 36.27 10.30 6.28
CA ASN A 322 35.06 9.80 5.63
C ASN A 322 33.82 10.06 6.47
N SER A 323 33.98 10.17 7.78
CA SER A 323 32.83 10.34 8.65
C SER A 323 32.64 11.80 9.05
N TRP A 324 33.75 12.52 9.27
CA TRP A 324 33.66 13.82 9.92
C TRP A 324 33.05 14.87 9.01
N LEU A 325 33.23 14.74 7.70
CA LEU A 325 32.64 15.72 6.79
C LEU A 325 31.12 15.60 6.75
N LEU A 326 30.59 14.37 6.76
CA LEU A 326 29.13 14.24 6.80
C LEU A 326 28.59 14.53 8.19
N PHE A 327 29.41 14.35 9.23
CA PHE A 327 29.03 14.83 10.55
C PHE A 327 28.89 16.34 10.55
N CYS A 328 29.77 17.06 9.85
CA CYS A 328 29.59 18.49 9.70
C CYS A 328 28.37 18.82 8.84
N ASN A 329 28.11 18.00 7.82
CA ASN A 329 26.91 18.19 6.99
C ASN A 329 25.62 18.03 7.80
N VAL A 330 25.65 17.16 8.81
CA VAL A 330 24.49 17.04 9.69
C VAL A 330 24.44 18.19 10.68
N ALA A 331 25.54 18.41 11.41
CA ALA A 331 25.49 19.30 12.57
C ALA A 331 25.42 20.76 12.17
N PHE A 332 26.24 21.19 11.22
CA PHE A 332 26.24 22.61 10.87
C PHE A 332 25.08 22.92 9.95
N ALA A 333 25.12 22.38 8.71
CA ALA A 333 24.00 22.29 7.78
C ALA A 333 23.38 23.61 7.34
N ALA A 334 23.89 24.74 7.83
CA ALA A 334 23.33 26.04 7.52
C ALA A 334 24.16 26.79 6.49
N ASN A 335 25.48 26.72 6.63
CA ASN A 335 26.40 27.12 5.57
C ASN A 335 26.89 25.89 4.81
N ASP A 336 25.98 24.93 4.62
CA ASP A 336 26.22 23.68 3.90
C ASP A 336 27.32 22.84 4.55
N GLY A 337 27.26 22.75 5.88
CA GLY A 337 28.13 21.87 6.63
C GLY A 337 29.58 22.29 6.66
N THR A 338 29.85 23.51 7.12
CA THR A 338 31.20 24.04 7.16
C THR A 338 31.55 24.46 8.57
N CYS A 339 32.85 24.51 8.85
CA CYS A 339 33.37 25.00 10.12
C CYS A 339 33.90 26.40 9.88
N GLU A 340 33.01 27.39 10.02
CA GLU A 340 33.42 28.78 9.81
C GLU A 340 34.25 29.28 10.99
N ARG A 341 34.07 28.69 12.17
CA ARG A 341 35.03 28.85 13.25
C ARG A 341 35.85 27.58 13.29
N PRO A 342 37.09 27.58 12.77
CA PRO A 342 37.90 26.36 12.79
C PRO A 342 38.47 26.02 14.16
N GLU A 343 38.18 26.81 15.19
CA GLU A 343 38.47 26.38 16.55
C GLU A 343 37.65 25.15 16.91
N LEU A 344 36.35 25.14 16.56
CA LEU A 344 35.45 24.04 16.86
C LEU A 344 35.78 22.78 16.07
N GLU A 345 36.66 22.87 15.06
CA GLU A 345 37.12 21.69 14.34
C GLU A 345 37.84 20.72 15.26
N ASP A 346 38.55 21.24 16.27
CA ASP A 346 39.28 20.37 17.18
C ASP A 346 38.35 19.56 18.08
N VAL A 347 37.33 20.21 18.65
CA VAL A 347 36.41 19.46 19.50
C VAL A 347 35.53 18.53 18.65
N GLY A 348 35.23 18.93 17.42
CA GLY A 348 34.51 18.02 16.53
C GLY A 348 35.34 16.80 16.17
N LYS A 349 36.64 17.01 15.94
CA LYS A 349 37.55 15.91 15.67
C LYS A 349 37.69 14.99 16.87
N GLU A 350 37.76 15.56 18.08
CA GLU A 350 37.92 14.71 19.24
C GLU A 350 36.65 13.94 19.58
N ILE A 351 35.48 14.53 19.29
CA ILE A 351 34.23 13.81 19.51
C ILE A 351 34.10 12.67 18.50
N VAL A 352 34.41 12.94 17.23
CA VAL A 352 34.27 11.88 16.25
C VAL A 352 35.34 10.80 16.39
N THR A 353 36.52 11.13 16.93
CA THR A 353 37.46 10.05 17.19
C THR A 353 37.19 9.36 18.50
N LYS A 354 36.34 9.93 19.36
CA LYS A 354 35.91 9.14 20.50
C LYS A 354 34.80 8.17 20.12
N CYS A 355 33.86 8.59 19.28
CA CYS A 355 32.83 7.63 18.90
C CYS A 355 33.26 6.71 17.76
N LYS A 356 34.49 6.91 17.24
CA LYS A 356 35.20 6.06 16.26
C LYS A 356 34.37 5.73 15.01
N GLY A 357 33.40 6.57 14.67
CA GLY A 357 32.69 6.46 13.42
C GLY A 357 31.69 5.33 13.32
N LEU A 358 30.68 5.35 14.17
CA LEU A 358 29.51 4.52 13.98
C LEU A 358 28.34 5.44 13.63
N PRO A 359 27.60 5.16 12.54
CA PRO A 359 26.90 6.22 11.79
C PRO A 359 25.85 7.02 12.55
N LEU A 360 24.85 6.34 13.11
CA LEU A 360 23.78 7.09 13.75
C LEU A 360 24.19 7.72 15.08
N THR A 361 25.33 7.31 15.66
CA THR A 361 25.87 8.03 16.80
C THR A 361 26.33 9.42 16.39
N ILE A 362 27.05 9.51 15.27
CA ILE A 362 27.49 10.82 14.82
C ILE A 362 26.30 11.58 14.27
N LYS A 363 25.27 10.87 13.81
CA LYS A 363 24.04 11.54 13.39
C LYS A 363 23.30 12.15 14.57
N ALA A 364 23.23 11.43 15.69
CA ALA A 364 22.53 11.92 16.87
C ALA A 364 23.28 13.08 17.50
N VAL A 365 24.60 12.98 17.60
CA VAL A 365 25.33 14.10 18.18
C VAL A 365 25.42 15.26 17.20
N GLY A 366 25.26 15.00 15.90
CA GLY A 366 25.14 16.10 14.95
C GLY A 366 23.84 16.84 15.12
N GLY A 367 22.73 16.09 15.22
CA GLY A 367 21.44 16.71 15.41
C GLY A 367 21.31 17.40 16.75
N LEU A 368 22.04 16.92 17.76
CA LEU A 368 22.13 17.65 19.02
C LEU A 368 22.92 18.94 18.85
N LEU A 369 24.01 18.89 18.08
CA LEU A 369 24.87 20.04 17.90
C LEU A 369 24.39 21.01 16.85
N LEU A 370 23.11 20.98 16.47
CA LEU A 370 22.57 22.02 15.60
C LEU A 370 22.50 23.35 16.32
N CYS A 371 21.97 23.36 17.54
CA CYS A 371 21.50 24.58 18.18
C CYS A 371 22.56 25.62 18.51
N LYS A 372 23.45 25.29 19.45
CA LYS A 372 24.26 26.31 20.09
C LYS A 372 25.26 26.97 19.15
N ASP A 373 26.34 26.24 18.81
CA ASP A 373 27.42 26.69 17.92
C ASP A 373 27.99 28.06 18.26
N HIS A 374 27.90 28.50 19.52
CA HIS A 374 28.26 29.87 19.88
C HIS A 374 29.72 29.97 20.28
N VAL A 375 30.11 29.26 21.34
CA VAL A 375 31.37 29.51 22.03
C VAL A 375 31.97 28.14 22.38
N TYR A 376 33.29 28.11 22.48
CA TYR A 376 34.01 26.86 22.64
C TYR A 376 33.82 26.21 24.00
N HIS A 377 33.49 26.98 25.03
CA HIS A 377 33.51 26.40 26.36
C HIS A 377 32.30 25.50 26.63
N GLU A 378 31.14 25.80 26.03
CA GLU A 378 30.02 24.88 26.17
C GLU A 378 30.22 23.63 25.32
N TRP A 379 30.91 23.75 24.19
CA TRP A 379 31.24 22.59 23.37
C TRP A 379 32.20 21.68 24.12
N ARG A 380 33.18 22.27 24.80
CA ARG A 380 34.08 21.45 25.62
C ARG A 380 33.36 20.91 26.84
N ARG A 381 32.37 21.63 27.35
CA ARG A 381 31.56 21.15 28.47
C ARG A 381 30.77 19.90 28.09
N ILE A 382 30.10 19.94 26.94
CA ILE A 382 29.37 18.77 26.50
C ILE A 382 30.32 17.70 25.98
N ALA A 383 31.54 18.07 25.58
CA ALA A 383 32.55 17.08 25.26
C ALA A 383 32.98 16.30 26.50
N GLU A 384 33.10 17.00 27.64
CA GLU A 384 33.35 16.30 28.90
C GLU A 384 32.15 15.48 29.33
N HIS A 385 30.95 15.95 29.00
CA HIS A 385 29.75 15.15 29.24
C HIS A 385 29.75 13.87 28.42
N PHE A 386 30.33 13.92 27.22
CA PHE A 386 30.53 12.72 26.44
C PHE A 386 31.63 11.85 27.05
N GLN A 387 32.67 12.52 27.54
CA GLN A 387 33.88 11.86 28.03
C GLN A 387 33.60 11.02 29.25
N ASP A 388 32.88 11.56 30.23
CA ASP A 388 32.72 10.85 31.48
C ASP A 388 31.73 9.71 31.37
N GLU A 389 30.75 9.80 30.47
CA GLU A 389 29.88 8.64 30.28
C GLU A 389 30.56 7.56 29.47
N LEU A 390 31.45 7.93 28.53
CA LEU A 390 32.22 6.87 27.88
C LEU A 390 33.43 6.43 28.69
N ARG A 391 33.68 7.03 29.85
CA ARG A 391 34.79 6.60 30.70
C ARG A 391 34.48 5.30 31.44
N GLY A 392 33.22 4.91 31.55
CA GLY A 392 32.89 3.73 32.33
C GLY A 392 31.88 2.80 31.71
N ASN A 393 31.84 2.73 30.38
CA ASN A 393 30.90 1.85 29.70
C ASN A 393 31.53 0.49 29.36
N THR A 394 32.57 0.50 28.52
CA THR A 394 33.40 -0.66 28.17
C THR A 394 32.55 -1.80 27.60
N SER A 395 32.03 -1.56 26.40
CA SER A 395 31.39 -2.59 25.58
C SER A 395 31.40 -2.08 24.15
N GLU A 396 30.82 -2.88 23.24
CA GLU A 396 30.75 -2.48 21.84
C GLU A 396 29.43 -1.80 21.52
N THR A 397 28.41 -1.95 22.37
CA THR A 397 27.09 -1.45 22.07
C THR A 397 26.46 -0.65 23.20
N ASP A 398 27.18 -0.42 24.30
CA ASP A 398 26.68 0.53 25.29
C ASP A 398 27.15 1.94 25.00
N ASN A 399 28.21 2.07 24.22
CA ASN A 399 28.69 3.35 23.72
C ASN A 399 27.67 4.03 22.83
N VAL A 400 27.10 3.29 21.87
CA VAL A 400 26.06 3.83 21.00
C VAL A 400 24.81 4.16 21.80
N MET A 401 24.51 3.38 22.84
CA MET A 401 23.30 3.61 23.62
C MET A 401 23.44 4.86 24.47
N SER A 402 24.54 4.98 25.20
CA SER A 402 24.70 6.09 26.15
C SER A 402 25.23 7.34 25.45
N SER A 403 25.64 7.21 24.19
CA SER A 403 26.09 8.38 23.45
C SER A 403 24.93 9.29 23.12
N LEU A 404 23.76 8.70 22.89
CA LEU A 404 22.61 9.49 22.48
C LEU A 404 21.76 9.94 23.66
N GLN A 405 21.95 9.35 24.83
CA GLN A 405 21.19 9.78 26.00
C GLN A 405 21.61 11.18 26.45
N LEU A 406 22.90 11.51 26.29
CA LEU A 406 23.33 12.87 26.55
C LEU A 406 22.84 13.82 25.48
N SER A 407 22.60 13.32 24.28
CA SER A 407 21.90 14.13 23.29
C SER A 407 20.45 14.33 23.70
N TYR A 408 19.86 13.35 24.37
CA TYR A 408 18.46 13.43 24.76
C TYR A 408 18.25 14.44 25.87
N ASP A 409 19.06 14.39 26.92
CA ASP A 409 18.76 15.29 28.03
C ASP A 409 19.23 16.71 27.78
N GLU A 410 20.01 16.96 26.73
CA GLU A 410 20.33 18.32 26.32
C GLU A 410 19.40 18.84 25.23
N LEU A 411 18.11 18.70 25.40
CA LEU A 411 17.11 19.37 24.58
C LEU A 411 16.55 20.56 25.32
N PRO A 412 15.79 21.41 24.65
CA PRO A 412 14.87 22.28 25.38
C PRO A 412 13.87 21.47 26.18
N SER A 413 13.33 22.12 27.21
CA SER A 413 12.62 21.38 28.24
C SER A 413 11.26 20.89 27.76
N HIS A 414 10.59 21.69 26.91
CA HIS A 414 9.17 21.44 26.64
C HIS A 414 8.98 20.23 25.74
N LEU A 415 9.93 19.96 24.86
CA LEU A 415 9.78 18.80 24.00
C LEU A 415 10.47 17.56 24.54
N LYS A 416 11.18 17.70 25.66
CA LYS A 416 11.96 16.61 26.25
C LYS A 416 11.09 15.46 26.71
N SER A 417 9.82 15.70 26.97
CA SER A 417 8.92 14.60 27.21
C SER A 417 8.05 14.29 26.02
N CYS A 418 7.92 15.20 25.06
CA CYS A 418 7.11 14.84 23.89
C CYS A 418 7.87 13.93 22.95
N ILE A 419 9.20 13.91 23.01
CA ILE A 419 9.95 12.91 22.26
C ILE A 419 9.65 11.51 22.77
N LEU A 420 9.45 11.35 24.07
CA LEU A 420 9.35 10.01 24.60
C LEU A 420 7.92 9.52 24.71
N THR A 421 7.00 10.06 23.91
CA THR A 421 5.69 9.41 23.83
C THR A 421 5.67 8.30 22.80
N LEU A 422 6.50 8.39 21.76
CA LEU A 422 6.54 7.38 20.72
C LEU A 422 7.36 6.16 21.11
N SER A 423 7.70 6.04 22.40
CA SER A 423 8.02 4.77 23.01
C SER A 423 6.80 3.91 23.22
N LEU A 424 5.62 4.44 22.93
CA LEU A 424 4.35 3.77 23.16
C LEU A 424 3.87 3.08 21.90
N TYR A 425 4.81 2.54 21.14
CA TYR A 425 4.57 2.01 19.80
C TYR A 425 5.33 0.72 19.63
N PRO A 426 4.93 -0.12 18.67
CA PRO A 426 5.76 -1.29 18.34
C PRO A 426 7.02 -0.93 17.57
N GLU A 427 7.74 -1.95 17.10
CA GLU A 427 9.17 -1.81 16.83
C GLU A 427 9.47 -0.94 15.61
N ASP A 428 8.72 -1.09 14.53
CA ASP A 428 9.01 -0.28 13.34
C ASP A 428 7.74 0.14 12.64
N CYS A 429 6.67 0.35 13.40
CA CYS A 429 5.45 0.89 12.84
C CYS A 429 5.69 2.30 12.32
N VAL A 430 4.93 2.68 11.30
CA VAL A 430 5.19 3.88 10.56
C VAL A 430 4.16 4.90 11.02
N ILE A 431 4.58 5.77 11.93
CA ILE A 431 3.64 6.51 12.79
C ILE A 431 3.10 7.72 12.04
N PRO A 432 1.79 7.93 12.02
CA PRO A 432 1.24 9.10 11.33
C PRO A 432 1.29 10.36 12.18
N LYS A 433 1.35 11.51 11.51
CA LYS A 433 1.48 12.77 12.23
C LYS A 433 0.20 13.16 12.93
N GLN A 434 -0.94 12.93 12.29
CA GLN A 434 -2.22 13.37 12.84
C GLN A 434 -2.74 12.47 13.92
N GLN A 435 -1.91 11.60 14.49
CA GLN A 435 -2.20 11.01 15.78
C GLN A 435 -1.37 11.63 16.88
N LEU A 436 -0.05 11.67 16.74
CA LEU A 436 0.75 12.13 17.86
C LEU A 436 0.78 13.64 17.98
N VAL A 437 0.64 14.37 16.88
CA VAL A 437 0.57 15.83 16.98
C VAL A 437 -0.72 16.25 17.66
N HIS A 438 -1.82 15.59 17.30
CA HIS A 438 -3.08 15.84 17.97
C HIS A 438 -3.03 15.41 19.43
N GLY A 439 -2.30 14.34 19.76
CA GLY A 439 -2.14 13.97 21.15
C GLY A 439 -1.33 14.98 21.94
N TRP A 440 -0.26 15.50 21.34
CA TRP A 440 0.56 16.54 21.95
C TRP A 440 -0.26 17.77 22.26
N ILE A 441 -0.91 18.32 21.23
CA ILE A 441 -1.68 19.54 21.42
C ILE A 441 -2.95 19.30 22.21
N GLY A 442 -3.36 18.05 22.36
CA GLY A 442 -4.44 17.74 23.25
C GLY A 442 -4.00 17.88 24.69
N GLU A 443 -3.07 17.05 25.13
CA GLU A 443 -2.79 17.07 26.56
C GLU A 443 -1.79 18.15 26.97
N GLY A 444 -1.40 19.02 26.05
CA GLY A 444 -0.85 20.30 26.40
C GLY A 444 0.65 20.45 26.36
N PHE A 445 1.36 19.56 25.69
CA PHE A 445 2.81 19.65 25.62
C PHE A 445 3.29 20.83 24.80
N VAL A 446 2.44 21.43 23.98
CA VAL A 446 2.79 22.60 23.18
C VAL A 446 2.05 23.78 23.77
N MET A 447 2.73 24.92 23.85
CA MET A 447 2.21 26.12 24.46
C MET A 447 2.19 27.25 23.43
N TRP A 448 1.25 28.18 23.62
CA TRP A 448 1.15 29.33 22.73
C TRP A 448 0.44 30.46 23.46
N ARG A 449 0.86 31.69 23.18
CA ARG A 449 0.26 32.85 23.80
C ARG A 449 -0.15 33.88 22.76
N ASN A 450 0.65 34.03 21.71
CA ASN A 450 0.62 35.21 20.85
C ASN A 450 0.37 34.83 19.39
N GLY A 451 -0.90 34.78 19.00
CA GLY A 451 -1.27 34.67 17.60
C GLY A 451 -1.03 33.32 16.97
N ARG A 452 0.21 32.82 17.02
CA ARG A 452 0.56 31.54 16.46
C ARG A 452 -0.06 30.42 17.29
N SER A 453 -1.24 29.96 16.89
CA SER A 453 -2.11 29.19 17.78
C SER A 453 -1.79 27.70 17.87
N ALA A 454 -2.05 26.95 16.79
CA ALA A 454 -2.13 25.51 16.95
C ALA A 454 -1.14 24.72 16.09
N THR A 455 -1.29 24.78 14.77
CA THR A 455 -0.54 23.87 13.92
C THR A 455 0.82 24.43 13.58
N GLU A 456 0.89 25.74 13.44
CA GLU A 456 2.14 26.50 13.35
C GLU A 456 3.01 26.37 14.60
N SER A 457 2.49 25.83 15.69
CA SER A 457 3.27 25.45 16.86
C SER A 457 3.54 23.96 16.95
N GLY A 458 2.53 23.13 16.67
CA GLY A 458 2.72 21.69 16.78
C GLY A 458 3.66 21.14 15.72
N GLU A 459 3.43 21.52 14.46
CA GLU A 459 4.37 21.17 13.40
C GLU A 459 5.73 21.84 13.61
N ASP A 460 5.76 22.98 14.31
CA ASP A 460 7.03 23.60 14.64
C ASP A 460 7.85 22.74 15.59
N CYS A 461 7.23 22.27 16.68
CA CYS A 461 8.01 21.49 17.62
C CYS A 461 8.32 20.10 17.08
N PHE A 462 7.43 19.55 16.25
CA PHE A 462 7.77 18.29 15.58
C PHE A 462 8.91 18.49 14.58
N SER A 463 8.94 19.63 13.90
CA SER A 463 10.01 19.88 12.93
C SER A 463 11.32 20.14 13.65
N GLY A 464 11.27 20.71 14.85
CA GLY A 464 12.48 20.80 15.65
C GLY A 464 12.98 19.44 16.10
N LEU A 465 12.05 18.57 16.50
CA LEU A 465 12.40 17.22 16.90
C LEU A 465 12.99 16.43 15.74
N THR A 466 12.57 16.71 14.51
CA THR A 466 13.23 16.05 13.40
C THR A 466 14.44 16.81 12.91
N ASN A 467 14.65 18.06 13.35
CA ASN A 467 15.96 18.68 13.17
C ASN A 467 17.00 18.02 14.05
N ARG A 468 16.60 17.58 15.23
CA ARG A 468 17.56 16.95 16.15
C ARG A 468 17.83 15.48 15.84
N CYS A 469 17.34 14.98 14.70
CA CYS A 469 17.64 13.66 14.15
C CYS A 469 17.21 12.52 15.07
N LEU A 470 16.22 12.76 15.92
CA LEU A 470 15.64 11.64 16.66
C LEU A 470 14.62 10.91 15.80
N ILE A 471 13.77 11.67 15.11
CA ILE A 471 12.68 11.13 14.33
C ILE A 471 12.90 11.52 12.87
N GLU A 472 12.65 10.58 11.96
CA GLU A 472 13.00 10.76 10.57
C GLU A 472 11.77 10.59 9.68
N VAL A 473 11.79 11.30 8.57
CA VAL A 473 10.70 11.27 7.62
C VAL A 473 10.70 9.93 6.89
N VAL A 474 9.51 9.49 6.47
CA VAL A 474 9.37 8.33 5.61
C VAL A 474 8.77 8.72 4.27
N ASP A 475 7.71 9.50 4.28
CA ASP A 475 7.00 9.85 3.07
C ASP A 475 6.66 11.33 3.07
N LYS A 476 6.71 11.90 1.88
CA LYS A 476 6.35 13.29 1.65
C LYS A 476 5.08 13.33 0.81
N THR A 477 4.69 14.54 0.43
CA THR A 477 3.65 14.73 -0.55
C THR A 477 4.25 15.41 -1.77
N TYR A 478 3.39 15.82 -2.68
CA TYR A 478 3.79 16.76 -3.71
C TYR A 478 4.26 18.07 -3.09
N SER A 479 3.60 18.48 -2.01
CA SER A 479 3.90 19.75 -1.38
C SER A 479 5.09 19.67 -0.45
N GLY A 480 5.37 18.51 0.11
CA GLY A 480 6.43 18.40 1.07
C GLY A 480 6.01 18.48 2.51
N THR A 481 4.71 18.50 2.80
CA THR A 481 4.29 18.31 4.17
C THR A 481 4.52 16.86 4.58
N ILE A 482 4.62 16.66 5.87
CA ILE A 482 5.05 15.37 6.40
C ILE A 482 3.83 14.60 6.86
N ILE A 483 3.87 13.27 6.69
CA ILE A 483 2.72 12.44 7.03
C ILE A 483 3.13 11.41 8.07
N THR A 484 4.04 10.52 7.71
CA THR A 484 4.42 9.40 8.55
C THR A 484 5.91 9.40 8.83
N CYS A 485 6.27 8.94 10.01
CA CYS A 485 7.64 9.01 10.50
C CYS A 485 7.93 7.79 11.36
N LYS A 486 9.17 7.34 11.32
CA LYS A 486 9.57 6.14 12.06
C LYS A 486 10.74 6.47 12.96
N ILE A 487 11.17 5.47 13.72
CA ILE A 487 12.22 5.58 14.72
C ILE A 487 13.30 4.56 14.39
N HIS A 488 14.31 4.48 15.24
CA HIS A 488 15.23 3.36 15.14
C HIS A 488 15.11 2.45 16.35
N ASP A 489 15.64 1.25 16.21
CA ASP A 489 15.53 0.27 17.28
C ASP A 489 16.42 0.64 18.46
N MET A 490 17.64 1.07 18.19
CA MET A 490 18.59 1.42 19.24
C MET A 490 18.39 2.83 19.76
N VAL A 491 17.29 3.49 19.42
CA VAL A 491 16.77 4.57 20.23
C VAL A 491 15.42 4.24 20.85
N ARG A 492 14.67 3.30 20.28
CA ARG A 492 13.40 2.96 20.89
C ARG A 492 13.61 2.13 22.15
N ASP A 493 14.69 1.36 22.23
CA ASP A 493 14.97 0.66 23.48
C ASP A 493 15.41 1.63 24.55
N LEU A 494 16.14 2.68 24.16
CA LEU A 494 16.54 3.73 25.09
C LEU A 494 15.34 4.44 25.67
N VAL A 495 14.42 4.86 24.80
CA VAL A 495 13.26 5.56 25.32
C VAL A 495 12.31 4.60 26.03
N ILE A 496 12.36 3.31 25.73
CA ILE A 496 11.68 2.31 26.56
C ILE A 496 12.29 2.29 27.97
N ASP A 497 13.62 2.40 28.06
CA ASP A 497 14.27 2.43 29.37
C ASP A 497 13.94 3.71 30.13
N ILE A 498 13.85 4.83 29.41
CA ILE A 498 13.48 6.09 30.06
C ILE A 498 12.03 6.04 30.53
N ALA A 499 11.18 5.35 29.77
CA ALA A 499 9.81 5.12 30.22
C ALA A 499 9.76 4.21 31.43
N LYS A 500 10.66 3.23 31.49
CA LYS A 500 10.71 2.30 32.62
C LYS A 500 11.12 3.02 33.89
N LYS A 501 12.20 3.80 33.83
CA LYS A 501 12.72 4.46 35.01
C LYS A 501 12.04 5.79 35.31
N ASP A 502 10.86 6.05 34.76
CA ASP A 502 10.14 7.27 35.09
C ASP A 502 8.64 7.09 35.24
N SER A 503 8.13 5.87 35.29
CA SER A 503 6.71 5.53 35.45
C SER A 503 5.87 6.18 34.34
N PHE A 504 6.17 5.78 33.12
CA PHE A 504 5.56 6.40 31.95
C PHE A 504 4.67 5.47 31.17
N SER A 505 5.13 4.26 30.83
CA SER A 505 4.36 3.33 30.03
C SER A 505 4.76 1.91 30.42
N ASN A 506 4.46 0.95 29.54
CA ASN A 506 4.54 -0.50 29.78
C ASN A 506 3.72 -0.89 31.00
N PRO A 507 2.40 -1.03 30.86
CA PRO A 507 1.52 -1.26 32.02
C PRO A 507 1.59 -2.66 32.60
N GLU A 508 2.56 -3.47 32.20
CA GLU A 508 2.91 -4.70 32.89
C GLU A 508 3.64 -4.27 34.17
N GLY A 509 2.85 -3.86 35.16
CA GLY A 509 3.30 -2.93 36.17
C GLY A 509 2.53 -1.64 36.01
N LEU A 510 1.59 -1.40 36.93
CA LEU A 510 0.47 -0.50 36.68
C LEU A 510 0.86 0.98 36.61
N ASN A 511 1.83 1.41 37.41
CA ASN A 511 2.09 2.84 37.59
C ASN A 511 2.74 3.45 36.36
N CYS A 512 1.93 4.01 35.47
CA CYS A 512 2.41 4.56 34.21
C CYS A 512 1.73 5.91 33.96
N ARG A 513 2.29 6.67 33.02
CA ARG A 513 1.79 8.00 32.76
C ARG A 513 0.55 7.96 31.88
N HIS A 514 0.69 7.48 30.65
CA HIS A 514 -0.47 7.35 29.77
C HIS A 514 -0.26 6.16 28.84
N LEU A 515 -1.38 5.56 28.45
CA LEU A 515 -1.39 4.22 27.86
C LEU A 515 -1.54 4.28 26.35
N GLY A 516 -1.02 3.26 25.68
CA GLY A 516 -1.26 3.08 24.27
C GLY A 516 -1.50 1.63 23.91
N ILE A 517 -2.56 1.38 23.16
CA ILE A 517 -3.03 0.02 22.91
C ILE A 517 -2.80 -0.35 21.45
N SER A 518 -2.24 -1.53 21.23
CA SER A 518 -2.11 -2.12 19.91
C SER A 518 -2.78 -3.49 19.95
N GLY A 519 -2.56 -4.31 18.92
CA GLY A 519 -3.32 -5.52 18.69
C GLY A 519 -3.34 -6.58 19.79
N ASN A 520 -4.47 -6.64 20.49
CA ASN A 520 -4.80 -7.65 21.51
C ASN A 520 -3.75 -7.71 22.61
N PHE A 521 -3.56 -6.58 23.27
CA PHE A 521 -2.52 -6.44 24.27
C PHE A 521 -3.03 -6.07 25.65
N ASP A 522 -4.18 -5.41 25.75
CA ASP A 522 -4.84 -5.18 27.02
C ASP A 522 -6.01 -6.15 27.18
N GLU A 523 -5.82 -7.38 26.72
CA GLU A 523 -6.75 -8.45 27.04
C GLU A 523 -6.64 -8.90 28.49
N LYS A 524 -5.59 -8.47 29.19
CA LYS A 524 -5.54 -8.53 30.65
C LYS A 524 -6.49 -7.52 31.30
N GLN A 525 -7.02 -6.57 30.52
CA GLN A 525 -7.91 -5.50 30.97
C GLN A 525 -7.23 -4.67 32.07
N ILE A 526 -6.19 -3.96 31.64
CA ILE A 526 -5.39 -3.15 32.55
C ILE A 526 -6.27 -2.02 33.09
N LYS A 527 -6.42 -1.99 34.41
CA LYS A 527 -7.53 -1.33 35.05
C LYS A 527 -7.31 0.18 35.13
N VAL A 528 -8.20 0.86 35.83
CA VAL A 528 -8.12 2.30 36.00
C VAL A 528 -7.09 2.61 37.09
N ASN A 529 -6.02 3.26 36.69
CA ASN A 529 -5.19 3.99 37.62
C ASN A 529 -5.57 5.46 37.52
N HIS A 530 -5.34 6.19 38.60
CA HIS A 530 -5.72 7.59 38.61
C HIS A 530 -4.73 8.47 37.88
N LYS A 531 -3.52 7.97 37.63
CA LYS A 531 -2.47 8.75 36.97
C LYS A 531 -2.84 9.11 35.53
N LEU A 532 -2.81 8.10 34.64
CA LEU A 532 -3.59 7.95 33.41
C LEU A 532 -3.96 9.21 32.62
N ARG A 533 -2.97 9.96 32.14
CA ARG A 533 -3.28 11.23 31.48
C ARG A 533 -4.01 11.04 30.16
N GLY A 534 -3.78 9.92 29.48
CA GLY A 534 -4.48 9.68 28.23
C GLY A 534 -4.23 8.31 27.68
N VAL A 535 -4.71 8.07 26.47
CA VAL A 535 -4.55 6.78 25.82
C VAL A 535 -4.59 6.99 24.31
N VAL A 536 -3.74 6.25 23.60
CA VAL A 536 -3.64 6.37 22.15
C VAL A 536 -3.62 4.97 21.53
N SER A 537 -4.38 4.79 20.46
CA SER A 537 -4.29 3.56 19.71
C SER A 537 -3.06 3.57 18.82
N THR A 538 -2.46 2.40 18.65
CA THR A 538 -1.31 2.25 17.77
C THR A 538 -1.44 0.99 16.95
N THR A 539 -0.85 1.01 15.76
CA THR A 539 -1.11 0.01 14.75
C THR A 539 0.03 0.04 13.74
N LYS A 540 0.39 -1.13 13.22
CA LYS A 540 1.52 -1.34 12.32
C LYS A 540 1.10 -1.30 10.87
N THR A 541 0.23 -0.36 10.49
CA THR A 541 -0.26 -0.07 9.13
C THR A 541 -0.73 -1.33 8.39
N GLY A 542 -1.87 -1.82 8.84
CA GLY A 542 -2.41 -3.00 8.20
C GLY A 542 -3.21 -3.94 9.07
N GLU A 543 -3.41 -3.60 10.32
CA GLU A 543 -4.21 -4.44 11.20
C GLU A 543 -5.26 -3.60 11.91
N VAL A 544 -6.17 -4.30 12.60
CA VAL A 544 -7.16 -3.67 13.47
C VAL A 544 -7.16 -4.40 14.79
N ASN A 545 -6.98 -3.66 15.87
CA ASN A 545 -7.09 -4.23 17.21
C ASN A 545 -8.56 -4.29 17.59
N LYS A 546 -9.13 -5.50 17.56
CA LYS A 546 -10.49 -5.69 18.04
C LYS A 546 -10.52 -5.52 19.55
N LEU A 547 -11.63 -4.99 20.06
CA LEU A 547 -11.75 -4.85 21.49
C LEU A 547 -13.22 -4.92 21.90
N ASN A 548 -13.45 -5.50 23.06
CA ASN A 548 -14.78 -5.77 23.57
C ASN A 548 -15.41 -4.49 24.14
N SER A 549 -16.56 -4.66 24.77
CA SER A 549 -17.30 -3.53 25.31
C SER A 549 -16.91 -3.20 26.75
N ASP A 550 -16.18 -4.08 27.43
CA ASP A 550 -15.90 -3.87 28.85
C ASP A 550 -14.87 -2.78 29.05
N LEU A 551 -13.83 -2.74 28.22
CA LEU A 551 -12.84 -1.69 28.34
C LEU A 551 -13.35 -0.34 27.89
N ALA A 552 -14.44 -0.31 27.11
CA ALA A 552 -15.14 0.94 26.89
C ALA A 552 -15.70 1.51 28.19
N LYS A 553 -16.21 0.63 29.06
CA LYS A 553 -16.64 1.08 30.38
C LYS A 553 -15.45 1.43 31.24
N LYS A 554 -14.35 0.70 31.09
CA LYS A 554 -13.13 0.99 31.85
C LYS A 554 -12.49 2.31 31.44
N PHE A 555 -12.79 2.79 30.23
CA PHE A 555 -12.38 4.14 29.83
C PHE A 555 -13.03 5.18 30.73
N THR A 556 -14.36 5.25 30.72
CA THR A 556 -15.07 6.24 31.51
C THR A 556 -15.06 5.94 33.01
N ASP A 557 -14.53 4.79 33.42
CA ASP A 557 -14.23 4.59 34.84
C ASP A 557 -13.16 5.55 35.32
N CYS A 558 -12.27 6.00 34.43
CA CYS A 558 -11.24 6.95 34.82
C CYS A 558 -11.80 8.35 34.91
N LYS A 559 -10.94 9.30 35.23
CA LYS A 559 -11.38 10.67 35.51
C LYS A 559 -10.72 11.71 34.63
N TYR A 560 -9.41 11.61 34.41
CA TYR A 560 -8.64 12.69 33.78
C TYR A 560 -7.91 12.13 32.57
N LEU A 561 -8.61 12.12 31.44
CA LEU A 561 -8.21 11.39 30.24
C LEU A 561 -8.14 12.33 29.05
N ARG A 562 -7.37 13.40 29.22
CA ARG A 562 -7.18 14.51 28.28
C ARG A 562 -7.08 14.14 26.80
N VAL A 563 -6.40 13.04 26.48
CA VAL A 563 -6.32 12.57 25.11
C VAL A 563 -6.88 11.15 25.00
N LEU A 564 -7.70 10.97 23.98
CA LEU A 564 -8.36 9.69 23.70
C LEU A 564 -8.48 9.55 22.21
N ASP A 565 -7.94 8.47 21.65
CA ASP A 565 -8.20 8.15 20.26
C ASP A 565 -8.09 6.66 20.05
N ILE A 566 -9.15 6.08 19.54
CA ILE A 566 -9.23 4.66 19.24
C ILE A 566 -9.43 4.61 17.73
N SER A 567 -8.36 4.66 16.96
CA SER A 567 -8.52 4.89 15.53
C SER A 567 -8.79 3.59 14.78
N LYS A 568 -7.78 2.74 14.66
CA LYS A 568 -7.93 1.59 13.78
C LYS A 568 -8.54 0.41 14.51
N SER A 569 -9.69 0.62 15.13
CA SER A 569 -10.32 -0.44 15.90
C SER A 569 -11.78 -0.59 15.52
N ILE A 570 -12.29 -1.81 15.65
CA ILE A 570 -13.70 -2.09 15.40
C ILE A 570 -14.31 -2.64 16.68
N PHE A 571 -15.60 -2.39 16.86
CA PHE A 571 -16.31 -2.85 18.04
C PHE A 571 -17.49 -3.71 17.64
N ASP A 572 -18.00 -4.47 18.61
CA ASP A 572 -19.20 -5.26 18.44
C ASP A 572 -20.42 -4.61 19.08
N ALA A 573 -20.37 -3.30 19.26
CA ALA A 573 -21.49 -2.53 19.81
C ALA A 573 -21.36 -1.11 19.31
N PRO A 574 -22.47 -0.42 19.05
CA PRO A 574 -22.38 0.95 18.56
C PRO A 574 -21.90 1.90 19.64
N LEU A 575 -21.21 2.96 19.19
CA LEU A 575 -20.62 3.91 20.11
C LEU A 575 -21.65 4.78 20.80
N SER A 576 -22.83 4.94 20.21
CA SER A 576 -23.82 5.84 20.79
C SER A 576 -24.39 5.31 22.10
N GLU A 577 -24.39 3.99 22.29
CA GLU A 577 -24.88 3.40 23.52
C GLU A 577 -23.76 2.93 24.43
N ILE A 578 -22.51 2.98 23.99
CA ILE A 578 -21.39 2.61 24.86
C ILE A 578 -20.50 3.80 25.18
N LEU A 579 -20.63 4.91 24.48
CA LEU A 579 -19.98 6.16 24.86
C LEU A 579 -21.03 7.19 25.26
N ASP A 580 -22.02 6.74 26.02
CA ASP A 580 -23.04 7.61 26.58
C ASP A 580 -22.78 7.90 28.05
N GLU A 581 -21.54 7.70 28.51
CA GLU A 581 -21.12 7.96 29.88
C GLU A 581 -19.90 8.87 29.88
N ILE A 582 -19.94 9.91 29.05
CA ILE A 582 -18.79 10.78 28.86
C ILE A 582 -18.98 12.14 29.50
N ALA A 583 -20.22 12.60 29.66
CA ALA A 583 -20.49 13.94 30.18
C ALA A 583 -20.12 14.10 31.65
N SER A 584 -19.91 12.99 32.36
CA SER A 584 -19.45 13.06 33.74
C SER A 584 -17.97 13.44 33.84
N LEU A 585 -17.22 13.35 32.74
CA LEU A 585 -15.77 13.51 32.79
C LEU A 585 -15.31 14.96 32.79
N GLN A 586 -15.61 15.69 31.71
CA GLN A 586 -15.39 17.13 31.48
C GLN A 586 -13.94 17.55 31.30
N HIS A 587 -12.98 16.68 31.59
CA HIS A 587 -11.57 17.05 31.42
C HIS A 587 -11.03 16.41 30.14
N LEU A 588 -11.63 16.79 29.03
CA LEU A 588 -11.24 16.24 27.74
C LEU A 588 -10.79 17.38 26.83
N ALA A 589 -9.67 17.17 26.14
CA ALA A 589 -9.26 18.06 25.09
C ALA A 589 -9.26 17.41 23.72
N CYS A 590 -9.22 16.08 23.69
CA CYS A 590 -8.96 15.37 22.45
C CYS A 590 -9.72 14.07 22.39
N LEU A 591 -10.68 14.01 21.47
CA LEU A 591 -11.19 12.74 21.00
C LEU A 591 -11.10 12.77 19.49
N SER A 592 -10.86 11.60 18.91
CA SER A 592 -10.86 11.46 17.47
C SER A 592 -11.17 10.02 17.11
N LEU A 593 -12.29 9.79 16.45
CA LEU A 593 -12.74 8.45 16.13
C LEU A 593 -12.72 8.30 14.62
N SER A 594 -11.56 7.97 14.08
CA SER A 594 -11.35 7.84 12.65
C SER A 594 -11.21 6.38 12.29
N ASN A 595 -11.87 5.98 11.20
CA ASN A 595 -11.88 4.60 10.68
C ASN A 595 -12.40 3.61 11.72
N THR A 596 -13.64 3.81 12.14
CA THR A 596 -14.28 2.98 13.15
C THR A 596 -15.73 2.78 12.75
N HIS A 597 -16.14 1.53 12.58
CA HIS A 597 -17.45 1.35 11.96
C HIS A 597 -18.68 1.50 12.86
N PRO A 598 -18.75 1.01 14.13
CA PRO A 598 -20.05 1.17 14.81
C PRO A 598 -20.16 2.54 15.48
N LEU A 599 -20.24 3.58 14.66
CA LEU A 599 -20.34 4.96 15.10
C LEU A 599 -21.47 5.63 14.32
N ILE A 600 -22.64 5.01 14.35
CA ILE A 600 -23.81 5.49 13.59
C ILE A 600 -24.21 6.90 14.02
N GLN A 601 -24.14 7.20 15.31
CA GLN A 601 -24.50 8.52 15.79
C GLN A 601 -23.49 8.97 16.82
N PHE A 602 -23.13 10.26 16.78
CA PHE A 602 -22.34 10.82 17.86
C PHE A 602 -23.17 10.85 19.15
N PRO A 603 -22.53 10.76 20.31
CA PRO A 603 -23.30 10.58 21.56
C PRO A 603 -24.16 11.77 21.93
N ARG A 604 -25.37 11.46 22.40
CA ARG A 604 -26.36 12.44 22.81
C ARG A 604 -25.93 13.27 24.01
N SER A 605 -25.03 12.74 24.84
CA SER A 605 -24.63 13.40 26.09
C SER A 605 -23.48 14.36 25.90
N MET A 606 -23.32 14.95 24.70
CA MET A 606 -22.21 15.85 24.43
C MET A 606 -22.57 17.29 24.69
N GLU A 607 -23.49 17.54 25.63
CA GLU A 607 -23.94 18.90 25.91
C GLU A 607 -22.97 19.62 26.83
N ASP A 608 -22.81 19.11 28.05
CA ASP A 608 -22.13 19.87 29.11
C ASP A 608 -20.67 19.43 29.23
N LEU A 609 -19.90 19.80 28.21
CA LEU A 609 -18.45 19.71 28.26
C LEU A 609 -17.93 20.79 27.33
N HIS A 610 -16.83 21.43 27.73
CA HIS A 610 -16.54 22.75 27.20
C HIS A 610 -15.16 22.87 26.59
N ASN A 611 -14.20 22.03 26.98
CA ASN A 611 -12.87 22.24 26.46
C ASN A 611 -12.71 21.60 25.07
N LEU A 612 -12.60 20.26 25.05
CA LEU A 612 -12.61 19.35 23.90
C LEU A 612 -12.01 19.91 22.62
N GLN A 613 -10.71 20.23 22.71
CA GLN A 613 -10.09 21.22 21.83
C GLN A 613 -10.08 20.78 20.38
N ILE A 614 -10.02 19.47 20.13
CA ILE A 614 -9.95 18.94 18.77
C ILE A 614 -10.95 17.79 18.63
N LEU A 615 -11.46 17.59 17.41
CA LEU A 615 -12.28 16.42 17.13
C LEU A 615 -12.20 16.09 15.65
N ASP A 616 -12.20 14.79 15.38
CA ASP A 616 -11.85 14.26 14.07
C ASP A 616 -12.44 12.87 13.91
N ALA A 617 -13.43 12.76 13.04
CA ALA A 617 -13.83 11.44 12.57
C ALA A 617 -13.47 11.41 11.10
N SER A 618 -12.22 11.07 10.84
CA SER A 618 -11.69 11.11 9.49
C SER A 618 -11.96 9.79 8.79
N TYR A 619 -12.44 9.89 7.55
CA TYR A 619 -12.85 8.80 6.68
C TYR A 619 -13.96 7.93 7.24
N CYS A 620 -14.63 8.33 8.32
CA CYS A 620 -15.70 7.52 8.87
C CYS A 620 -16.96 7.72 8.04
N GLN A 621 -17.56 6.62 7.61
CA GLN A 621 -18.54 6.68 6.54
C GLN A 621 -19.99 6.74 7.00
N ASN A 622 -20.30 6.33 8.22
CA ASN A 622 -21.69 6.15 8.63
C ASN A 622 -22.02 7.06 9.79
N LEU A 623 -22.32 8.32 9.50
CA LEU A 623 -22.69 9.32 10.50
C LEU A 623 -23.97 9.99 10.03
N LYS A 624 -25.12 9.48 10.44
CA LYS A 624 -26.39 9.94 9.88
C LYS A 624 -26.75 11.35 10.31
N GLN A 625 -26.10 11.91 11.32
CA GLN A 625 -26.36 13.28 11.73
C GLN A 625 -25.15 13.78 12.51
N LEU A 626 -25.01 15.10 12.54
CA LEU A 626 -24.02 15.76 13.40
C LEU A 626 -24.78 16.59 14.43
N GLN A 627 -24.52 16.31 15.71
CA GLN A 627 -25.36 16.78 16.81
C GLN A 627 -25.31 18.31 16.91
N PRO A 628 -26.43 18.97 17.22
CA PRO A 628 -26.42 20.44 17.25
C PRO A 628 -25.62 21.03 18.39
N CYS A 629 -25.70 20.41 19.57
CA CYS A 629 -25.16 20.99 20.80
C CYS A 629 -23.64 21.14 20.79
N ILE A 630 -22.94 20.52 19.83
CA ILE A 630 -21.51 20.67 19.72
C ILE A 630 -21.11 22.08 19.31
N VAL A 631 -22.05 22.88 18.79
CA VAL A 631 -21.67 24.25 18.51
C VAL A 631 -21.75 25.13 19.75
N LEU A 632 -22.29 24.61 20.85
CA LEU A 632 -22.52 25.44 22.02
C LEU A 632 -21.33 25.51 22.97
N PHE A 633 -20.11 25.25 22.51
CA PHE A 633 -18.92 25.56 23.30
C PHE A 633 -17.91 26.31 22.43
N LYS A 634 -17.42 27.42 22.93
CA LYS A 634 -16.56 28.34 22.18
C LYS A 634 -15.09 28.12 22.48
N LYS A 635 -14.55 26.91 22.34
CA LYS A 635 -13.11 26.76 22.55
C LYS A 635 -12.40 25.86 21.57
N LEU A 636 -13.08 25.04 20.78
CA LEU A 636 -12.39 23.97 20.06
C LEU A 636 -11.59 24.53 18.89
N LEU A 637 -10.67 23.71 18.39
CA LEU A 637 -9.67 24.18 17.46
C LEU A 637 -9.77 23.49 16.11
N VAL A 638 -9.75 22.16 16.08
CA VAL A 638 -9.79 21.38 14.85
C VAL A 638 -11.11 20.66 14.77
N LEU A 639 -11.86 20.88 13.70
CA LEU A 639 -13.06 20.10 13.44
C LEU A 639 -12.87 19.46 12.07
N ASP A 640 -12.70 18.15 12.05
CA ASP A 640 -12.41 17.47 10.80
C ASP A 640 -13.37 16.31 10.59
N MET A 641 -14.23 16.44 9.60
CA MET A 641 -15.13 15.38 9.18
C MET A 641 -14.89 15.21 7.69
N THR A 642 -13.83 14.50 7.34
CA THR A 642 -13.41 14.47 5.94
C THR A 642 -13.82 13.17 5.27
N ASN A 643 -14.24 13.32 4.01
CA ASN A 643 -14.62 12.22 3.12
C ASN A 643 -15.78 11.39 3.68
N CYS A 644 -16.62 12.00 4.51
CA CYS A 644 -17.77 11.33 5.10
C CYS A 644 -18.96 11.64 4.21
N GLY A 645 -19.36 10.67 3.39
CA GLY A 645 -20.45 10.90 2.47
C GLY A 645 -21.80 10.96 3.16
N SER A 646 -22.12 9.94 3.94
CA SER A 646 -23.42 9.90 4.62
C SER A 646 -23.39 10.83 5.81
N LEU A 647 -24.16 11.92 5.75
CA LEU A 647 -24.07 12.97 6.74
C LEU A 647 -25.25 13.92 6.57
N GLU A 648 -25.72 14.48 7.69
CA GLU A 648 -26.69 15.58 7.69
C GLU A 648 -26.01 16.94 7.63
N CYS A 649 -24.69 16.92 7.57
CA CYS A 649 -23.79 17.84 6.87
C CYS A 649 -23.47 19.19 7.50
N PHE A 650 -24.19 19.64 8.54
CA PHE A 650 -23.77 20.41 9.73
C PHE A 650 -24.97 20.83 10.56
N PRO A 651 -24.77 21.25 11.81
CA PRO A 651 -25.79 22.07 12.47
C PRO A 651 -25.79 23.51 11.95
N LYS A 652 -26.56 24.38 12.61
CA LYS A 652 -26.78 25.71 12.04
C LYS A 652 -25.63 26.66 12.36
N GLY A 653 -25.43 26.97 13.63
CA GLY A 653 -24.66 28.15 13.97
C GLY A 653 -23.15 28.02 14.02
N ILE A 654 -22.54 27.36 13.03
CA ILE A 654 -21.12 27.02 13.10
C ILE A 654 -20.23 28.25 12.94
N GLY A 655 -20.78 29.39 12.52
CA GLY A 655 -20.01 30.61 12.55
C GLY A 655 -19.88 31.24 13.92
N SER A 656 -20.52 30.67 14.94
CA SER A 656 -20.52 31.27 16.26
C SER A 656 -19.21 31.07 17.00
N LEU A 657 -18.44 30.03 16.67
CA LEU A 657 -17.15 29.88 17.30
C LEU A 657 -16.15 30.83 16.67
N VAL A 658 -15.05 31.08 17.39
CA VAL A 658 -14.01 31.98 16.91
C VAL A 658 -12.67 31.29 16.68
N LYS A 659 -12.34 30.24 17.43
CA LYS A 659 -11.00 29.66 17.41
C LYS A 659 -10.91 28.42 16.53
N LEU A 660 -11.64 28.39 15.42
CA LEU A 660 -11.53 27.31 14.46
C LEU A 660 -10.43 27.65 13.47
N GLU A 661 -9.38 26.87 13.47
CA GLU A 661 -8.30 27.14 12.55
C GLU A 661 -8.15 26.08 11.47
N VAL A 662 -8.64 24.87 11.68
CA VAL A 662 -8.76 23.90 10.61
C VAL A 662 -10.03 23.09 10.83
N LEU A 663 -10.97 23.29 9.91
CA LEU A 663 -12.29 22.66 9.94
C LEU A 663 -12.55 22.24 8.51
N LEU A 664 -12.34 20.96 8.23
CA LEU A 664 -12.41 20.54 6.84
C LEU A 664 -13.33 19.34 6.69
N GLY A 665 -14.09 19.34 5.59
CA GLY A 665 -15.28 18.52 5.47
C GLY A 665 -16.52 19.31 5.83
N PHE A 666 -16.68 20.47 5.17
CA PHE A 666 -17.68 21.45 5.60
C PHE A 666 -19.10 20.99 5.27
N LYS A 667 -19.37 20.67 4.00
CA LYS A 667 -20.69 20.38 3.44
C LYS A 667 -21.67 21.49 3.72
N PRO A 668 -21.63 22.60 2.98
CA PRO A 668 -22.62 23.68 3.18
C PRO A 668 -24.03 23.17 2.96
N ALA A 669 -24.92 23.50 3.88
CA ALA A 669 -26.20 22.82 3.96
C ALA A 669 -27.19 23.39 2.96
N ARG A 670 -28.46 23.02 3.11
CA ARG A 670 -29.49 23.43 2.17
C ARG A 670 -29.97 24.84 2.52
N SER A 671 -31.06 25.28 1.88
CA SER A 671 -31.48 26.67 1.92
C SER A 671 -31.89 27.15 3.31
N ASN A 672 -33.01 26.67 3.82
CA ASN A 672 -33.37 26.93 5.23
C ASN A 672 -33.04 25.72 6.08
N ASN A 673 -31.79 25.27 6.00
CA ASN A 673 -31.37 24.05 6.67
C ASN A 673 -29.91 24.24 7.07
N GLY A 674 -29.57 23.77 8.27
CA GLY A 674 -28.19 23.59 8.71
C GLY A 674 -27.36 24.85 8.68
N CYS A 675 -26.09 24.69 8.37
CA CYS A 675 -25.21 25.83 8.21
C CYS A 675 -25.36 26.42 6.82
N LYS A 676 -24.49 27.39 6.53
CA LYS A 676 -24.49 28.06 5.23
C LYS A 676 -23.05 28.39 4.84
N LEU A 677 -22.88 29.24 3.84
CA LEU A 677 -21.55 29.75 3.53
C LEU A 677 -21.34 31.19 3.96
N SER A 678 -22.40 31.98 4.06
CA SER A 678 -22.25 33.36 4.53
C SER A 678 -21.86 33.39 5.99
N GLU A 679 -22.42 32.48 6.79
CA GLU A 679 -22.22 32.49 8.22
C GLU A 679 -20.82 32.07 8.65
N VAL A 680 -20.00 31.54 7.74
CA VAL A 680 -18.61 31.30 8.11
C VAL A 680 -17.80 32.60 8.10
N LYS A 681 -18.38 33.69 7.57
CA LYS A 681 -17.70 34.97 7.48
C LYS A 681 -17.38 35.54 8.86
N ASN A 682 -18.15 35.17 9.87
CA ASN A 682 -17.87 35.54 11.25
C ASN A 682 -16.53 35.01 11.74
N LEU A 683 -16.04 33.92 11.15
CA LEU A 683 -14.73 33.41 11.53
C LEU A 683 -13.62 34.27 10.94
N THR A 684 -12.44 34.16 11.55
CA THR A 684 -11.22 34.76 11.06
C THR A 684 -10.05 33.80 11.14
N ASN A 685 -10.09 32.85 12.07
CA ASN A 685 -8.92 32.14 12.56
C ASN A 685 -8.47 31.00 11.68
N LEU A 686 -9.09 30.77 10.51
CA LEU A 686 -8.87 29.53 9.79
C LEU A 686 -7.48 29.45 9.19
N ARG A 687 -7.03 28.24 9.00
CA ARG A 687 -5.86 27.90 8.18
C ARG A 687 -6.20 26.87 7.11
N LYS A 688 -6.96 25.84 7.46
CA LYS A 688 -7.32 24.81 6.49
C LYS A 688 -8.81 24.51 6.60
N LEU A 689 -9.51 24.57 5.46
CA LEU A 689 -10.88 24.09 5.38
C LEU A 689 -11.05 23.24 4.14
N GLY A 690 -12.14 22.49 4.13
CA GLY A 690 -12.44 21.52 3.09
C GLY A 690 -13.93 21.36 2.95
N LEU A 691 -14.43 21.27 1.73
CA LEU A 691 -15.87 21.37 1.52
C LEU A 691 -16.25 20.58 0.29
N SER A 692 -17.44 20.00 0.30
CA SER A 692 -17.94 19.24 -0.82
C SER A 692 -19.20 19.89 -1.38
N LEU A 693 -19.35 19.82 -2.70
CA LEU A 693 -20.41 20.52 -3.41
C LEU A 693 -21.12 19.53 -4.32
N THR A 694 -22.37 19.19 -4.01
CA THR A 694 -23.08 18.14 -4.73
C THR A 694 -24.26 18.65 -5.53
N ARG A 695 -25.25 19.24 -4.89
CA ARG A 695 -26.49 19.68 -5.49
C ARG A 695 -26.41 21.17 -5.82
N GLY A 696 -27.57 21.76 -6.11
CA GLY A 696 -27.62 23.21 -6.28
C GLY A 696 -27.70 23.96 -4.98
N ASP A 697 -28.32 23.37 -3.98
CA ASP A 697 -28.72 24.09 -2.77
C ASP A 697 -27.69 24.03 -1.65
N GLN A 698 -26.50 23.45 -1.88
CA GLN A 698 -25.42 23.64 -0.92
C GLN A 698 -25.02 25.10 -0.88
N ILE A 699 -24.61 25.64 -2.01
CA ILE A 699 -24.28 27.04 -2.08
C ILE A 699 -25.54 27.85 -2.36
N GLU A 700 -25.46 29.15 -2.08
CA GLU A 700 -26.53 30.08 -2.36
C GLU A 700 -25.94 31.26 -3.12
N GLU A 701 -26.75 31.84 -4.02
CA GLU A 701 -26.24 32.77 -5.03
C GLU A 701 -25.76 34.08 -4.41
N GLU A 702 -26.37 34.52 -3.32
CA GLU A 702 -25.86 35.71 -2.64
C GLU A 702 -24.70 35.38 -1.72
N GLU A 703 -24.43 34.11 -1.46
CA GLU A 703 -23.34 33.67 -0.60
C GLU A 703 -22.08 33.34 -1.38
N LEU A 704 -22.05 33.62 -2.68
CA LEU A 704 -20.93 33.23 -3.53
C LEU A 704 -19.67 34.03 -3.26
N ASP A 705 -19.77 35.15 -2.55
CA ASP A 705 -18.65 36.02 -2.30
C ASP A 705 -18.33 36.09 -0.80
N SER A 706 -18.54 34.98 -0.10
CA SER A 706 -18.42 34.98 1.36
C SER A 706 -17.00 34.73 1.85
N LEU A 707 -16.04 34.54 0.96
CA LEU A 707 -14.69 34.17 1.38
C LEU A 707 -13.65 34.98 0.62
N ILE A 708 -13.83 36.30 0.57
CA ILE A 708 -12.81 37.13 -0.05
C ILE A 708 -11.93 37.79 0.99
N ASN A 709 -12.48 38.07 2.17
CA ASN A 709 -11.84 38.89 3.18
C ASN A 709 -11.48 38.09 4.43
N LEU A 710 -10.98 36.87 4.23
CA LEU A 710 -10.46 36.07 5.33
C LEU A 710 -8.95 36.25 5.42
N SER A 711 -8.45 36.51 6.63
CA SER A 711 -7.10 37.03 6.77
C SER A 711 -6.05 35.93 6.68
N LYS A 712 -6.07 34.98 7.61
CA LYS A 712 -4.97 34.04 7.70
C LYS A 712 -5.36 32.63 7.23
N LEU A 713 -6.43 32.51 6.46
CA LEU A 713 -6.80 31.23 5.87
C LEU A 713 -5.78 30.83 4.81
N MET A 714 -5.29 29.61 4.90
CA MET A 714 -4.03 29.26 4.27
C MET A 714 -4.16 28.20 3.18
N SER A 715 -5.02 27.19 3.33
CA SER A 715 -5.04 26.08 2.39
C SER A 715 -6.41 25.43 2.36
N ILE A 716 -7.11 25.55 1.23
CA ILE A 716 -8.49 25.11 1.15
C ILE A 716 -8.56 23.75 0.44
N SER A 717 -9.73 23.13 0.48
CA SER A 717 -9.93 21.86 -0.20
C SER A 717 -11.37 21.70 -0.68
N ILE A 718 -11.52 20.95 -1.77
CA ILE A 718 -12.79 20.79 -2.48
C ILE A 718 -12.84 19.37 -3.03
N ASN A 719 -13.89 18.63 -2.72
CA ASN A 719 -14.07 17.27 -3.28
C ASN A 719 -15.49 17.11 -3.83
N CYS A 720 -15.67 17.55 -5.07
CA CYS A 720 -16.99 17.51 -5.69
C CYS A 720 -17.33 16.11 -6.19
N TYR A 721 -17.57 15.17 -5.28
CA TYR A 721 -17.60 13.77 -5.65
C TYR A 721 -18.90 13.33 -6.33
N ASP A 722 -20.05 13.47 -5.67
CA ASP A 722 -21.33 13.08 -6.25
C ASP A 722 -21.96 14.32 -6.85
N SER A 723 -21.72 14.55 -8.14
CA SER A 723 -22.10 15.80 -8.76
C SER A 723 -22.82 15.54 -10.08
N TYR A 724 -24.14 15.43 -10.03
CA TYR A 724 -24.94 15.24 -11.24
C TYR A 724 -25.44 16.55 -11.81
N GLY A 725 -25.76 17.51 -10.94
CA GLY A 725 -26.44 18.71 -11.38
C GLY A 725 -25.54 19.64 -12.16
N ASP A 726 -25.90 19.91 -13.42
CA ASP A 726 -25.06 20.70 -14.30
C ASP A 726 -25.06 22.19 -13.98
N ASP A 727 -25.92 22.64 -13.09
CA ASP A 727 -25.90 24.05 -12.68
C ASP A 727 -24.73 24.34 -11.75
N LEU A 728 -24.17 23.29 -11.16
CA LEU A 728 -23.14 23.45 -10.13
C LEU A 728 -21.87 24.06 -10.70
N ILE A 729 -21.43 23.56 -11.87
CA ILE A 729 -20.28 24.15 -12.55
C ILE A 729 -20.58 25.57 -12.99
N THR A 730 -21.81 25.86 -13.39
CA THR A 730 -22.18 27.19 -13.83
C THR A 730 -22.16 28.21 -12.69
N LYS A 731 -22.46 27.77 -11.48
CA LYS A 731 -22.64 28.74 -10.41
C LYS A 731 -21.61 28.67 -9.29
N ILE A 732 -20.68 27.71 -9.28
CA ILE A 732 -19.62 27.81 -8.28
C ILE A 732 -18.52 28.75 -8.75
N ASP A 733 -18.50 29.12 -10.02
CA ASP A 733 -17.32 29.67 -10.66
C ASP A 733 -16.93 31.07 -10.19
N ALA A 734 -17.72 31.70 -9.33
CA ALA A 734 -17.35 32.98 -8.75
C ALA A 734 -17.10 32.89 -7.26
N LEU A 735 -16.93 31.68 -6.73
CA LEU A 735 -16.51 31.53 -5.35
C LEU A 735 -15.04 31.91 -5.25
N THR A 736 -14.78 33.14 -4.95
CA THR A 736 -13.38 33.55 -4.94
C THR A 736 -12.77 33.28 -3.58
N PRO A 737 -11.52 32.81 -3.54
CA PRO A 737 -10.84 32.60 -2.27
C PRO A 737 -10.23 33.90 -1.79
N PRO A 738 -9.58 33.93 -0.62
CA PRO A 738 -8.69 35.05 -0.33
C PRO A 738 -7.50 35.04 -1.27
N HIS A 739 -6.94 36.23 -1.50
CA HIS A 739 -5.80 36.34 -2.39
C HIS A 739 -4.57 35.67 -1.81
N GLN A 740 -4.44 35.68 -0.48
CA GLN A 740 -3.41 34.88 0.16
C GLN A 740 -3.95 33.48 0.41
N LEU A 741 -3.10 32.49 0.15
CA LEU A 741 -3.39 31.06 0.24
C LEU A 741 -2.10 30.33 -0.02
N HIS A 742 -2.05 29.08 0.37
CA HIS A 742 -0.78 28.41 0.22
C HIS A 742 -0.89 27.09 -0.54
N GLU A 743 -1.96 26.33 -0.31
CA GLU A 743 -2.16 25.02 -0.93
C GLU A 743 -3.59 24.93 -1.42
N LEU A 744 -3.78 24.92 -2.73
CA LEU A 744 -5.10 24.74 -3.31
C LEU A 744 -5.28 23.30 -3.75
N SER A 745 -6.40 22.70 -3.36
CA SER A 745 -6.66 21.29 -3.66
C SER A 745 -8.16 21.12 -3.91
N LEU A 746 -8.55 21.23 -5.18
CA LEU A 746 -9.85 20.72 -5.62
C LEU A 746 -9.63 19.43 -6.39
N GLN A 747 -10.48 18.45 -6.15
CA GLN A 747 -10.07 17.09 -6.41
C GLN A 747 -11.05 16.19 -7.16
N PHE A 748 -12.32 16.55 -7.29
CA PHE A 748 -13.15 15.80 -8.23
C PHE A 748 -13.72 16.68 -9.33
N TYR A 749 -14.41 17.79 -9.00
CA TYR A 749 -14.67 18.92 -9.89
C TYR A 749 -15.32 18.55 -11.23
N PRO A 750 -16.64 18.35 -11.26
CA PRO A 750 -17.28 17.71 -12.42
C PRO A 750 -17.29 18.53 -13.69
N GLY A 751 -16.86 19.79 -13.66
CA GLY A 751 -16.94 20.63 -14.82
C GLY A 751 -15.94 20.24 -15.89
N LYS A 752 -16.17 20.78 -17.08
CA LYS A 752 -15.32 20.48 -18.22
C LYS A 752 -14.23 21.51 -18.43
N SER A 753 -14.47 22.76 -18.03
CA SER A 753 -13.47 23.81 -18.09
C SER A 753 -12.97 24.16 -16.70
N SER A 754 -11.96 25.01 -16.65
CA SER A 754 -11.46 25.53 -15.39
C SER A 754 -12.52 26.40 -14.73
N PRO A 755 -12.47 26.56 -13.39
CA PRO A 755 -13.57 27.26 -12.71
C PRO A 755 -13.56 28.78 -12.85
N SER A 756 -12.77 29.30 -13.79
CA SER A 756 -12.70 30.72 -14.19
C SER A 756 -12.41 31.66 -13.04
N TRP A 757 -11.72 31.18 -12.01
CA TRP A 757 -11.13 32.06 -11.02
C TRP A 757 -9.69 31.72 -10.70
N LEU A 758 -9.19 30.58 -11.15
CA LEU A 758 -7.81 30.20 -10.90
C LEU A 758 -6.93 31.00 -11.83
N SER A 759 -6.25 32.00 -11.29
CA SER A 759 -5.53 32.96 -12.11
C SER A 759 -4.50 33.67 -11.25
N PRO A 760 -3.40 34.13 -11.84
CA PRO A 760 -2.55 35.10 -11.14
C PRO A 760 -3.24 36.43 -10.91
N HIS A 761 -4.27 36.76 -11.69
CA HIS A 761 -5.04 37.97 -11.46
C HIS A 761 -5.85 37.90 -10.17
N LYS A 762 -6.13 36.69 -9.67
CA LYS A 762 -7.03 36.56 -8.54
C LYS A 762 -6.33 36.13 -7.26
N LEU A 763 -5.18 35.49 -7.33
CA LEU A 763 -4.53 34.92 -6.16
C LEU A 763 -3.02 34.86 -6.37
N PRO A 764 -2.27 35.80 -5.81
CA PRO A 764 -0.85 35.91 -6.14
C PRO A 764 0.07 34.88 -5.51
N MET A 765 -0.09 34.61 -4.21
CA MET A 765 0.94 33.93 -3.45
C MET A 765 0.63 32.46 -3.16
N LEU A 766 -0.04 31.77 -4.08
CA LEU A 766 -0.15 30.32 -3.94
C LEU A 766 1.21 29.67 -4.15
N ARG A 767 1.39 28.53 -3.53
CA ARG A 767 2.63 27.79 -3.67
C ARG A 767 2.42 26.37 -4.17
N TYR A 768 1.29 25.76 -3.84
CA TYR A 768 1.03 24.38 -4.21
C TYR A 768 -0.37 24.22 -4.74
N MET A 769 -0.50 23.36 -5.74
CA MET A 769 -1.75 23.14 -6.47
C MET A 769 -1.90 21.67 -6.76
N SER A 770 -3.10 21.14 -6.54
CA SER A 770 -3.30 19.74 -6.82
C SER A 770 -4.71 19.51 -7.36
N ILE A 771 -4.80 18.75 -8.45
CA ILE A 771 -6.05 18.37 -9.07
C ILE A 771 -6.10 16.86 -9.10
N CYS A 772 -6.99 16.27 -8.34
CA CYS A 772 -7.18 14.83 -8.42
C CYS A 772 -8.22 14.54 -9.50
N SER A 773 -8.76 13.32 -9.50
CA SER A 773 -9.52 12.75 -10.60
C SER A 773 -10.75 13.54 -11.04
N GLY A 774 -10.68 14.08 -12.24
CA GLY A 774 -11.75 14.91 -12.76
C GLY A 774 -11.97 14.61 -14.23
N ASN A 775 -13.07 15.14 -14.75
CA ASN A 775 -13.43 14.90 -16.12
C ASN A 775 -13.16 16.08 -17.02
N LEU A 776 -12.38 17.07 -16.58
CA LEU A 776 -12.35 18.35 -17.27
C LEU A 776 -11.57 18.25 -18.57
N VAL A 777 -11.79 19.23 -19.44
CA VAL A 777 -11.29 19.16 -20.81
C VAL A 777 -10.10 20.07 -21.01
N LYS A 778 -10.30 21.36 -20.78
CA LYS A 778 -9.25 22.35 -20.97
C LYS A 778 -9.47 23.48 -19.97
N MET A 779 -8.64 24.51 -20.06
CA MET A 779 -8.75 25.67 -19.20
C MET A 779 -8.83 26.93 -20.04
N GLN A 780 -9.66 27.87 -19.61
CA GLN A 780 -9.82 29.12 -20.33
C GLN A 780 -8.58 29.99 -20.16
N GLU A 781 -8.40 30.92 -21.11
CA GLU A 781 -7.13 31.62 -21.24
C GLU A 781 -6.79 32.55 -20.08
N PRO A 782 -7.74 33.24 -19.38
CA PRO A 782 -7.38 33.89 -18.11
C PRO A 782 -6.85 32.99 -17.00
N PHE A 783 -6.91 31.66 -17.17
CA PHE A 783 -6.16 30.77 -16.30
C PHE A 783 -4.67 31.07 -16.35
N TRP A 784 -4.14 31.30 -17.56
CA TRP A 784 -2.72 31.63 -17.69
C TRP A 784 -2.48 33.09 -17.36
N GLY A 785 -3.04 33.99 -18.17
CA GLY A 785 -3.01 35.43 -17.91
C GLY A 785 -1.63 36.06 -17.76
N ASN A 786 -0.71 35.78 -18.67
CA ASN A 786 0.70 36.00 -18.45
C ASN A 786 1.22 37.26 -19.13
N GLU A 787 0.42 38.32 -19.15
CA GLU A 787 0.92 39.62 -19.60
C GLU A 787 1.99 40.14 -18.66
N ASN A 788 1.61 40.41 -17.42
CA ASN A 788 2.54 40.78 -16.37
C ASN A 788 2.30 39.98 -15.10
N THR A 789 1.47 38.96 -15.17
CA THR A 789 0.96 38.27 -14.00
C THR A 789 1.22 36.78 -14.13
N HIS A 790 2.00 36.23 -13.23
CA HIS A 790 2.36 34.82 -13.25
C HIS A 790 1.97 34.15 -11.95
N TRP A 791 2.01 32.82 -11.95
CA TRP A 791 1.39 32.06 -10.88
C TRP A 791 2.21 32.11 -9.59
N ARG A 792 3.54 32.03 -9.72
CA ARG A 792 4.50 32.08 -8.60
C ARG A 792 4.20 30.99 -7.58
N ILE A 793 3.93 29.79 -8.08
CA ILE A 793 3.65 28.61 -7.27
C ILE A 793 4.86 27.73 -7.38
N GLU A 794 4.89 26.59 -6.69
CA GLU A 794 6.10 25.81 -6.79
C GLU A 794 5.88 24.32 -7.07
N GLY A 795 4.75 23.78 -6.63
CA GLY A 795 4.48 22.36 -6.79
C GLY A 795 3.08 22.14 -7.32
N LEU A 796 2.98 21.17 -8.22
CA LEU A 796 1.77 20.95 -8.99
C LEU A 796 1.53 19.47 -9.11
N MET A 797 0.28 19.05 -8.97
CA MET A 797 -0.07 17.64 -9.14
C MET A 797 -1.30 17.53 -10.02
N LEU A 798 -1.20 16.72 -11.06
CA LEU A 798 -2.31 16.44 -11.97
C LEU A 798 -2.43 14.92 -12.04
N SER A 799 -3.16 14.31 -11.12
CA SER A 799 -2.91 12.89 -10.91
C SER A 799 -3.60 11.95 -11.89
N SER A 800 -4.92 11.80 -11.79
CA SER A 800 -5.59 10.72 -12.52
C SER A 800 -6.81 11.27 -13.24
N LEU A 801 -6.59 11.88 -14.40
CA LEU A 801 -7.62 12.67 -15.07
C LEU A 801 -7.40 12.53 -16.56
N SER A 802 -8.45 12.11 -17.27
CA SER A 802 -8.27 11.43 -18.55
C SER A 802 -8.54 12.30 -19.76
N ASP A 803 -8.94 13.55 -19.59
CA ASP A 803 -9.32 14.36 -20.74
C ASP A 803 -8.57 15.68 -20.78
N LEU A 804 -7.28 15.65 -20.50
CA LEU A 804 -6.50 16.87 -20.46
C LEU A 804 -5.58 16.97 -21.66
N ASP A 805 -5.39 18.21 -22.12
CA ASP A 805 -4.66 18.48 -23.34
C ASP A 805 -3.99 19.84 -23.18
N MET A 806 -2.71 19.82 -22.82
CA MET A 806 -1.97 21.06 -22.58
C MET A 806 -0.57 20.88 -23.12
N ASP A 807 0.21 21.95 -23.08
CA ASP A 807 1.59 21.89 -23.50
C ASP A 807 2.53 22.20 -22.35
N TRP A 808 3.58 21.40 -22.28
CA TRP A 808 4.56 21.54 -21.21
C TRP A 808 5.33 22.84 -21.33
N GLU A 809 5.66 23.25 -22.56
CA GLU A 809 6.35 24.52 -22.73
C GLU A 809 5.45 25.70 -22.40
N VAL A 810 4.14 25.55 -22.63
CA VAL A 810 3.18 26.55 -22.18
C VAL A 810 3.18 26.62 -20.66
N LEU A 811 3.29 25.47 -20.00
CA LEU A 811 3.38 25.45 -18.54
C LEU A 811 4.66 26.12 -18.04
N GLN A 812 5.79 25.93 -18.71
CA GLN A 812 7.01 26.63 -18.33
C GLN A 812 6.88 28.13 -18.53
N GLN A 813 6.48 28.56 -19.73
CA GLN A 813 6.44 29.98 -20.03
C GLN A 813 5.30 30.70 -19.32
N SER A 814 4.37 29.96 -18.70
CA SER A 814 3.36 30.58 -17.87
C SER A 814 3.68 30.50 -16.40
N MET A 815 4.47 29.52 -15.96
CA MET A 815 4.85 29.39 -14.57
C MET A 815 6.37 29.31 -14.48
N PRO A 816 7.04 30.37 -14.08
CA PRO A 816 8.51 30.38 -14.08
C PRO A 816 9.14 29.68 -12.89
N TYR A 817 8.34 29.18 -11.96
CA TYR A 817 8.87 28.59 -10.74
C TYR A 817 8.21 27.24 -10.54
N LEU A 818 8.99 26.17 -10.59
CA LEU A 818 8.51 24.85 -10.23
C LEU A 818 9.64 24.10 -9.57
N ARG A 819 9.42 23.59 -8.37
CA ARG A 819 10.34 22.58 -7.87
C ARG A 819 10.11 21.32 -8.69
N THR A 820 8.89 20.79 -8.61
CA THR A 820 8.54 19.59 -9.34
C THR A 820 7.07 19.62 -9.72
N VAL A 821 6.69 18.70 -10.60
CA VAL A 821 5.30 18.52 -10.98
C VAL A 821 5.05 17.05 -11.26
N THR A 822 4.21 16.43 -10.45
CA THR A 822 3.96 15.02 -10.58
C THR A 822 2.62 14.78 -11.25
N ALA A 823 2.55 13.69 -12.02
CA ALA A 823 1.35 13.29 -12.73
C ALA A 823 1.51 11.82 -13.04
N ASN A 824 0.47 11.02 -12.82
CA ASN A 824 0.72 9.60 -13.03
C ASN A 824 -0.28 8.89 -13.94
N TRP A 825 -1.54 9.30 -13.99
CA TRP A 825 -2.49 8.62 -14.88
C TRP A 825 -3.25 9.65 -15.70
N CYS A 826 -2.65 10.07 -16.78
CA CYS A 826 -3.27 11.11 -17.60
C CYS A 826 -2.81 11.00 -19.04
N PRO A 827 -3.64 10.45 -19.91
CA PRO A 827 -3.27 10.34 -21.32
C PRO A 827 -3.54 11.64 -22.05
N GLU A 828 -3.27 11.63 -23.35
CA GLU A 828 -3.33 12.80 -24.24
C GLU A 828 -2.48 13.95 -23.73
N LEU A 829 -1.35 13.63 -23.10
CA LEU A 829 -0.51 14.64 -22.49
C LEU A 829 0.96 14.35 -22.76
N GLU A 830 1.26 13.77 -23.93
CA GLU A 830 2.62 13.34 -24.26
C GLU A 830 3.57 14.51 -24.50
N SER A 831 3.10 15.75 -24.49
CA SER A 831 3.97 16.91 -24.46
C SER A 831 4.79 17.00 -23.18
N PHE A 832 4.41 16.30 -22.12
CA PHE A 832 5.12 16.37 -20.86
C PHE A 832 6.46 15.66 -20.95
N ALA A 833 7.26 15.83 -19.90
CA ALA A 833 8.64 15.37 -19.90
C ALA A 833 8.84 14.04 -19.21
N ILE A 834 7.92 13.62 -18.37
CA ILE A 834 8.08 12.33 -17.70
C ILE A 834 7.83 11.22 -18.69
N GLU A 835 8.49 10.08 -18.47
CA GLU A 835 8.75 9.16 -19.57
C GLU A 835 7.51 8.40 -20.04
N ASP A 836 6.48 8.29 -19.21
CA ASP A 836 5.20 7.77 -19.68
C ASP A 836 4.10 8.42 -18.84
N VAL A 837 3.58 9.55 -19.35
CA VAL A 837 2.68 10.37 -18.56
C VAL A 837 1.31 9.72 -18.42
N GLY A 838 0.98 8.78 -19.30
CA GLY A 838 -0.29 8.12 -19.18
C GLY A 838 -0.33 7.15 -18.02
N PHE A 839 0.81 6.54 -17.71
CA PHE A 839 0.79 5.37 -16.85
C PHE A 839 1.67 5.48 -15.60
N ARG A 840 2.92 5.91 -15.75
CA ARG A 840 3.82 5.87 -14.62
C ARG A 840 4.35 7.26 -14.29
N GLY A 841 4.25 7.62 -13.02
CA GLY A 841 4.57 8.96 -12.60
C GLY A 841 6.06 9.17 -12.50
N GLY A 842 6.58 10.03 -13.36
CA GLY A 842 7.87 10.64 -13.14
C GLY A 842 7.64 11.91 -12.33
N VAL A 843 8.53 12.17 -11.38
CA VAL A 843 8.29 13.32 -10.53
C VAL A 843 8.75 14.60 -11.21
N TRP A 844 9.83 14.53 -11.98
CA TRP A 844 10.47 15.67 -12.65
C TRP A 844 10.74 16.82 -11.69
N MET A 845 11.73 16.63 -10.82
CA MET A 845 12.24 17.79 -10.12
C MET A 845 13.00 18.70 -11.08
N LYS A 846 13.24 19.93 -10.66
CA LYS A 846 14.11 20.84 -11.37
C LYS A 846 15.45 20.87 -10.67
N THR A 847 16.52 20.65 -11.43
CA THR A 847 17.85 20.65 -10.86
C THR A 847 18.34 22.07 -10.63
N MET B 172 -6.92 -50.73 -2.99
CA MET B 172 -5.52 -50.35 -3.16
C MET B 172 -4.66 -51.47 -3.77
N PRO B 173 -4.86 -51.76 -5.07
CA PRO B 173 -4.12 -52.88 -5.68
C PRO B 173 -2.63 -52.63 -5.84
N LYS B 174 -2.26 -51.53 -6.49
CA LYS B 174 -0.87 -51.12 -6.60
C LYS B 174 -0.69 -49.61 -6.53
N GLY B 175 -1.74 -48.84 -6.30
CA GLY B 175 -1.69 -47.42 -6.52
C GLY B 175 -1.83 -47.10 -8.00
N SER B 176 -1.63 -45.83 -8.32
CA SER B 176 -1.77 -45.39 -9.70
C SER B 176 -0.49 -45.69 -10.47
N LEU B 177 -0.49 -45.29 -11.75
CA LEU B 177 0.74 -45.32 -12.53
C LEU B 177 1.74 -44.30 -12.02
N GLU B 178 1.25 -43.16 -11.51
CA GLU B 178 2.12 -42.14 -10.94
C GLU B 178 2.80 -42.65 -9.68
N ASN B 179 2.17 -43.61 -8.99
CA ASN B 179 2.82 -44.32 -7.90
C ASN B 179 4.00 -45.16 -8.37
N HIS B 180 4.06 -45.50 -9.65
CA HIS B 180 5.16 -46.29 -10.19
C HIS B 180 5.98 -45.56 -11.24
N LEU B 181 5.35 -44.81 -12.12
CA LEU B 181 6.10 -44.17 -13.20
C LEU B 181 6.79 -42.89 -12.73
N PHE B 182 6.11 -42.10 -11.90
CA PHE B 182 6.63 -40.81 -11.47
C PHE B 182 7.11 -40.81 -10.03
N ARG B 183 7.25 -41.98 -9.41
CA ARG B 183 7.69 -42.08 -8.03
C ARG B 183 9.15 -41.64 -7.91
N ARG B 184 9.55 -41.13 -6.75
CA ARG B 184 10.91 -40.69 -6.53
C ARG B 184 11.86 -41.86 -6.31
N GLY B 185 13.09 -41.58 -5.93
CA GLY B 185 14.13 -42.59 -6.01
C GLY B 185 14.46 -42.82 -7.46
N ALA B 186 14.48 -44.08 -7.90
CA ALA B 186 14.66 -44.36 -9.32
C ALA B 186 13.47 -45.15 -9.85
N GLN B 187 13.07 -46.19 -9.10
CA GLN B 187 12.02 -47.12 -9.47
C GLN B 187 12.15 -47.69 -10.90
N PRO B 188 13.17 -48.51 -11.17
CA PRO B 188 13.27 -49.11 -12.51
C PRO B 188 12.23 -50.20 -12.68
N LEU B 189 11.16 -49.91 -13.42
CA LEU B 189 9.96 -50.74 -13.29
C LEU B 189 10.04 -52.01 -14.12
N THR B 190 9.97 -51.90 -15.46
CA THR B 190 9.88 -53.06 -16.33
C THR B 190 10.62 -52.81 -17.63
N TRP B 191 10.66 -53.84 -18.46
CA TRP B 191 10.98 -53.77 -19.87
C TRP B 191 9.67 -53.47 -20.62
N ALA B 192 9.62 -53.73 -21.93
CA ALA B 192 8.48 -53.38 -22.76
C ALA B 192 7.26 -54.24 -22.47
N ILE B 193 6.71 -54.12 -21.26
CA ILE B 193 5.40 -54.67 -20.96
C ILE B 193 4.38 -53.59 -20.63
N ARG B 194 4.82 -52.37 -20.32
CA ARG B 194 3.89 -51.28 -20.05
C ARG B 194 3.14 -50.87 -21.31
N MET B 195 3.72 -51.14 -22.49
CA MET B 195 2.96 -51.01 -23.72
C MET B 195 1.81 -51.99 -23.76
N LYS B 196 2.02 -53.21 -23.27
CA LYS B 196 0.93 -54.18 -23.21
C LYS B 196 -0.10 -53.81 -22.14
N VAL B 197 0.35 -53.15 -21.06
CA VAL B 197 -0.58 -52.61 -20.07
C VAL B 197 -1.44 -51.52 -20.71
N ALA B 198 -0.84 -50.70 -21.57
CA ALA B 198 -1.60 -49.68 -22.30
C ALA B 198 -2.57 -50.30 -23.30
N VAL B 199 -2.17 -51.40 -23.95
CA VAL B 199 -3.07 -52.12 -24.86
C VAL B 199 -4.27 -52.68 -24.10
N GLY B 200 -4.02 -53.25 -22.92
CA GLY B 200 -5.13 -53.73 -22.10
C GLY B 200 -6.04 -52.62 -21.62
N ALA B 201 -5.45 -51.46 -21.29
CA ALA B 201 -6.23 -50.31 -20.88
C ALA B 201 -7.13 -49.79 -21.99
N ALA B 202 -6.57 -49.60 -23.19
CA ALA B 202 -7.38 -49.14 -24.30
C ALA B 202 -8.34 -50.20 -24.79
N LYS B 203 -8.01 -51.48 -24.59
CA LYS B 203 -8.90 -52.57 -24.98
C LYS B 203 -10.11 -52.61 -24.06
N GLY B 204 -9.93 -52.34 -22.77
CA GLY B 204 -11.07 -52.13 -21.90
C GLY B 204 -11.85 -50.88 -22.27
N LEU B 205 -11.14 -49.78 -22.53
CA LEU B 205 -11.74 -48.47 -22.80
C LEU B 205 -12.60 -48.47 -24.04
N THR B 206 -12.25 -49.28 -25.05
CA THR B 206 -12.97 -49.30 -26.31
C THR B 206 -14.42 -49.74 -26.11
N PHE B 207 -14.64 -50.85 -25.41
CA PHE B 207 -16.02 -51.22 -25.15
C PHE B 207 -16.61 -50.53 -23.92
N LEU B 208 -15.79 -49.89 -23.08
CA LEU B 208 -16.40 -49.06 -22.05
C LEU B 208 -16.97 -47.76 -22.58
N HIS B 209 -16.43 -47.23 -23.68
CA HIS B 209 -16.82 -45.89 -24.11
C HIS B 209 -17.30 -45.78 -25.55
N GLU B 210 -17.21 -46.85 -26.35
CA GLU B 210 -17.71 -46.78 -27.72
C GLU B 210 -18.79 -47.81 -28.00
N ALA B 211 -18.61 -49.06 -27.57
CA ALA B 211 -19.55 -50.12 -27.87
C ALA B 211 -20.87 -50.00 -27.11
N LYS B 212 -20.94 -49.12 -26.11
CA LYS B 212 -22.17 -48.86 -25.38
C LYS B 212 -23.01 -47.85 -26.16
N SER B 213 -24.03 -47.29 -25.51
CA SER B 213 -24.86 -46.25 -26.12
C SER B 213 -24.01 -45.02 -26.42
N GLN B 214 -23.52 -44.35 -25.37
CA GLN B 214 -22.44 -43.36 -25.48
C GLN B 214 -21.88 -43.13 -24.09
N VAL B 215 -20.55 -43.19 -23.99
CA VAL B 215 -19.83 -42.91 -22.75
C VAL B 215 -18.58 -42.12 -23.12
N ILE B 216 -18.38 -40.98 -22.47
CA ILE B 216 -17.15 -40.21 -22.58
C ILE B 216 -16.51 -40.17 -21.21
N TYR B 217 -15.21 -40.49 -21.16
CA TYR B 217 -14.55 -40.81 -19.89
C TYR B 217 -14.40 -39.61 -18.99
N ARG B 218 -14.09 -38.44 -19.56
CA ARG B 218 -14.22 -37.10 -18.95
C ARG B 218 -13.17 -36.83 -17.88
N ASP B 219 -12.41 -37.85 -17.45
CA ASP B 219 -11.51 -37.70 -16.33
C ASP B 219 -10.17 -38.39 -16.58
N PHE B 220 -9.67 -38.34 -17.81
CA PHE B 220 -8.53 -39.15 -18.19
C PHE B 220 -7.28 -38.56 -17.57
N LYS B 221 -6.51 -39.39 -16.88
CA LYS B 221 -5.44 -38.92 -16.01
C LYS B 221 -4.56 -40.12 -15.68
N ALA B 222 -3.26 -39.87 -15.50
CA ALA B 222 -2.37 -40.91 -15.03
C ALA B 222 -2.77 -41.40 -13.65
N ALA B 223 -3.16 -40.47 -12.77
CA ALA B 223 -3.75 -40.84 -11.49
C ALA B 223 -5.14 -41.43 -11.62
N ASN B 224 -5.74 -41.41 -12.80
CA ASN B 224 -6.95 -42.17 -13.08
C ASN B 224 -6.69 -43.45 -13.84
N ILE B 225 -5.43 -43.85 -14.00
CA ILE B 225 -5.09 -45.17 -14.52
C ILE B 225 -4.35 -45.92 -13.43
N LEU B 226 -4.84 -47.10 -13.10
CA LEU B 226 -4.38 -47.85 -11.95
C LEU B 226 -3.58 -49.07 -12.42
N LEU B 227 -3.13 -49.86 -11.46
CA LEU B 227 -2.41 -51.09 -11.76
C LEU B 227 -2.94 -52.20 -10.87
N ASP B 228 -3.31 -53.33 -11.48
CA ASP B 228 -3.77 -54.49 -10.74
C ASP B 228 -2.59 -55.39 -10.41
N ALA B 229 -2.87 -56.59 -9.90
CA ALA B 229 -1.83 -57.47 -9.37
C ALA B 229 -0.92 -58.01 -10.47
N ASP B 230 -1.46 -58.27 -11.66
CA ASP B 230 -0.66 -58.68 -12.80
C ASP B 230 -0.28 -57.49 -13.68
N PHE B 231 -0.20 -56.29 -13.09
CA PHE B 231 -0.01 -55.02 -13.79
C PHE B 231 -1.05 -54.85 -14.89
N ASN B 232 -2.31 -54.79 -14.46
CA ASN B 232 -3.44 -54.59 -15.35
C ASN B 232 -4.03 -53.20 -15.11
N ALA B 233 -4.23 -52.45 -16.18
CA ALA B 233 -4.77 -51.09 -16.07
C ALA B 233 -6.27 -51.14 -16.36
N LYS B 234 -7.02 -51.54 -15.34
CA LYS B 234 -8.48 -51.47 -15.40
C LYS B 234 -8.90 -50.09 -14.92
N LEU B 235 -9.57 -49.34 -15.80
CA LEU B 235 -10.06 -48.03 -15.43
C LEU B 235 -11.26 -48.16 -14.50
N SER B 236 -11.30 -47.33 -13.47
CA SER B 236 -12.32 -47.45 -12.44
C SER B 236 -12.73 -46.07 -11.95
N ASP B 237 -14.04 -45.93 -11.71
CA ASP B 237 -14.66 -44.78 -11.03
C ASP B 237 -14.40 -43.47 -11.78
N PHE B 238 -14.80 -43.44 -13.05
CA PHE B 238 -14.73 -42.27 -13.93
C PHE B 238 -13.34 -41.66 -14.06
N THR B 250 -25.05 -26.22 -17.10
CA THR B 250 -24.03 -26.89 -16.30
C THR B 250 -22.67 -26.22 -16.50
N HIS B 251 -22.67 -24.89 -16.51
CA HIS B 251 -21.45 -24.11 -16.74
C HIS B 251 -20.75 -23.90 -15.39
N VAL B 252 -19.51 -24.38 -15.29
CA VAL B 252 -18.71 -24.21 -14.08
C VAL B 252 -17.53 -23.30 -14.39
N SER B 253 -17.42 -22.20 -13.65
CA SER B 253 -16.32 -21.22 -13.88
C SER B 253 -14.99 -21.73 -13.40
N THR B 254 -14.99 -22.65 -12.44
CA THR B 254 -13.76 -23.25 -11.96
C THR B 254 -13.47 -24.51 -12.76
N LYS B 255 -12.36 -24.54 -13.47
CA LYS B 255 -12.03 -25.69 -14.29
C LYS B 255 -11.50 -26.84 -13.44
N VAL B 256 -12.17 -27.99 -13.54
CA VAL B 256 -11.75 -29.20 -12.85
C VAL B 256 -11.32 -30.29 -13.83
N ILE B 257 -12.00 -30.37 -14.98
CA ILE B 257 -11.74 -31.41 -15.96
C ILE B 257 -10.41 -31.14 -16.64
N GLY B 258 -9.43 -32.00 -16.40
CA GLY B 258 -8.12 -31.84 -17.01
C GLY B 258 -7.34 -30.67 -16.45
N THR B 259 -6.89 -30.78 -15.20
CA THR B 259 -6.17 -29.70 -14.54
C THR B 259 -4.77 -29.47 -15.08
N HIS B 260 -4.27 -30.30 -15.98
CA HIS B 260 -2.93 -30.17 -16.49
C HIS B 260 -2.98 -30.45 -17.99
N GLY B 261 -1.84 -30.74 -18.60
CA GLY B 261 -1.74 -30.96 -20.03
C GLY B 261 -2.45 -32.18 -20.61
N TYR B 262 -3.21 -32.91 -19.79
CA TYR B 262 -4.02 -34.01 -20.28
C TYR B 262 -5.13 -33.52 -21.20
N ALA B 263 -5.60 -32.29 -21.00
CA ALA B 263 -6.76 -31.80 -21.71
C ALA B 263 -6.39 -31.37 -23.14
N ALA B 264 -7.38 -30.85 -23.84
CA ALA B 264 -7.28 -30.67 -25.28
C ALA B 264 -7.47 -29.21 -25.70
N PRO B 265 -6.80 -28.79 -26.77
CA PRO B 265 -6.99 -27.42 -27.26
C PRO B 265 -8.38 -27.16 -27.79
N GLU B 266 -9.06 -28.17 -28.32
CA GLU B 266 -10.46 -27.99 -28.67
C GLU B 266 -11.36 -28.04 -27.45
N TYR B 267 -10.93 -28.71 -26.38
CA TYR B 267 -11.73 -28.71 -25.17
C TYR B 267 -11.63 -27.38 -24.44
N VAL B 268 -10.52 -26.68 -24.61
CA VAL B 268 -10.41 -25.33 -24.07
C VAL B 268 -11.40 -24.39 -24.77
N ALA B 269 -11.67 -24.63 -26.05
CA ALA B 269 -12.61 -23.79 -26.77
C ALA B 269 -14.07 -24.18 -26.49
N THR B 270 -14.45 -25.40 -26.87
CA THR B 270 -15.88 -25.66 -26.91
C THR B 270 -16.42 -26.28 -25.61
N GLY B 271 -15.67 -27.17 -24.96
CA GLY B 271 -16.18 -27.88 -23.82
C GLY B 271 -16.92 -29.16 -24.14
N ARG B 272 -17.18 -29.43 -25.41
CA ARG B 272 -17.92 -30.63 -25.77
C ARG B 272 -17.01 -31.84 -25.61
N LEU B 273 -17.36 -32.69 -24.66
CA LEU B 273 -16.59 -33.91 -24.38
C LEU B 273 -16.84 -34.93 -25.49
N THR B 274 -15.79 -35.26 -26.23
CA THR B 274 -15.88 -36.21 -27.34
C THR B 274 -14.89 -37.36 -27.10
N ALA B 275 -14.74 -38.20 -28.11
CA ALA B 275 -13.70 -39.21 -28.08
C ALA B 275 -12.36 -38.68 -28.56
N LYS B 276 -12.34 -37.54 -29.24
CA LYS B 276 -11.07 -36.92 -29.62
C LYS B 276 -10.29 -36.45 -28.38
N SER B 277 -10.99 -35.92 -27.38
CA SER B 277 -10.33 -35.55 -26.14
C SER B 277 -9.81 -36.79 -25.41
N ASP B 278 -10.56 -37.88 -25.47
CA ASP B 278 -10.12 -39.13 -24.84
C ASP B 278 -8.89 -39.70 -25.54
N VAL B 279 -8.86 -39.70 -26.87
CA VAL B 279 -7.68 -40.21 -27.56
C VAL B 279 -6.52 -39.21 -27.46
N TYR B 280 -6.79 -37.93 -27.25
CA TYR B 280 -5.72 -36.96 -27.05
C TYR B 280 -5.03 -37.18 -25.72
N SER B 281 -5.83 -37.40 -24.67
CA SER B 281 -5.26 -37.74 -23.37
C SER B 281 -4.63 -39.13 -23.39
N PHE B 282 -5.13 -40.03 -24.24
CA PHE B 282 -4.47 -41.31 -24.45
C PHE B 282 -3.11 -41.13 -25.11
N GLY B 283 -3.00 -40.17 -26.03
CA GLY B 283 -1.72 -39.90 -26.65
C GLY B 283 -0.73 -39.31 -25.67
N VAL B 284 -1.20 -38.43 -24.78
CA VAL B 284 -0.24 -37.86 -23.85
C VAL B 284 0.14 -38.88 -22.76
N VAL B 285 -0.74 -39.83 -22.42
CA VAL B 285 -0.30 -40.84 -21.48
C VAL B 285 0.60 -41.87 -22.14
N LEU B 286 0.47 -42.09 -23.46
CA LEU B 286 1.49 -42.81 -24.20
C LEU B 286 2.84 -42.10 -24.12
N LEU B 287 2.82 -40.77 -24.23
CA LEU B 287 4.05 -40.00 -24.07
C LEU B 287 4.63 -40.13 -22.66
N GLU B 288 3.78 -40.26 -21.65
CA GLU B 288 4.29 -40.49 -20.30
C GLU B 288 4.90 -41.89 -20.17
N LEU B 289 4.25 -42.91 -20.73
CA LEU B 289 4.76 -44.26 -20.55
C LEU B 289 5.93 -44.59 -21.46
N ILE B 290 6.22 -43.77 -22.48
CA ILE B 290 7.43 -44.02 -23.26
C ILE B 290 8.51 -43.06 -22.80
N SER B 291 8.10 -41.92 -22.21
CA SER B 291 9.05 -40.88 -21.85
C SER B 291 9.42 -40.93 -20.37
N GLY B 292 8.43 -40.80 -19.49
CA GLY B 292 8.70 -40.72 -18.07
C GLY B 292 8.78 -39.28 -17.59
N ARG B 293 8.09 -38.37 -18.26
CA ARG B 293 8.04 -36.98 -17.87
C ARG B 293 6.60 -36.50 -17.83
N ARG B 294 6.37 -35.49 -17.00
CA ARG B 294 5.08 -34.84 -16.86
C ARG B 294 5.17 -33.40 -17.38
N ALA B 295 4.07 -32.67 -17.27
CA ALA B 295 3.92 -31.36 -17.90
C ALA B 295 4.14 -30.20 -16.94
N MET B 296 5.08 -30.32 -16.00
CA MET B 296 5.28 -29.25 -15.04
C MET B 296 6.47 -28.38 -15.44
N ASP B 297 6.48 -27.15 -14.92
CA ASP B 297 7.52 -26.16 -15.17
C ASP B 297 8.42 -26.04 -13.95
N ASN B 298 9.70 -25.74 -14.21
CA ASN B 298 10.69 -25.65 -13.15
C ASN B 298 10.82 -24.22 -12.62
N TYR B 305 7.63 -25.75 -23.31
CA TYR B 305 8.36 -26.25 -22.16
C TYR B 305 7.70 -27.50 -21.59
N SER B 306 6.41 -27.66 -21.89
CA SER B 306 5.66 -28.81 -21.40
C SER B 306 5.82 -30.01 -22.32
N LEU B 307 4.93 -30.99 -22.14
CA LEU B 307 5.12 -32.33 -22.70
C LEU B 307 5.10 -32.31 -24.22
N VAL B 308 4.00 -31.84 -24.81
CA VAL B 308 3.87 -31.77 -26.26
C VAL B 308 4.87 -30.77 -26.83
N ASP B 309 5.03 -29.62 -26.15
CA ASP B 309 5.93 -28.55 -26.55
C ASP B 309 7.39 -28.96 -26.56
N TRP B 310 7.76 -30.04 -25.91
CA TRP B 310 9.11 -30.56 -26.02
C TRP B 310 9.20 -31.80 -26.90
N ALA B 311 8.25 -32.72 -26.80
CA ALA B 311 8.37 -34.00 -27.49
C ALA B 311 8.06 -33.87 -28.98
N THR B 312 7.02 -33.12 -29.31
CA THR B 312 6.64 -32.91 -30.71
C THR B 312 7.69 -32.11 -31.50
N PRO B 313 8.46 -31.18 -30.89
CA PRO B 313 9.70 -30.78 -31.59
C PRO B 313 10.72 -31.90 -31.70
N TYR B 314 10.93 -32.68 -30.65
CA TYR B 314 12.02 -33.66 -30.59
C TYR B 314 11.65 -34.87 -31.47
N LEU B 315 11.82 -34.70 -32.78
CA LEU B 315 11.53 -35.75 -33.74
C LEU B 315 12.75 -36.05 -34.62
N LEU B 321 15.17 -42.84 -35.61
CA LEU B 321 16.04 -41.70 -35.81
C LEU B 321 16.38 -41.00 -34.50
N PHE B 322 15.58 -40.01 -34.13
CA PHE B 322 15.83 -39.21 -32.93
C PHE B 322 15.12 -39.77 -31.71
N ARG B 323 15.31 -41.05 -31.42
CA ARG B 323 14.77 -41.62 -30.18
C ARG B 323 15.86 -41.69 -29.12
N ILE B 324 16.32 -40.51 -28.71
CA ILE B 324 17.31 -40.39 -27.64
C ILE B 324 16.67 -39.52 -26.56
N MET B 325 15.36 -39.62 -26.42
CA MET B 325 14.66 -38.76 -25.46
C MET B 325 14.69 -39.32 -24.04
N ASP B 326 14.67 -40.63 -23.86
CA ASP B 326 14.61 -41.22 -22.54
C ASP B 326 15.92 -41.90 -22.19
N THR B 327 16.31 -41.77 -20.91
CA THR B 327 17.54 -42.37 -20.41
C THR B 327 17.34 -43.01 -19.04
N LYS B 328 16.09 -43.14 -18.58
CA LYS B 328 15.83 -43.80 -17.31
C LYS B 328 16.19 -45.28 -17.37
N LEU B 329 15.97 -45.92 -18.51
CA LEU B 329 16.42 -47.29 -18.75
C LEU B 329 17.61 -47.27 -19.68
N GLY B 330 18.60 -48.12 -19.39
CA GLY B 330 19.74 -48.25 -20.29
C GLY B 330 19.36 -48.96 -21.57
N GLY B 331 18.51 -49.99 -21.47
CA GLY B 331 17.95 -50.62 -22.64
C GLY B 331 16.61 -50.04 -23.01
N GLN B 332 16.58 -48.73 -23.28
CA GLN B 332 15.35 -48.04 -23.62
C GLN B 332 15.01 -48.16 -25.10
N TYR B 333 16.02 -48.11 -25.97
CA TYR B 333 15.81 -48.25 -27.40
C TYR B 333 15.25 -49.60 -27.85
N PRO B 334 15.87 -50.79 -27.54
CA PRO B 334 15.82 -51.90 -28.51
C PRO B 334 14.50 -52.65 -28.65
N GLN B 335 13.39 -52.07 -28.18
CA GLN B 335 12.08 -52.66 -28.44
C GLN B 335 11.69 -52.52 -29.92
N LYS B 336 12.34 -51.59 -30.64
CA LYS B 336 12.34 -51.42 -32.10
C LYS B 336 11.00 -50.88 -32.65
N GLY B 337 9.92 -51.01 -31.90
CA GLY B 337 8.67 -50.37 -32.23
C GLY B 337 8.54 -48.97 -31.65
N ALA B 338 9.63 -48.37 -31.17
CA ALA B 338 9.56 -47.06 -30.54
C ALA B 338 9.28 -45.96 -31.54
N PHE B 339 9.88 -45.99 -32.72
CA PHE B 339 9.65 -44.90 -33.66
C PHE B 339 8.27 -44.99 -34.30
N THR B 340 7.79 -46.20 -34.56
CA THR B 340 6.43 -46.31 -35.08
C THR B 340 5.40 -46.05 -33.99
N ALA B 341 5.73 -46.34 -32.72
CA ALA B 341 4.83 -45.99 -31.62
C ALA B 341 4.81 -44.49 -31.41
N ALA B 342 5.95 -43.83 -31.61
CA ALA B 342 6.00 -42.38 -31.52
C ALA B 342 5.26 -41.73 -32.67
N ASN B 343 5.32 -42.33 -33.86
CA ASN B 343 4.52 -41.82 -34.98
C ASN B 343 3.04 -42.02 -34.73
N LEU B 344 2.66 -43.13 -34.07
CA LEU B 344 1.28 -43.33 -33.65
C LEU B 344 0.85 -42.26 -32.64
N ALA B 345 1.74 -41.92 -31.72
CA ALA B 345 1.42 -40.88 -30.74
C ALA B 345 1.32 -39.51 -31.37
N LEU B 346 2.17 -39.20 -32.36
CA LEU B 346 2.06 -37.94 -33.09
C LEU B 346 0.81 -37.91 -33.94
N GLN B 347 0.35 -39.06 -34.42
CA GLN B 347 -0.92 -39.12 -35.12
C GLN B 347 -2.10 -38.96 -34.16
N CYS B 348 -1.95 -39.39 -32.91
CA CYS B 348 -3.00 -39.19 -31.91
C CYS B 348 -3.03 -37.76 -31.38
N LEU B 349 -1.90 -37.06 -31.43
CA LEU B 349 -1.77 -35.74 -30.80
C LEU B 349 -2.02 -34.61 -31.80
N ASN B 350 -2.92 -34.81 -32.75
CA ASN B 350 -3.18 -33.80 -33.77
C ASN B 350 -3.90 -32.61 -33.16
N PRO B 351 -3.56 -31.39 -33.58
CA PRO B 351 -4.31 -30.22 -33.12
C PRO B 351 -5.73 -30.18 -33.66
N ASP B 352 -5.98 -30.74 -34.84
CA ASP B 352 -7.32 -30.78 -35.41
C ASP B 352 -8.01 -32.06 -34.95
N ALA B 353 -9.34 -31.99 -34.86
CA ALA B 353 -10.15 -33.11 -34.41
C ALA B 353 -10.75 -33.92 -35.55
N LYS B 354 -10.41 -33.60 -36.81
CA LYS B 354 -11.05 -34.27 -37.93
C LYS B 354 -10.21 -35.39 -38.53
N LEU B 355 -8.90 -35.37 -38.32
CA LEU B 355 -8.06 -36.53 -38.59
C LEU B 355 -7.85 -37.37 -37.33
N ARG B 356 -8.84 -37.35 -36.44
CA ARG B 356 -8.95 -38.09 -35.19
C ARG B 356 -8.78 -39.59 -35.36
N PRO B 357 -7.82 -40.21 -34.67
CA PRO B 357 -7.75 -41.68 -34.63
C PRO B 357 -8.76 -42.20 -33.63
N LYS B 358 -9.60 -43.13 -34.07
CA LYS B 358 -10.54 -43.77 -33.17
C LYS B 358 -9.81 -44.66 -32.18
N MET B 359 -10.44 -44.91 -31.03
CA MET B 359 -9.83 -45.76 -30.02
C MET B 359 -9.83 -47.22 -30.43
N SER B 360 -10.72 -47.61 -31.35
CA SER B 360 -10.68 -48.98 -31.85
C SER B 360 -9.47 -49.19 -32.77
N GLU B 361 -9.29 -48.31 -33.76
CA GLU B 361 -8.27 -48.51 -34.78
C GLU B 361 -6.85 -48.25 -34.28
N VAL B 362 -6.68 -47.64 -33.11
CA VAL B 362 -5.34 -47.40 -32.60
C VAL B 362 -4.80 -48.64 -31.90
N LEU B 363 -5.67 -49.58 -31.51
CA LEU B 363 -5.23 -50.76 -30.78
C LEU B 363 -4.42 -51.70 -31.66
N VAL B 364 -4.97 -52.08 -32.81
CA VAL B 364 -4.35 -53.10 -33.64
C VAL B 364 -3.13 -52.56 -34.39
N THR B 365 -2.95 -51.23 -34.42
CA THR B 365 -1.72 -50.66 -34.94
C THR B 365 -0.59 -50.71 -33.94
N LEU B 366 -0.88 -50.97 -32.66
CA LEU B 366 0.14 -51.00 -31.64
C LEU B 366 0.79 -52.38 -31.48
N GLU B 367 0.05 -53.45 -31.72
CA GLU B 367 0.59 -54.80 -31.60
C GLU B 367 1.35 -55.19 -32.88
N ASP C 17 -35.65 -5.87 13.78
CA ASP C 17 -35.21 -7.01 13.00
C ASP C 17 -33.75 -7.35 13.28
N LYS C 18 -33.23 -8.35 12.58
CA LYS C 18 -31.81 -8.67 12.62
C LYS C 18 -31.02 -7.94 11.55
N ALA C 19 -31.58 -6.86 11.00
CA ALA C 19 -30.84 -6.02 10.06
C ALA C 19 -29.66 -5.34 10.73
N LYS C 20 -29.80 -5.04 12.02
CA LYS C 20 -28.75 -4.33 12.74
C LYS C 20 -27.50 -5.20 12.89
N ARG C 21 -27.68 -6.48 13.17
CA ARG C 21 -26.51 -7.34 13.33
C ARG C 21 -25.90 -7.71 11.99
N TRP C 22 -26.72 -7.78 10.93
CA TRP C 22 -26.22 -7.81 9.57
C TRP C 22 -25.25 -6.65 9.34
N PHE C 23 -25.73 -5.44 9.65
CA PHE C 23 -24.96 -4.23 9.42
C PHE C 23 -23.68 -4.22 10.24
N LEU C 24 -23.77 -4.63 11.50
CA LEU C 24 -22.61 -4.57 12.38
C LEU C 24 -21.53 -5.56 11.94
N ASP C 25 -21.93 -6.80 11.65
CA ASP C 25 -20.94 -7.81 11.30
C ASP C 25 -20.30 -7.54 9.94
N ASN C 26 -21.11 -7.20 8.95
CA ASN C 26 -20.50 -7.02 7.64
C ASN C 26 -19.75 -5.70 7.55
N GLY C 27 -20.17 -4.67 8.30
CA GLY C 27 -19.37 -3.47 8.39
C GLY C 27 -18.06 -3.69 9.11
N SER C 28 -18.07 -4.59 10.09
CA SER C 28 -16.83 -4.96 10.79
C SER C 28 -15.83 -5.59 9.82
N ILE C 29 -16.24 -6.64 9.12
CA ILE C 29 -15.30 -7.29 8.21
C ILE C 29 -14.97 -6.42 7.02
N PHE C 30 -15.89 -5.52 6.64
CA PHE C 30 -15.64 -4.60 5.55
C PHE C 30 -14.57 -3.60 5.93
N LEU C 31 -14.65 -3.07 7.15
CA LEU C 31 -13.62 -2.14 7.61
C LEU C 31 -12.29 -2.84 7.77
N ARG C 32 -12.30 -4.09 8.22
CA ARG C 32 -11.06 -4.83 8.41
C ARG C 32 -10.35 -5.05 7.09
N GLU C 33 -11.07 -5.52 6.08
CA GLU C 33 -10.41 -5.71 4.79
C GLU C 33 -10.12 -4.38 4.12
N LEU C 34 -10.87 -3.33 4.46
CA LEU C 34 -10.63 -2.02 3.88
C LEU C 34 -9.30 -1.46 4.35
N VAL C 35 -9.07 -1.49 5.65
CA VAL C 35 -7.80 -1.01 6.15
C VAL C 35 -6.67 -1.96 5.79
N ALA C 36 -6.96 -3.26 5.65
CA ALA C 36 -5.92 -4.21 5.29
C ALA C 36 -5.46 -4.02 3.86
N ASP C 37 -6.35 -3.55 2.99
CA ASP C 37 -5.89 -3.21 1.65
C ASP C 37 -5.20 -1.86 1.63
N CYS C 38 -5.92 -0.80 2.00
CA CYS C 38 -5.40 0.54 1.71
C CYS C 38 -5.51 1.45 2.91
N ASN C 39 -5.07 0.98 4.08
CA ASN C 39 -4.71 1.81 5.22
C ASN C 39 -5.87 2.59 5.80
N GLY C 40 -7.10 2.20 5.51
CA GLY C 40 -8.26 2.95 5.95
C GLY C 40 -8.46 4.25 5.22
N LYS C 41 -7.77 4.46 4.10
CA LYS C 41 -7.86 5.70 3.33
C LYS C 41 -8.77 5.43 2.14
N SER C 42 -10.06 5.54 2.37
CA SER C 42 -11.08 5.15 1.42
C SER C 42 -11.42 6.31 0.49
N ILE C 43 -12.52 6.18 -0.23
CA ILE C 43 -13.11 7.21 -1.07
C ILE C 43 -14.47 7.45 -0.44
N PRO C 44 -15.09 8.65 -0.55
CA PRO C 44 -16.33 8.92 0.18
C PRO C 44 -17.53 8.07 -0.21
N ILE C 45 -17.51 6.83 0.30
CA ILE C 45 -18.69 5.99 0.38
C ILE C 45 -19.80 6.72 1.13
N ARG C 46 -21.02 6.65 0.60
CA ARG C 46 -22.18 7.09 1.35
C ARG C 46 -23.07 5.89 1.60
N SER C 47 -23.98 6.02 2.55
CA SER C 47 -24.84 4.90 2.91
C SER C 47 -26.25 5.14 2.38
N PHE C 48 -26.91 4.03 2.04
CA PHE C 48 -28.26 4.07 1.52
C PHE C 48 -29.17 3.28 2.45
N SER C 49 -30.47 3.45 2.27
CA SER C 49 -31.39 2.75 3.15
C SER C 49 -31.93 1.51 2.47
N PRO C 50 -32.39 0.53 3.25
CA PRO C 50 -33.18 -0.56 2.69
C PRO C 50 -34.42 -0.09 1.95
N GLU C 51 -35.13 0.91 2.50
CA GLU C 51 -36.32 1.42 1.84
C GLU C 51 -35.96 2.13 0.54
N GLN C 52 -34.85 2.87 0.55
CA GLN C 52 -34.39 3.55 -0.67
C GLN C 52 -34.04 2.55 -1.75
N ILE C 53 -33.30 1.50 -1.37
CA ILE C 53 -32.85 0.58 -2.40
C ILE C 53 -33.98 -0.35 -2.85
N LEU C 54 -34.96 -0.62 -1.99
CA LEU C 54 -36.07 -1.46 -2.42
C LEU C 54 -37.04 -0.69 -3.30
N LYS C 55 -37.24 0.60 -3.01
CA LYS C 55 -38.02 1.42 -3.94
C LYS C 55 -37.28 1.67 -5.24
N ALA C 56 -35.95 1.60 -5.22
CA ALA C 56 -35.20 1.65 -6.46
C ALA C 56 -35.42 0.38 -7.29
N THR C 57 -35.28 -0.78 -6.66
CA THR C 57 -35.28 -2.03 -7.42
C THR C 57 -36.67 -2.58 -7.68
N ASN C 58 -37.69 -2.05 -6.99
CA ASN C 58 -39.07 -2.54 -7.01
C ASN C 58 -39.14 -4.05 -6.76
N ASN C 59 -38.52 -4.47 -5.66
CA ASN C 59 -38.49 -5.85 -5.17
C ASN C 59 -37.87 -6.80 -6.19
N PHE C 60 -36.79 -6.34 -6.82
CA PHE C 60 -35.69 -7.12 -7.39
C PHE C 60 -36.00 -7.87 -8.68
N ASP C 61 -37.22 -7.83 -9.21
CA ASP C 61 -37.45 -8.56 -10.45
C ASP C 61 -38.47 -7.83 -11.30
N SER C 62 -38.00 -7.29 -12.41
CA SER C 62 -38.83 -6.61 -13.40
C SER C 62 -37.99 -6.50 -14.65
N SER C 63 -38.42 -5.61 -15.56
CA SER C 63 -37.55 -5.18 -16.64
C SER C 63 -36.37 -4.35 -16.15
N CYS C 64 -36.37 -3.91 -14.89
CA CYS C 64 -35.23 -3.25 -14.29
C CYS C 64 -34.01 -4.16 -14.15
N PHE C 65 -34.19 -5.48 -14.24
CA PHE C 65 -33.07 -6.39 -14.42
C PHE C 65 -32.33 -6.05 -15.70
N VAL C 66 -31.01 -6.18 -15.67
CA VAL C 66 -30.23 -6.05 -16.88
C VAL C 66 -29.39 -7.29 -17.11
N SER C 67 -28.47 -7.59 -16.18
CA SER C 67 -27.47 -8.59 -16.50
C SER C 67 -27.35 -9.66 -15.43
N GLN C 68 -27.15 -10.90 -15.86
CA GLN C 68 -26.92 -12.03 -15.00
C GLN C 68 -25.44 -12.39 -14.99
N ASP C 69 -25.00 -13.00 -13.89
CA ASP C 69 -23.73 -13.72 -13.83
C ASP C 69 -23.85 -14.74 -12.70
N VAL C 70 -22.71 -15.26 -12.23
CA VAL C 70 -22.73 -16.32 -11.23
C VAL C 70 -23.09 -15.78 -9.86
N TYR C 71 -22.40 -14.76 -9.38
CA TYR C 71 -22.65 -14.28 -8.04
C TYR C 71 -23.69 -13.18 -7.98
N TYR C 72 -23.84 -12.41 -9.05
CA TYR C 72 -24.44 -11.09 -8.92
C TYR C 72 -25.37 -10.82 -10.09
N LYS C 73 -26.34 -9.96 -9.85
CA LYS C 73 -27.30 -9.56 -10.87
C LYS C 73 -27.30 -8.05 -10.95
N TRP C 74 -26.94 -7.52 -12.11
CA TRP C 74 -26.84 -6.08 -12.32
C TRP C 74 -28.21 -5.52 -12.69
N TYR C 75 -28.78 -4.72 -11.79
CA TYR C 75 -30.09 -4.10 -11.97
C TYR C 75 -29.95 -2.63 -12.30
N ARG C 76 -31.03 -2.06 -12.80
CA ARG C 76 -31.26 -0.63 -12.74
C ARG C 76 -32.03 -0.29 -11.47
N GLY C 77 -32.11 1.00 -11.18
CA GLY C 77 -32.92 1.42 -10.05
C GLY C 77 -33.03 2.93 -10.06
N GLU C 78 -33.82 3.45 -9.12
CA GLU C 78 -34.02 4.90 -9.05
C GLU C 78 -34.27 5.30 -7.61
N ILE C 79 -33.32 6.00 -7.01
CA ILE C 79 -33.53 6.77 -5.78
C ILE C 79 -34.09 8.11 -6.25
N GLU C 80 -34.52 8.95 -5.30
CA GLU C 80 -35.18 10.24 -5.52
C GLU C 80 -34.46 11.08 -6.55
N ASP C 81 -35.17 11.32 -7.66
CA ASP C 81 -34.78 12.01 -8.88
C ASP C 81 -33.43 11.59 -9.47
N ARG C 82 -32.96 10.38 -9.15
CA ARG C 82 -31.67 9.91 -9.66
C ARG C 82 -31.70 8.40 -9.86
N SER C 83 -31.58 7.99 -11.10
CA SER C 83 -31.40 6.58 -11.41
C SER C 83 -29.99 6.14 -11.06
N TYR C 84 -29.81 4.83 -10.93
CA TYR C 84 -28.55 4.24 -10.51
C TYR C 84 -28.43 2.82 -11.05
N MET C 85 -27.19 2.34 -11.11
CA MET C 85 -26.90 0.94 -11.38
C MET C 85 -26.62 0.23 -10.07
N ILE C 86 -27.26 -0.91 -9.86
CA ILE C 86 -27.24 -1.58 -8.57
C ILE C 86 -26.68 -2.98 -8.78
N LYS C 87 -25.98 -3.52 -7.78
CA LYS C 87 -25.49 -4.88 -7.82
C LYS C 87 -25.78 -5.53 -6.48
N ARG C 88 -26.52 -6.62 -6.50
CA ARG C 88 -26.67 -7.42 -5.30
C ARG C 88 -25.75 -8.63 -5.43
N PHE C 89 -25.82 -9.54 -4.47
CA PHE C 89 -25.07 -10.78 -4.55
C PHE C 89 -26.00 -11.93 -4.23
N SER C 90 -25.67 -13.10 -4.76
CA SER C 90 -26.49 -14.28 -4.55
C SER C 90 -26.33 -14.77 -3.11
N GLU C 91 -27.41 -14.77 -2.35
CA GLU C 91 -27.33 -15.25 -0.97
C GLU C 91 -27.13 -16.75 -0.90
N ASP C 92 -27.69 -17.49 -1.85
CA ASP C 92 -27.67 -18.95 -1.78
C ASP C 92 -26.35 -19.51 -2.29
N GLU C 93 -25.71 -18.82 -3.23
CA GLU C 93 -24.57 -19.38 -3.94
C GLU C 93 -23.25 -19.07 -3.27
N ILE C 94 -23.23 -18.22 -2.24
CA ILE C 94 -21.99 -17.74 -1.66
C ILE C 94 -21.78 -18.27 -0.25
N THR C 95 -22.83 -18.27 0.59
CA THR C 95 -22.71 -18.37 2.04
C THR C 95 -22.13 -19.67 2.56
N GLY C 96 -22.00 -20.69 1.72
CA GLY C 96 -21.43 -21.94 2.20
C GLY C 96 -19.99 -22.12 1.78
N LYS C 97 -19.32 -21.02 1.44
CA LYS C 97 -17.97 -21.13 0.89
C LYS C 97 -17.12 -19.98 1.43
N ARG C 98 -16.18 -20.34 2.30
CA ARG C 98 -15.26 -19.37 2.91
C ARG C 98 -14.43 -18.67 1.87
N HIS C 99 -13.97 -19.40 0.84
CA HIS C 99 -13.21 -18.75 -0.21
C HIS C 99 -14.08 -17.81 -1.02
N ARG C 100 -15.38 -18.07 -1.09
CA ARG C 100 -16.26 -17.17 -1.82
C ARG C 100 -16.52 -15.89 -1.03
N VAL C 101 -16.65 -15.98 0.29
CA VAL C 101 -16.89 -14.73 1.03
C VAL C 101 -15.60 -13.91 1.13
N LYS C 102 -14.46 -14.59 1.27
CA LYS C 102 -13.16 -13.92 1.18
C LYS C 102 -12.95 -13.35 -0.21
N GLU C 103 -13.57 -13.96 -1.21
CA GLU C 103 -13.51 -13.39 -2.54
C GLU C 103 -14.37 -12.14 -2.65
N VAL C 104 -15.62 -12.20 -2.19
CA VAL C 104 -16.57 -11.12 -2.48
C VAL C 104 -16.21 -9.85 -1.69
N TYR C 105 -15.58 -9.98 -0.53
CA TYR C 105 -15.20 -8.74 0.11
C TYR C 105 -13.97 -8.14 -0.53
N ASN C 106 -13.09 -8.97 -1.07
CA ASN C 106 -12.02 -8.48 -1.93
C ASN C 106 -12.59 -7.74 -3.13
N ASP C 107 -13.72 -8.24 -3.65
CA ASP C 107 -14.38 -7.58 -4.78
C ASP C 107 -14.83 -6.17 -4.42
N ILE C 108 -15.59 -6.06 -3.32
CA ILE C 108 -16.15 -4.74 -3.00
C ILE C 108 -15.07 -3.77 -2.56
N VAL C 109 -14.06 -4.23 -1.82
CA VAL C 109 -13.06 -3.29 -1.37
C VAL C 109 -12.11 -2.91 -2.49
N LEU C 110 -11.84 -3.81 -3.43
CA LEU C 110 -10.93 -3.43 -4.49
C LEU C 110 -11.63 -2.53 -5.47
N SER C 111 -12.94 -2.72 -5.67
CA SER C 111 -13.68 -1.77 -6.49
C SER C 111 -13.78 -0.42 -5.81
N ALA C 112 -13.91 -0.41 -4.48
CA ALA C 112 -14.01 0.85 -3.76
C ALA C 112 -12.70 1.61 -3.80
N ARG C 113 -11.58 0.90 -3.72
CA ARG C 113 -10.29 1.54 -3.94
C ARG C 113 -10.12 1.94 -5.39
N MET C 114 -10.83 1.26 -6.29
CA MET C 114 -10.68 1.52 -7.71
C MET C 114 -11.55 2.65 -8.22
N SER C 115 -12.21 3.39 -7.36
CA SER C 115 -13.03 4.48 -7.85
C SER C 115 -12.22 5.67 -8.33
N ASN C 116 -10.92 5.69 -8.09
CA ASN C 116 -10.11 6.86 -8.41
C ASN C 116 -9.70 6.92 -9.87
N HIS C 117 -10.33 6.14 -10.75
CA HIS C 117 -10.13 6.28 -12.17
C HIS C 117 -11.43 6.70 -12.83
N SER C 118 -11.31 7.34 -13.99
CA SER C 118 -12.47 7.73 -14.77
C SER C 118 -12.80 6.71 -15.85
N ASN C 119 -12.13 5.56 -15.86
CA ASN C 119 -12.47 4.49 -16.77
C ASN C 119 -12.98 3.27 -16.03
N PHE C 120 -13.02 3.31 -14.71
CA PHE C 120 -13.71 2.32 -13.93
C PHE C 120 -15.06 2.84 -13.47
N LEU C 121 -15.92 1.91 -13.10
CA LEU C 121 -17.24 2.25 -12.60
C LEU C 121 -17.10 2.79 -11.18
N GLN C 122 -17.46 4.06 -10.99
CA GLN C 122 -17.29 4.70 -9.70
C GLN C 122 -18.23 4.10 -8.67
N LEU C 123 -17.70 3.80 -7.50
CA LEU C 123 -18.55 3.30 -6.43
C LEU C 123 -19.19 4.48 -5.72
N LEU C 124 -20.42 4.28 -5.29
CA LEU C 124 -21.17 5.32 -4.60
C LEU C 124 -21.68 4.88 -3.25
N GLY C 125 -21.53 3.63 -2.88
CA GLY C 125 -21.81 3.22 -1.53
C GLY C 125 -22.48 1.88 -1.51
N CYS C 126 -22.86 1.45 -0.30
CA CYS C 126 -23.45 0.14 -0.14
C CYS C 126 -24.41 0.16 1.03
N CYS C 127 -25.44 -0.68 0.95
CA CYS C 127 -26.34 -0.92 2.05
C CYS C 127 -25.96 -2.24 2.72
N LEU C 128 -26.10 -2.28 4.03
CA LEU C 128 -25.45 -3.34 4.78
C LEU C 128 -26.42 -4.13 5.64
N GLU C 129 -27.72 -3.86 5.55
CA GLU C 129 -28.70 -4.56 6.37
C GLU C 129 -29.12 -5.90 5.78
N PHE C 130 -28.41 -6.41 4.80
CA PHE C 130 -28.77 -7.60 4.05
C PHE C 130 -27.90 -8.76 4.50
N PRO C 131 -28.16 -9.98 4.02
CA PRO C 131 -27.10 -11.01 4.12
C PRO C 131 -25.81 -10.62 3.42
N PHE C 132 -25.89 -9.86 2.34
CA PHE C 132 -24.66 -9.47 1.68
C PHE C 132 -24.79 -8.06 1.12
N PRO C 133 -23.69 -7.31 1.10
CA PRO C 133 -23.80 -5.87 0.84
C PRO C 133 -24.09 -5.51 -0.60
N VAL C 134 -25.38 -5.48 -0.93
CA VAL C 134 -25.84 -4.87 -2.19
C VAL C 134 -25.34 -3.44 -2.25
N LEU C 135 -24.87 -3.03 -3.42
CA LEU C 135 -24.09 -1.83 -3.51
C LEU C 135 -24.41 -1.07 -4.79
N VAL C 136 -24.37 0.24 -4.67
CA VAL C 136 -24.77 1.15 -5.72
C VAL C 136 -23.54 1.58 -6.49
N PHE C 137 -23.72 2.01 -7.73
CA PHE C 137 -22.62 2.58 -8.48
C PHE C 137 -23.11 3.82 -9.20
N GLU C 138 -22.22 4.40 -9.99
CA GLU C 138 -22.59 5.52 -10.84
C GLU C 138 -23.55 5.03 -11.91
N PHE C 139 -24.52 5.87 -12.25
CA PHE C 139 -25.50 5.49 -13.25
C PHE C 139 -24.89 5.65 -14.64
N ALA C 140 -24.51 4.54 -15.24
CA ALA C 140 -24.33 4.52 -16.68
C ALA C 140 -25.69 4.44 -17.35
N GLU C 141 -25.85 5.15 -18.46
CA GLU C 141 -27.18 5.25 -19.06
C GLU C 141 -27.56 3.96 -19.77
N HIS C 142 -26.79 3.57 -20.79
CA HIS C 142 -27.08 2.33 -21.49
C HIS C 142 -26.82 1.15 -20.59
N GLY C 143 -27.43 0.03 -20.93
CA GLY C 143 -27.35 -1.15 -20.09
C GLY C 143 -26.00 -1.83 -20.17
N ALA C 144 -25.95 -3.01 -19.57
CA ALA C 144 -24.76 -3.84 -19.66
C ALA C 144 -24.52 -4.26 -21.10
N MET C 145 -23.28 -4.23 -21.51
CA MET C 145 -22.93 -4.74 -22.82
C MET C 145 -23.14 -6.25 -22.83
N ASN C 146 -23.77 -6.77 -23.88
CA ASN C 146 -23.93 -8.20 -24.05
C ASN C 146 -22.69 -8.76 -24.72
N GLN C 147 -22.76 -9.98 -25.21
CA GLN C 147 -21.59 -10.54 -25.88
C GLN C 147 -21.39 -10.00 -27.29
N ARG C 148 -22.22 -9.07 -27.76
CA ARG C 148 -21.93 -8.40 -29.02
C ARG C 148 -21.87 -6.89 -28.87
N GLY C 149 -22.88 -6.29 -28.23
CA GLY C 149 -23.02 -4.84 -28.20
C GLY C 149 -24.09 -4.33 -27.25
N GLY C 150 -24.90 -3.38 -27.69
CA GLY C 150 -25.95 -2.85 -26.84
C GLY C 150 -27.06 -3.85 -26.62
N VAL C 151 -27.83 -3.65 -25.54
CA VAL C 151 -28.82 -4.62 -25.09
C VAL C 151 -30.22 -4.01 -25.09
N ILE C 152 -30.32 -2.68 -25.11
CA ILE C 152 -31.62 -2.04 -25.14
C ILE C 152 -32.17 -2.14 -26.56
N VAL C 153 -33.45 -1.83 -26.73
CA VAL C 153 -34.17 -2.16 -27.95
C VAL C 153 -33.68 -1.29 -29.10
N ASN C 154 -32.88 -1.89 -29.97
CA ASN C 154 -32.34 -1.19 -31.13
C ASN C 154 -32.42 -2.06 -32.38
N LEU C 159 -27.18 -2.61 -32.27
CA LEU C 159 -26.28 -2.01 -33.24
C LEU C 159 -25.64 -0.74 -32.69
N LEU C 160 -24.34 -0.59 -32.94
CA LEU C 160 -23.56 0.54 -32.49
C LEU C 160 -22.38 0.72 -33.44
N PRO C 161 -21.89 1.96 -33.63
CA PRO C 161 -20.88 2.21 -34.68
C PRO C 161 -19.50 1.65 -34.40
N TRP C 162 -18.55 2.05 -35.24
CA TRP C 162 -17.22 1.48 -35.24
C TRP C 162 -16.24 2.24 -34.35
N SER C 163 -16.28 3.57 -34.38
CA SER C 163 -15.36 4.38 -33.59
C SER C 163 -15.58 4.18 -32.10
N VAL C 164 -16.84 3.97 -31.70
CA VAL C 164 -17.11 3.66 -30.31
C VAL C 164 -16.58 2.29 -29.95
N ARG C 165 -16.49 1.37 -30.91
CA ARG C 165 -15.85 0.08 -30.63
C ARG C 165 -14.36 0.27 -30.38
N LEU C 166 -13.72 1.15 -31.16
CA LEU C 166 -12.30 1.41 -30.91
C LEU C 166 -12.07 2.10 -29.57
N LYS C 167 -12.98 3.00 -29.20
CA LYS C 167 -12.87 3.66 -27.90
C LYS C 167 -13.05 2.67 -26.76
N ILE C 168 -13.98 1.73 -26.92
CA ILE C 168 -14.17 0.66 -25.95
C ILE C 168 -12.92 -0.17 -25.83
N GLY C 169 -12.28 -0.48 -26.96
CA GLY C 169 -11.02 -1.20 -26.95
C GLY C 169 -9.90 -0.52 -26.19
N LYS C 170 -9.63 0.75 -26.52
CA LYS C 170 -8.54 1.46 -25.86
C LYS C 170 -8.82 1.71 -24.38
N GLU C 171 -10.08 1.90 -23.99
CA GLU C 171 -10.31 2.18 -22.58
C GLU C 171 -10.30 0.90 -21.76
N ILE C 172 -10.75 -0.22 -22.34
CA ILE C 172 -10.56 -1.51 -21.69
C ILE C 172 -9.08 -1.79 -21.50
N ALA C 173 -8.28 -1.46 -22.52
CA ALA C 173 -6.85 -1.71 -22.48
C ALA C 173 -6.16 -0.91 -21.37
N ASN C 174 -6.41 0.40 -21.31
CA ASN C 174 -5.67 1.13 -20.29
C ASN C 174 -6.21 0.89 -18.88
N ALA C 175 -7.49 0.50 -18.76
CA ALA C 175 -7.98 0.08 -17.45
C ALA C 175 -7.28 -1.17 -16.96
N VAL C 176 -7.08 -2.13 -17.86
CA VAL C 176 -6.39 -3.34 -17.44
C VAL C 176 -4.92 -3.05 -17.14
N THR C 177 -4.32 -2.05 -17.82
CA THR C 177 -2.95 -1.69 -17.46
C THR C 177 -2.89 -1.08 -16.08
N TYR C 178 -3.92 -0.32 -15.70
CA TYR C 178 -4.01 0.19 -14.34
C TYR C 178 -4.04 -0.94 -13.35
N LEU C 179 -4.88 -1.95 -13.62
CA LEU C 179 -4.93 -3.16 -12.79
C LEU C 179 -3.59 -3.88 -12.73
N HIS C 180 -2.80 -3.79 -13.79
CA HIS C 180 -1.55 -4.52 -13.83
C HIS C 180 -0.43 -3.80 -13.09
N THR C 181 -0.38 -2.47 -13.18
CA THR C 181 0.86 -1.78 -12.87
C THR C 181 0.72 -0.72 -11.79
N ALA C 182 -0.50 -0.31 -11.43
CA ALA C 182 -0.66 0.95 -10.71
C ALA C 182 -0.26 0.92 -9.24
N PHE C 183 0.45 -0.09 -8.77
CA PHE C 183 0.70 -0.28 -7.36
C PHE C 183 2.08 -0.82 -7.09
N PRO C 184 2.52 -0.82 -5.83
CA PRO C 184 3.60 -1.71 -5.43
C PRO C 184 3.24 -3.16 -5.61
N LYS C 185 2.13 -3.61 -5.03
CA LYS C 185 1.71 -4.99 -5.18
C LYS C 185 0.64 -5.09 -6.25
N ILE C 186 0.86 -5.96 -7.22
CA ILE C 186 0.03 -5.98 -8.42
C ILE C 186 -1.08 -7.01 -8.27
N ILE C 187 -2.17 -6.78 -8.99
CA ILE C 187 -3.36 -7.62 -8.93
C ILE C 187 -3.69 -8.08 -10.34
N ILE C 188 -4.36 -9.22 -10.43
CA ILE C 188 -4.77 -9.80 -11.70
C ILE C 188 -6.18 -10.32 -11.52
N HIS C 189 -7.10 -9.88 -12.39
CA HIS C 189 -8.41 -10.51 -12.44
C HIS C 189 -8.54 -11.24 -13.77
N ARG C 190 -8.96 -12.50 -13.68
CA ARG C 190 -8.61 -13.52 -14.64
C ARG C 190 -9.54 -13.59 -15.83
N ASP C 191 -10.36 -12.56 -16.06
CA ASP C 191 -11.39 -12.64 -17.08
C ASP C 191 -11.83 -11.25 -17.47
N VAL C 192 -11.66 -10.91 -18.74
CA VAL C 192 -12.22 -9.69 -19.31
C VAL C 192 -13.18 -10.09 -20.42
N LYS C 193 -14.45 -9.85 -20.19
CA LYS C 193 -15.48 -10.24 -21.15
C LYS C 193 -16.28 -9.01 -21.51
N PRO C 194 -16.92 -9.02 -22.67
CA PRO C 194 -17.87 -7.95 -22.97
C PRO C 194 -19.18 -8.06 -22.20
N MET C 195 -19.34 -9.07 -21.35
CA MET C 195 -20.48 -9.09 -20.44
C MET C 195 -20.30 -8.14 -19.26
N HIS C 196 -19.08 -7.62 -19.05
CA HIS C 196 -18.81 -6.81 -17.87
C HIS C 196 -18.71 -5.32 -18.16
N VAL C 197 -18.26 -4.95 -19.35
CA VAL C 197 -17.90 -3.56 -19.63
C VAL C 197 -19.14 -2.70 -19.77
N PHE C 198 -19.49 -1.97 -18.71
CA PHE C 198 -20.69 -1.15 -18.76
C PHE C 198 -20.40 0.12 -19.55
N LEU C 199 -21.46 0.86 -19.85
CA LEU C 199 -21.36 1.92 -20.84
C LEU C 199 -22.34 3.04 -20.52
N ASP C 200 -21.83 4.26 -20.56
CA ASP C 200 -22.52 5.43 -20.03
C ASP C 200 -23.35 6.13 -21.08
N LYS C 201 -23.78 7.35 -20.77
CA LYS C 201 -24.47 8.19 -21.74
C LYS C 201 -23.50 8.74 -22.78
N ASN C 202 -22.32 9.21 -22.36
CA ASN C 202 -21.37 9.85 -23.26
C ASN C 202 -20.48 8.86 -23.98
N TRP C 203 -20.82 7.57 -23.95
CA TRP C 203 -20.17 6.51 -24.71
C TRP C 203 -18.70 6.35 -24.32
N THR C 204 -18.50 6.06 -23.04
CA THR C 204 -17.23 5.60 -22.51
C THR C 204 -17.42 4.18 -22.00
N ALA C 205 -16.33 3.44 -21.88
CA ALA C 205 -16.38 2.04 -21.49
C ALA C 205 -15.92 1.90 -20.06
N LYS C 206 -16.85 1.92 -19.13
CA LYS C 206 -16.51 1.83 -17.72
C LYS C 206 -16.56 0.38 -17.32
N LEU C 207 -15.39 -0.21 -17.10
CA LEU C 207 -15.30 -1.60 -16.67
C LEU C 207 -15.71 -1.70 -15.21
N SER C 208 -16.14 -2.88 -14.82
CA SER C 208 -16.64 -3.07 -13.47
C SER C 208 -16.34 -4.48 -13.04
N ASP C 209 -16.96 -4.84 -11.92
CA ASP C 209 -16.84 -6.10 -11.18
C ASP C 209 -15.42 -6.64 -11.15
N LEU C 210 -14.51 -5.87 -10.54
CA LEU C 210 -13.15 -6.33 -10.33
C LEU C 210 -13.22 -7.41 -9.26
N SER C 211 -13.61 -8.60 -9.68
CA SER C 211 -14.28 -9.51 -8.78
C SER C 211 -13.83 -10.94 -8.90
N PHE C 212 -12.73 -11.17 -9.60
CA PHE C 212 -12.10 -12.47 -9.63
C PHE C 212 -10.61 -12.29 -9.51
N SER C 213 -10.19 -11.18 -8.94
CA SER C 213 -8.78 -10.88 -8.86
C SER C 213 -8.12 -11.63 -7.72
N ILE C 214 -6.82 -11.76 -7.85
CA ILE C 214 -5.95 -12.07 -6.74
C ILE C 214 -4.84 -11.05 -6.74
N SER C 215 -4.34 -10.75 -5.56
CA SER C 215 -3.27 -9.79 -5.36
C SER C 215 -2.00 -10.61 -5.17
N LEU C 216 -1.17 -10.65 -6.20
CA LEU C 216 -0.02 -11.49 -5.86
C LEU C 216 1.06 -10.64 -5.20
N PRO C 217 1.74 -11.20 -4.19
CA PRO C 217 2.59 -10.37 -3.33
C PRO C 217 3.81 -9.76 -3.99
N GLU C 218 4.55 -9.01 -3.18
CA GLU C 218 5.48 -8.01 -3.66
C GLU C 218 6.65 -8.62 -4.42
N GLY C 219 6.96 -8.02 -5.57
CA GLY C 219 8.14 -8.37 -6.31
C GLY C 219 7.90 -9.49 -7.31
N LYS C 220 7.54 -10.66 -6.80
CA LYS C 220 7.37 -11.82 -7.64
C LYS C 220 6.14 -11.68 -8.54
N SER C 221 6.28 -12.13 -9.77
CA SER C 221 5.28 -11.92 -10.82
C SER C 221 4.69 -13.24 -11.29
N ARG C 222 4.67 -14.23 -10.40
CA ARG C 222 4.28 -15.58 -10.78
C ARG C 222 3.92 -16.30 -9.50
N ILE C 223 2.67 -16.74 -9.37
CA ILE C 223 2.28 -17.45 -8.17
C ILE C 223 1.28 -18.54 -8.53
N GLU C 224 1.29 -19.59 -7.72
CA GLU C 224 0.48 -20.79 -7.93
C GLU C 224 -0.94 -20.52 -7.46
N ALA C 225 -1.77 -20.07 -8.39
CA ALA C 225 -3.20 -20.00 -8.12
C ALA C 225 -3.73 -21.42 -8.00
N GLU C 226 -4.22 -21.78 -6.82
CA GLU C 226 -4.63 -23.14 -6.53
C GLU C 226 -6.03 -23.46 -7.03
N TRP C 227 -6.68 -22.53 -7.72
CA TRP C 227 -7.94 -22.79 -8.40
C TRP C 227 -7.85 -22.17 -9.78
N VAL C 228 -7.72 -22.99 -10.82
CA VAL C 228 -7.87 -22.45 -12.16
C VAL C 228 -9.33 -22.11 -12.38
N LEU C 229 -9.58 -20.93 -12.94
CA LEU C 229 -10.91 -20.35 -12.78
C LEU C 229 -11.17 -19.30 -13.85
N GLY C 230 -12.40 -19.31 -14.35
CA GLY C 230 -13.02 -18.10 -14.83
C GLY C 230 -13.39 -17.95 -16.29
N THR C 231 -14.67 -18.20 -16.58
CA THR C 231 -15.33 -17.92 -17.86
C THR C 231 -14.60 -18.63 -19.01
N PHE C 232 -14.86 -19.93 -19.01
CA PHE C 232 -14.50 -20.87 -20.05
C PHE C 232 -14.59 -20.30 -21.45
N GLY C 233 -13.52 -20.50 -22.21
CA GLY C 233 -13.35 -19.89 -23.50
C GLY C 233 -12.25 -18.85 -23.51
N TYR C 234 -12.03 -18.16 -22.40
CA TYR C 234 -11.06 -17.09 -22.27
C TYR C 234 -9.97 -17.47 -21.28
N ILE C 235 -9.44 -18.69 -21.40
CA ILE C 235 -8.73 -19.30 -20.29
C ILE C 235 -7.21 -19.23 -20.41
N ASP C 236 -6.67 -19.06 -21.64
CA ASP C 236 -5.25 -19.12 -21.96
C ASP C 236 -4.68 -20.46 -21.58
N PRO C 237 -4.89 -21.48 -22.44
CA PRO C 237 -4.72 -22.89 -22.05
C PRO C 237 -3.35 -23.26 -21.49
N LEU C 238 -2.30 -22.46 -21.70
CA LEU C 238 -1.06 -22.71 -21.00
C LEU C 238 -1.24 -22.55 -19.50
N TYR C 239 -1.97 -21.52 -19.08
CA TYR C 239 -2.32 -21.37 -17.67
C TYR C 239 -3.24 -22.49 -17.20
N HIS C 240 -4.14 -22.93 -18.08
CA HIS C 240 -5.08 -23.99 -17.74
C HIS C 240 -4.37 -25.31 -17.50
N LYS C 241 -3.29 -25.56 -18.22
CA LYS C 241 -2.54 -26.78 -18.04
C LYS C 241 -1.38 -26.65 -17.06
N THR C 242 -1.02 -25.43 -16.65
CA THR C 242 0.11 -25.29 -15.75
C THR C 242 -0.27 -24.84 -14.34
N CYS C 243 -1.53 -24.42 -14.13
CA CYS C 243 -2.13 -24.01 -12.84
C CYS C 243 -1.28 -23.03 -12.03
N PHE C 244 -0.68 -22.05 -12.70
CA PHE C 244 -0.25 -20.86 -11.99
C PHE C 244 -0.46 -19.65 -12.87
N VAL C 245 -0.68 -18.51 -12.22
CA VAL C 245 -1.13 -17.30 -12.90
C VAL C 245 0.06 -16.38 -13.12
N THR C 246 0.08 -15.73 -14.28
CA THR C 246 1.20 -14.87 -14.62
C THR C 246 0.68 -13.45 -14.83
N GLU C 247 1.60 -12.60 -15.27
CA GLU C 247 1.22 -11.34 -15.89
C GLU C 247 0.36 -11.57 -17.12
N TYR C 248 0.71 -12.55 -17.93
CA TYR C 248 0.15 -12.68 -19.27
C TYR C 248 -1.22 -13.33 -19.30
N THR C 249 -1.71 -13.81 -18.15
CA THR C 249 -2.98 -14.53 -18.11
C THR C 249 -4.16 -13.60 -18.41
N ASP C 250 -3.97 -12.30 -18.28
CA ASP C 250 -4.95 -11.36 -18.78
C ASP C 250 -4.68 -10.91 -20.19
N VAL C 251 -3.40 -10.84 -20.60
CA VAL C 251 -3.10 -10.29 -21.92
C VAL C 251 -3.46 -11.27 -23.02
N TYR C 252 -3.66 -12.55 -22.67
CA TYR C 252 -4.32 -13.44 -23.62
C TYR C 252 -5.77 -13.02 -23.78
N SER C 253 -6.53 -13.09 -22.68
CA SER C 253 -7.98 -13.10 -22.77
C SER C 253 -8.54 -11.72 -23.11
N PHE C 254 -7.72 -10.68 -23.03
CA PHE C 254 -8.12 -9.41 -23.59
C PHE C 254 -8.19 -9.48 -25.12
N GLY C 255 -7.37 -10.35 -25.72
CA GLY C 255 -7.36 -10.47 -27.17
C GLY C 255 -8.67 -11.03 -27.71
N ILE C 256 -9.23 -12.01 -27.02
CA ILE C 256 -10.53 -12.53 -27.42
C ILE C 256 -11.62 -11.86 -26.59
N CYS C 257 -11.27 -10.73 -25.98
CA CYS C 257 -12.28 -9.72 -25.68
C CYS C 257 -12.34 -8.65 -26.75
N LEU C 258 -11.27 -8.55 -27.54
CA LEU C 258 -11.24 -7.62 -28.66
C LEU C 258 -11.84 -8.26 -29.92
N LEU C 259 -11.52 -9.54 -30.13
CA LEU C 259 -12.01 -10.26 -31.30
C LEU C 259 -13.52 -10.41 -31.26
N VAL C 260 -14.07 -10.65 -30.08
CA VAL C 260 -15.52 -10.73 -29.90
C VAL C 260 -16.18 -9.42 -30.27
N ILE C 261 -15.57 -8.30 -29.90
CA ILE C 261 -16.12 -6.99 -30.22
C ILE C 261 -16.09 -6.76 -31.73
N ILE C 262 -14.98 -7.11 -32.38
CA ILE C 262 -14.83 -6.73 -33.79
C ILE C 262 -15.38 -7.74 -34.77
N THR C 263 -15.78 -8.94 -34.33
CA THR C 263 -16.49 -9.82 -35.24
C THR C 263 -17.94 -10.05 -34.85
N GLY C 264 -18.34 -9.70 -33.63
CA GLY C 264 -19.73 -9.89 -33.24
C GLY C 264 -20.14 -11.33 -33.07
N LYS C 265 -19.18 -12.26 -33.02
CA LYS C 265 -19.50 -13.66 -32.90
C LYS C 265 -19.18 -14.12 -31.50
N PRO C 266 -20.14 -14.66 -30.76
CA PRO C 266 -19.89 -15.08 -29.38
C PRO C 266 -18.90 -16.24 -29.30
N ALA C 267 -18.35 -16.41 -28.10
CA ALA C 267 -17.24 -17.33 -27.90
C ALA C 267 -17.69 -18.78 -28.05
N ILE C 268 -18.82 -19.13 -27.45
CA ILE C 268 -19.39 -20.47 -27.61
C ILE C 268 -20.28 -20.40 -28.85
N MET C 269 -19.64 -20.53 -30.01
CA MET C 269 -20.30 -20.38 -31.29
C MET C 269 -20.73 -21.74 -31.83
N THR C 270 -21.95 -21.81 -32.36
CA THR C 270 -22.45 -23.04 -32.95
C THR C 270 -22.92 -22.77 -34.37
N ILE C 271 -22.87 -23.81 -35.20
CA ILE C 271 -23.58 -23.84 -36.48
C ILE C 271 -24.31 -25.17 -36.57
N SER C 272 -25.54 -25.21 -36.04
CA SER C 272 -26.51 -26.30 -36.14
C SER C 272 -26.06 -27.65 -35.58
N ASP C 273 -24.86 -27.72 -35.00
CA ASP C 273 -24.23 -28.99 -34.59
C ASP C 273 -23.22 -28.67 -33.51
N GLY C 274 -23.52 -29.07 -32.27
CA GLY C 274 -22.58 -29.23 -31.17
C GLY C 274 -21.45 -28.25 -30.90
N ASP C 275 -21.68 -26.95 -31.16
CA ASP C 275 -20.86 -25.78 -30.84
C ASP C 275 -19.35 -25.93 -30.99
N LEU C 276 -18.89 -26.59 -32.05
CA LEU C 276 -17.46 -26.89 -32.17
C LEU C 276 -16.70 -25.80 -32.92
N GLN C 277 -16.90 -24.54 -32.52
CA GLN C 277 -16.33 -23.43 -33.26
C GLN C 277 -15.38 -22.67 -32.34
N GLY C 278 -14.11 -23.09 -32.36
CA GLY C 278 -13.08 -22.37 -31.65
C GLY C 278 -12.78 -21.07 -32.36
N ILE C 279 -12.91 -19.94 -31.65
CA ILE C 279 -12.88 -18.63 -32.28
C ILE C 279 -11.49 -18.34 -32.82
N LEU C 280 -10.47 -18.61 -31.98
CA LEU C 280 -9.08 -18.44 -32.38
C LEU C 280 -8.74 -19.33 -33.55
N SER C 281 -9.25 -20.55 -33.56
CA SER C 281 -8.96 -21.48 -34.64
C SER C 281 -9.58 -21.00 -35.95
N LEU C 282 -10.80 -20.48 -35.87
CA LEU C 282 -11.47 -20.00 -37.08
C LEU C 282 -10.77 -18.78 -37.64
N VAL C 283 -10.38 -17.82 -36.79
CA VAL C 283 -9.73 -16.63 -37.33
C VAL C 283 -8.31 -16.94 -37.76
N ARG C 284 -7.68 -17.94 -37.12
CA ARG C 284 -6.31 -18.28 -37.50
C ARG C 284 -6.27 -19.02 -38.83
N GLU C 285 -7.24 -19.90 -39.07
CA GLU C 285 -7.28 -20.55 -40.38
C GLU C 285 -7.78 -19.59 -41.46
N LEU C 286 -8.67 -18.64 -41.10
CA LEU C 286 -9.15 -17.71 -42.10
C LEU C 286 -8.13 -16.64 -42.41
N CYS C 287 -7.13 -16.47 -41.53
CA CYS C 287 -6.00 -15.58 -41.81
C CYS C 287 -5.23 -16.00 -43.06
N GLU C 288 -5.06 -17.30 -43.29
CA GLU C 288 -4.39 -17.78 -44.49
C GLU C 288 -5.34 -18.43 -45.48
N ASN C 289 -6.64 -18.45 -45.19
CA ASN C 289 -7.60 -18.97 -46.16
C ASN C 289 -8.47 -17.88 -46.79
N GLY C 290 -9.15 -17.07 -45.99
CA GLY C 290 -10.10 -16.11 -46.53
C GLY C 290 -9.51 -14.75 -46.79
N LYS C 291 -8.34 -14.50 -46.21
CA LYS C 291 -7.52 -13.30 -46.43
C LYS C 291 -8.24 -12.03 -46.01
N LEU C 292 -8.80 -12.05 -44.80
CA LEU C 292 -9.10 -10.91 -43.94
C LEU C 292 -10.22 -10.00 -44.42
N ASP C 293 -10.88 -10.31 -45.54
CA ASP C 293 -12.09 -9.59 -45.93
C ASP C 293 -13.35 -10.34 -45.51
N GLU C 294 -13.28 -11.03 -44.37
CA GLU C 294 -14.36 -11.87 -43.91
C GLU C 294 -14.54 -11.83 -42.40
N VAL C 295 -13.79 -10.99 -41.70
CA VAL C 295 -13.70 -11.05 -40.26
C VAL C 295 -14.26 -9.80 -39.59
N ILE C 296 -15.08 -9.03 -40.30
CA ILE C 296 -15.28 -7.64 -39.91
C ILE C 296 -16.73 -7.41 -39.49
N ASP C 297 -17.37 -8.45 -38.89
CA ASP C 297 -18.71 -8.39 -38.30
C ASP C 297 -19.73 -7.91 -39.33
N PRO C 298 -20.15 -8.78 -40.26
CA PRO C 298 -20.55 -8.33 -41.61
C PRO C 298 -21.73 -7.37 -41.68
N ARG C 299 -22.58 -7.34 -40.66
CA ARG C 299 -23.68 -6.39 -40.66
C ARG C 299 -23.20 -4.95 -40.49
N LEU C 300 -22.01 -4.76 -39.94
CA LEU C 300 -21.31 -3.49 -39.91
C LEU C 300 -20.88 -3.02 -41.30
N MET C 301 -20.85 -3.92 -42.30
CA MET C 301 -20.20 -3.64 -43.58
C MET C 301 -20.92 -2.59 -44.46
N LYS C 302 -21.91 -1.85 -43.95
CA LYS C 302 -22.32 -0.57 -44.51
C LYS C 302 -21.40 0.57 -44.07
N ASP C 303 -20.33 0.25 -43.34
CA ASP C 303 -19.24 1.17 -43.04
C ASP C 303 -18.60 1.68 -44.33
N ILE C 304 -18.02 2.88 -44.26
CA ILE C 304 -17.39 3.46 -45.44
C ILE C 304 -16.11 2.72 -45.79
N THR C 305 -15.45 2.11 -44.79
CA THR C 305 -14.25 1.27 -44.94
C THR C 305 -13.13 2.01 -45.70
N SER C 306 -12.96 3.29 -45.36
CA SER C 306 -12.06 4.14 -46.11
C SER C 306 -10.61 3.78 -45.85
N GLY C 307 -10.17 3.92 -44.61
CA GLY C 307 -8.84 3.51 -44.22
C GLY C 307 -8.91 2.71 -42.94
N GLN C 308 -10.09 2.69 -42.32
CA GLN C 308 -10.28 1.96 -41.09
C GLN C 308 -10.32 0.46 -41.29
N ARG C 309 -10.47 -0.02 -42.52
CA ARG C 309 -10.25 -1.44 -42.77
C ARG C 309 -8.80 -1.84 -42.50
N LEU C 310 -7.87 -0.92 -42.73
CA LEU C 310 -6.48 -1.19 -42.39
C LEU C 310 -6.27 -1.23 -40.89
N GLN C 311 -6.98 -0.39 -40.14
CA GLN C 311 -6.84 -0.47 -38.69
C GLN C 311 -7.58 -1.67 -38.13
N VAL C 312 -8.61 -2.15 -38.84
CA VAL C 312 -9.21 -3.45 -38.53
C VAL C 312 -8.17 -4.54 -38.69
N GLU C 313 -7.41 -4.50 -39.79
CA GLU C 313 -6.37 -5.49 -40.02
C GLU C 313 -5.28 -5.40 -38.96
N ALA C 314 -4.96 -4.18 -38.53
CA ALA C 314 -3.94 -3.99 -37.51
C ALA C 314 -4.41 -4.54 -36.15
N CYS C 315 -5.67 -4.32 -35.78
CA CYS C 315 -6.08 -4.84 -34.49
C CYS C 315 -6.32 -6.34 -34.53
N VAL C 316 -6.70 -6.90 -35.68
CA VAL C 316 -6.81 -8.36 -35.69
C VAL C 316 -5.44 -9.02 -35.69
N VAL C 317 -4.42 -8.39 -36.30
CA VAL C 317 -3.10 -9.03 -36.25
C VAL C 317 -2.50 -8.83 -34.86
N LEU C 318 -2.89 -7.75 -34.17
CA LEU C 318 -2.50 -7.57 -32.78
C LEU C 318 -3.15 -8.62 -31.90
N ALA C 319 -4.42 -8.91 -32.14
CA ALA C 319 -5.13 -9.89 -31.35
C ALA C 319 -4.59 -11.29 -31.57
N LEU C 320 -4.27 -11.65 -32.81
CA LEU C 320 -3.72 -12.98 -33.03
C LEU C 320 -2.26 -13.06 -32.59
N ARG C 321 -1.56 -11.92 -32.53
CA ARG C 321 -0.21 -11.94 -32.01
C ARG C 321 -0.20 -12.05 -30.49
N CYS C 322 -1.21 -11.51 -29.82
CA CYS C 322 -1.23 -11.50 -28.37
C CYS C 322 -1.85 -12.75 -27.77
N CYS C 323 -2.13 -13.77 -28.58
CA CYS C 323 -2.79 -14.96 -28.07
C CYS C 323 -2.11 -16.27 -28.44
N LYS C 324 -0.91 -16.22 -29.02
CA LYS C 324 -0.24 -17.47 -29.40
C LYS C 324 0.33 -18.17 -28.17
N GLU C 325 0.72 -19.43 -28.37
CA GLU C 325 0.97 -20.32 -27.25
C GLU C 325 2.34 -20.14 -26.59
N ARG C 326 3.21 -19.29 -27.13
CA ARG C 326 4.52 -19.06 -26.54
C ARG C 326 4.54 -17.67 -25.94
N ASP C 327 4.47 -17.61 -24.59
CA ASP C 327 4.04 -16.43 -23.87
C ASP C 327 5.00 -15.26 -24.03
N GLU C 328 6.28 -15.53 -24.23
CA GLU C 328 7.25 -14.45 -24.36
C GLU C 328 7.12 -13.72 -25.69
N ASP C 329 6.40 -14.28 -26.66
CA ASP C 329 6.07 -13.50 -27.85
C ASP C 329 4.96 -12.51 -27.58
N ARG C 330 4.16 -12.75 -26.54
CA ARG C 330 3.06 -11.86 -26.21
C ARG C 330 3.58 -10.54 -25.65
N PRO C 331 3.04 -9.42 -26.11
CA PRO C 331 3.36 -8.15 -25.47
C PRO C 331 2.66 -8.03 -24.13
N LYS C 332 3.08 -7.05 -23.35
CA LYS C 332 2.39 -6.78 -22.10
C LYS C 332 1.23 -5.84 -22.35
N MET C 333 0.44 -5.61 -21.29
CA MET C 333 -0.72 -4.74 -21.36
C MET C 333 -0.34 -3.32 -21.70
N ILE C 334 0.81 -2.86 -21.21
CA ILE C 334 1.31 -1.53 -21.56
C ILE C 334 1.57 -1.41 -23.05
N GLN C 335 2.15 -2.44 -23.68
CA GLN C 335 2.43 -2.35 -25.11
C GLN C 335 1.15 -2.40 -25.93
N VAL C 336 0.20 -3.26 -25.54
CA VAL C 336 -1.01 -3.35 -26.35
C VAL C 336 -1.87 -2.11 -26.18
N ALA C 337 -1.86 -1.50 -25.00
CA ALA C 337 -2.61 -0.28 -24.81
C ALA C 337 -1.95 0.89 -25.53
N LYS C 338 -0.61 0.92 -25.55
CA LYS C 338 0.09 2.02 -26.22
C LYS C 338 -0.14 1.97 -27.72
N GLU C 339 0.02 0.80 -28.34
CA GLU C 339 -0.17 0.82 -29.80
C GLU C 339 -1.65 0.79 -30.18
N LEU C 340 -2.53 0.35 -29.28
CA LEU C 340 -3.95 0.51 -29.51
C LEU C 340 -4.34 1.98 -29.49
N LYS C 341 -3.68 2.79 -28.66
CA LYS C 341 -3.87 4.23 -28.76
C LYS C 341 -3.25 4.76 -30.04
N GLN C 342 -2.11 4.20 -30.44
CA GLN C 342 -1.38 4.66 -31.62
C GLN C 342 -2.14 4.44 -32.93
N ILE C 343 -3.04 3.45 -33.00
CA ILE C 343 -3.73 3.22 -34.27
C ILE C 343 -4.94 4.13 -34.44
N GLU C 344 -5.05 5.16 -33.59
CA GLU C 344 -5.94 6.27 -33.85
C GLU C 344 -5.52 7.09 -35.08
N ALA C 345 -4.27 6.95 -35.53
CA ALA C 345 -3.63 7.84 -36.50
C ALA C 345 -4.26 7.94 -37.88
N SER C 346 -5.38 7.25 -38.12
CA SER C 346 -6.19 7.48 -39.30
C SER C 346 -6.75 8.90 -39.36
N LEU C 347 -6.88 9.56 -38.21
CA LEU C 347 -7.35 10.95 -38.14
C LEU C 347 -6.39 11.90 -38.83
N1 U5P D . -14.15 -27.11 -4.68
C2 U5P D . -14.83 -28.11 -4.07
N3 U5P D . -14.59 -29.38 -4.44
C4 U5P D . -13.71 -29.65 -5.39
C5 U5P D . -13.03 -28.65 -6.00
C6 U5P D . -13.26 -27.37 -5.63
O2 U5P D . -15.61 -27.85 -3.22
O4 U5P D . -13.51 -30.77 -5.71
C1' U5P D . -14.38 -25.77 -4.29
C2' U5P D . -13.16 -25.28 -3.60
O2' U5P D . -13.50 -24.83 -2.28
C3' U5P D . -12.66 -24.15 -4.39
C4' U5P D . -13.76 -23.75 -5.30
O3' U5P D . -12.33 -23.07 -3.51
O4' U5P D . -14.60 -24.94 -5.48
C5' U5P D . -13.17 -23.35 -6.61
O5' U5P D . -13.86 -22.22 -7.05
P U5P D . -14.79 -22.65 -8.34
O2P U5P D . -15.20 -24.04 -8.20
O3P U5P D . -16.12 -21.69 -8.38
N1 U5P E . -22.51 -19.34 -19.01
C2 U5P E . -23.11 -19.07 -17.76
N3 U5P E . -24.37 -19.48 -17.53
C4 U5P E . -25.07 -20.13 -18.46
C5 U5P E . -24.51 -20.39 -19.69
C6 U5P E . -23.22 -19.97 -19.95
O2 U5P E . -22.53 -18.47 -16.82
O4 U5P E . -26.24 -20.50 -18.22
C1' U5P E . -21.16 -18.94 -19.38
C2' U5P E . -21.19 -17.51 -19.88
O2' U5P E . -20.52 -17.43 -21.14
C3' U5P E . -20.43 -16.74 -18.82
C4' U5P E . -19.55 -17.77 -18.15
O3' U5P E . -19.63 -15.75 -19.47
O4' U5P E . -20.23 -19.02 -18.30
C5' U5P E . -19.30 -17.45 -16.68
O5' U5P E . -18.19 -18.21 -16.18
P U5P E . -17.65 -17.98 -14.70
O2P U5P E . -16.19 -17.63 -14.72
O3P U5P E . -18.39 -16.84 -14.06
#